data_9B7U
#
_entry.id   9B7U
#
_cell.length_a   1.00
_cell.length_b   1.00
_cell.length_c   1.00
_cell.angle_alpha   90.00
_cell.angle_beta   90.00
_cell.angle_gamma   90.00
#
_symmetry.space_group_name_H-M   'P 1'
#
loop_
_entity.id
_entity.type
_entity.pdbx_description
1 polymer 'Capsid protein VP1'
2 polymer 'Fab3-4 heavy chain'
3 polymer 'Fab3-4 light chain'
#
loop_
_entity_poly.entity_id
_entity_poly.type
_entity_poly.pdbx_seq_one_letter_code
_entity_poly.pdbx_strand_id
1 'polypeptide(L)'
;MAADGYLPDWLEDNLSEGIREWWALKPGAPQPKANQQHQDNARGLVLPGYKYLGPGNGLDKGEPVNAADAAALEHDKAYD
QQLKAGDNPYLKYNHADAEFQERLKEDTSFGGNLGRAVFQAKKRLLEPLGLVEEAAKTAPGKKRPVEQSPQEPDSSAGIG
KSGAQPAKKRLNFGQTGDTESVPDPQPIGEPPAAPSGVGSLTMASGGGAPVADNNEGADGVGSSSGNWHCDSQWLGDRVI
TTSTRTWALPTYNNHLYKQISNSTSGGSSNDNAYFGYSTPWGYFDFNRFHCHFSPRDWQRLINNNWGFRPKRLNFKLFNI
QVKEVTDNNGVKTIANNLTSTVQVFTDSDYQLPYVLGSAHEGCLPPFPADVFMIPQYGYLTLNDGSQAVGRSSFYCLEYF
PSQMLRTGNNFQFSYEFENVPFHSSYAHSQSLDRLMNPLIDQYLYYLSKTINGSGQNQQTLKFSVAGPSNMAVQGRNYIP
GPSYRQQRVSTTVTQNNNSEFAWPGASSWALNGRNSLMNPGPAMASHKEGEDRFFPLSGSLIFGKQGTGRDNVDADKVMI
TNEEEIKTTNPVATESYGQVATNHQSAQAQAQTGWVQNQGILPGMVWQDRDVYLQGPIWAKIPHTDGNFHPSPLMGGFGM
KHPPPQILIKNTPVPADPPTAFNKDKLNSFITQYSTGQVSVEIEWELQKENSKRWNPEIQYTSNYYKSNNVEFAVNTEGV
YSEPRPIGTRYLTRNL
;
A,B,C
2 'polypeptide(L)'
;AVESGGGLVKPGGPLRLSCAASGFSLSDNYMTWIRQAPGKGLEWVSYISSSGSFINYADSVKGRFTISRDNAKNSLYLQM
NSLRAEDTAVYYCARVLSSGGLTTSWRALWYFDVWGRGTLVTVS
;
H
3 'polypeptide(L)'
;TVVTQEPSFSVSPGGTVTLTCGLTSGSVSTSYYPSWYQQTPGQTPRTLIYSTNIRSSGVPDRFSGSILGNKAALTITGAQ
ADDECDYYCVLYMGSGIWVFGGGTKLTVL
;
L
#
# COMPACT_ATOMS: atom_id res chain seq x y z
N ASP A 219 -29.63 4.02 49.55
CA ASP A 219 -30.66 3.43 50.40
C ASP A 219 -30.63 4.08 51.79
N GLY A 220 -29.44 4.12 52.39
CA GLY A 220 -29.28 4.75 53.68
C GLY A 220 -27.87 5.24 53.88
N VAL A 221 -27.73 6.22 54.76
CA VAL A 221 -26.41 6.80 55.02
C VAL A 221 -25.62 5.91 55.95
N GLY A 222 -26.28 5.29 56.92
CA GLY A 222 -25.65 4.46 57.92
C GLY A 222 -25.09 3.15 57.44
N SER A 223 -25.26 2.80 56.17
CA SER A 223 -24.79 1.54 55.61
C SER A 223 -24.01 1.78 54.33
N SER A 224 -23.04 0.91 54.07
CA SER A 224 -22.20 1.05 52.88
C SER A 224 -22.93 0.55 51.65
N SER A 225 -22.56 1.09 50.48
CA SER A 225 -23.17 0.73 49.21
C SER A 225 -22.38 -0.33 48.45
N GLY A 226 -21.31 -0.87 49.04
CA GLY A 226 -20.52 -1.88 48.36
C GLY A 226 -19.36 -2.31 49.22
N ASN A 227 -18.48 -3.10 48.63
CA ASN A 227 -17.30 -3.63 49.30
C ASN A 227 -16.04 -3.37 48.47
N TRP A 228 -14.90 -3.77 49.02
CA TRP A 228 -13.60 -3.53 48.42
C TRP A 228 -13.11 -4.82 47.76
N HIS A 229 -12.97 -4.80 46.44
CA HIS A 229 -12.57 -5.99 45.68
C HIS A 229 -11.30 -5.69 44.91
N CYS A 230 -10.19 -6.30 45.32
CA CYS A 230 -8.98 -6.35 44.51
C CYS A 230 -8.38 -7.74 44.62
N ASP A 231 -8.29 -8.44 43.49
CA ASP A 231 -7.70 -9.76 43.39
C ASP A 231 -7.81 -10.21 41.93
N SER A 232 -7.02 -11.22 41.58
CA SER A 232 -7.04 -11.79 40.25
C SER A 232 -7.21 -13.30 40.33
N GLN A 233 -8.34 -13.78 39.83
CA GLN A 233 -8.68 -15.19 39.84
C GLN A 233 -8.20 -15.80 38.53
N TRP A 234 -7.36 -16.83 38.63
CA TRP A 234 -6.83 -17.53 37.48
C TRP A 234 -7.62 -18.82 37.33
N LEU A 235 -8.49 -18.87 36.32
CA LEU A 235 -9.41 -19.98 36.13
C LEU A 235 -9.17 -20.57 34.75
N GLY A 236 -8.59 -21.77 34.70
CA GLY A 236 -8.42 -22.43 33.43
C GLY A 236 -7.66 -21.57 32.45
N ASP A 237 -8.28 -21.30 31.30
CA ASP A 237 -7.73 -20.43 30.27
C ASP A 237 -8.19 -18.99 30.40
N ARG A 238 -8.91 -18.65 31.47
CA ARG A 238 -9.45 -17.31 31.65
C ARG A 238 -8.81 -16.64 32.84
N VAL A 239 -8.83 -15.30 32.83
CA VAL A 239 -8.31 -14.49 33.93
C VAL A 239 -9.33 -13.42 34.27
N ILE A 240 -9.65 -13.29 35.55
CA ILE A 240 -10.56 -12.27 36.03
C ILE A 240 -9.76 -11.29 36.87
N THR A 241 -9.55 -10.10 36.34
CA THR A 241 -8.75 -9.08 37.03
C THR A 241 -9.67 -8.04 37.63
N THR A 242 -9.56 -7.85 38.95
CA THR A 242 -10.40 -6.92 39.67
C THR A 242 -9.53 -5.82 40.24
N SER A 243 -10.00 -4.58 40.12
CA SER A 243 -9.30 -3.43 40.66
C SER A 243 -10.30 -2.49 41.32
N THR A 244 -9.92 -1.94 42.46
CA THR A 244 -10.77 -1.00 43.18
C THR A 244 -9.90 0.14 43.70
N ARG A 245 -10.38 1.37 43.52
CA ARG A 245 -9.64 2.56 43.89
C ARG A 245 -10.53 3.53 44.65
N THR A 246 -9.91 4.52 45.28
CA THR A 246 -10.61 5.63 45.90
C THR A 246 -10.30 6.89 45.09
N TRP A 247 -11.34 7.66 44.78
CA TRP A 247 -11.23 8.77 43.85
C TRP A 247 -11.77 10.05 44.46
N ALA A 248 -11.44 11.17 43.82
CA ALA A 248 -11.90 12.49 44.23
C ALA A 248 -12.27 13.30 43.00
N LEU A 249 -13.46 13.87 43.00
CA LEU A 249 -13.94 14.65 41.86
C LEU A 249 -14.15 16.10 42.27
N PRO A 250 -13.34 17.03 41.79
CA PRO A 250 -13.53 18.45 42.12
C PRO A 250 -14.56 19.08 41.19
N THR A 251 -14.66 20.41 41.28
CA THR A 251 -15.53 21.19 40.41
C THR A 251 -14.70 21.85 39.33
N TYR A 252 -15.06 21.61 38.08
CA TYR A 252 -14.28 22.08 36.95
C TYR A 252 -14.97 23.25 36.25
N ASN A 253 -14.18 24.27 35.92
CA ASN A 253 -14.62 25.45 35.20
C ASN A 253 -15.74 26.20 35.94
N ASN A 254 -15.84 26.00 37.25
CA ASN A 254 -16.91 26.59 38.05
C ASN A 254 -18.27 26.32 37.41
N HIS A 255 -18.46 25.09 36.94
CA HIS A 255 -19.68 24.64 36.27
C HIS A 255 -19.98 25.46 35.01
N LEU A 256 -19.05 25.54 34.08
CA LEU A 256 -19.23 26.29 32.84
C LEU A 256 -18.64 25.54 31.66
N TYR A 257 -19.23 25.77 30.49
CA TYR A 257 -18.61 25.33 29.24
C TYR A 257 -17.85 26.48 28.62
N LYS A 258 -16.53 26.36 28.59
CA LYS A 258 -15.70 27.46 28.13
C LYS A 258 -15.00 27.09 26.83
N GLN A 259 -15.38 27.78 25.75
CA GLN A 259 -14.66 27.68 24.48
C GLN A 259 -13.17 27.93 24.67
N ILE A 260 -12.35 27.07 24.05
CA ILE A 260 -10.91 27.20 24.12
C ILE A 260 -10.30 26.96 22.75
N SER A 261 -9.35 27.80 22.39
CA SER A 261 -8.60 27.67 21.14
C SER A 261 -7.14 28.04 21.43
N ASN A 262 -6.31 27.98 20.41
CA ASN A 262 -4.88 28.24 20.63
C ASN A 262 -4.65 29.67 21.08
N SER A 263 -5.44 30.61 20.56
CA SER A 263 -5.25 32.02 20.88
C SER A 263 -5.59 32.32 22.33
N THR A 264 -6.70 31.74 22.82
CA THR A 264 -7.05 31.90 24.23
C THR A 264 -5.94 31.37 25.12
N SER A 265 -5.31 30.25 24.74
CA SER A 265 -4.13 29.79 25.45
C SER A 265 -2.88 30.55 25.03
N GLY A 266 -2.89 31.10 23.81
CA GLY A 266 -1.77 31.84 23.29
C GLY A 266 -0.86 31.07 22.36
N GLY A 267 -1.28 29.93 21.84
CA GLY A 267 -0.43 29.15 20.95
C GLY A 267 -0.18 29.87 19.63
N SER A 268 1.08 30.12 19.32
CA SER A 268 1.44 30.79 18.08
C SER A 268 1.51 29.85 16.89
N SER A 269 2.06 28.65 17.08
CA SER A 269 2.37 27.77 15.96
C SER A 269 1.13 27.43 15.15
N ASN A 270 1.30 27.39 13.83
CA ASN A 270 0.21 26.98 12.96
C ASN A 270 -0.10 25.51 13.08
N ASP A 271 0.90 24.69 13.37
CA ASP A 271 0.69 23.25 13.47
C ASP A 271 -0.09 22.89 14.72
N ASN A 272 -0.03 23.75 15.73
CA ASN A 272 -0.66 23.51 17.02
C ASN A 272 -2.03 24.17 17.15
N ALA A 273 -2.53 24.78 16.08
CA ALA A 273 -3.84 25.41 16.13
C ALA A 273 -4.91 24.40 16.49
N TYR A 274 -5.71 24.72 17.51
CA TYR A 274 -6.75 23.81 17.94
C TYR A 274 -7.99 24.63 18.29
N PHE A 275 -9.13 23.95 18.34
CA PHE A 275 -10.37 24.55 18.77
C PHE A 275 -11.20 23.48 19.47
N GLY A 276 -11.90 23.87 20.53
CA GLY A 276 -12.69 22.90 21.26
C GLY A 276 -13.27 23.51 22.51
N TYR A 277 -13.92 22.67 23.31
CA TYR A 277 -14.63 23.13 24.48
C TYR A 277 -14.21 22.35 25.71
N SER A 278 -14.11 23.05 26.83
CA SER A 278 -13.86 22.43 28.11
C SER A 278 -15.17 22.32 28.89
N THR A 279 -15.42 21.14 29.42
CA THR A 279 -16.67 20.80 30.07
C THR A 279 -16.44 20.53 31.54
N PRO A 280 -17.46 20.73 32.38
CA PRO A 280 -17.32 20.40 33.80
C PRO A 280 -17.22 18.90 34.08
N TRP A 281 -17.69 18.06 33.17
CA TRP A 281 -17.74 16.63 33.41
C TRP A 281 -16.33 16.04 33.52
N GLY A 282 -16.20 15.02 34.36
CA GLY A 282 -15.00 14.19 34.40
C GLY A 282 -15.25 12.84 33.74
N TYR A 283 -14.16 12.12 33.53
CA TYR A 283 -14.27 10.81 32.90
C TYR A 283 -13.28 9.85 33.56
N PHE A 284 -13.77 8.64 33.83
CA PHE A 284 -12.94 7.56 34.36
C PHE A 284 -12.12 6.94 33.25
N ASP A 285 -10.83 6.73 33.50
CA ASP A 285 -9.95 6.10 32.53
C ASP A 285 -9.23 4.95 33.21
N PHE A 286 -9.62 3.72 32.87
CA PHE A 286 -8.89 2.50 33.23
C PHE A 286 -8.11 1.91 32.06
N ASN A 287 -8.01 2.63 30.95
CA ASN A 287 -7.47 2.15 29.67
C ASN A 287 -6.04 1.61 29.75
N ARG A 288 -5.31 1.78 30.86
CA ARG A 288 -3.93 1.32 30.92
C ARG A 288 -3.83 0.00 31.68
N PHE A 289 -2.89 -0.83 31.25
CA PHE A 289 -2.78 -2.20 31.77
C PHE A 289 -2.52 -2.25 33.27
N HIS A 290 -1.57 -1.47 33.79
CA HIS A 290 -1.22 -1.63 35.19
C HIS A 290 -2.37 -1.29 36.14
N CYS A 291 -3.46 -0.74 35.61
CA CYS A 291 -4.66 -0.58 36.42
C CYS A 291 -5.23 -1.93 36.83
N HIS A 292 -5.29 -2.87 35.89
CA HIS A 292 -5.94 -4.16 36.12
C HIS A 292 -5.01 -5.26 36.58
N PHE A 293 -3.69 -5.05 36.52
CA PHE A 293 -2.74 -6.12 36.77
C PHE A 293 -1.72 -5.69 37.81
N SER A 294 -1.33 -6.62 38.67
CA SER A 294 -0.17 -6.45 39.50
C SER A 294 1.06 -7.00 38.77
N PRO A 295 2.25 -6.51 39.11
CA PRO A 295 3.46 -7.04 38.47
C PRO A 295 3.55 -8.56 38.51
N ARG A 296 3.22 -9.18 39.65
CA ARG A 296 3.25 -10.63 39.73
C ARG A 296 2.20 -11.24 38.83
N ASP A 297 1.01 -10.64 38.76
CA ASP A 297 0.01 -11.10 37.81
C ASP A 297 0.45 -10.87 36.38
N TRP A 298 1.33 -9.88 36.17
CA TRP A 298 1.87 -9.67 34.84
C TRP A 298 2.93 -10.71 34.53
N GLN A 299 3.84 -10.95 35.47
CA GLN A 299 4.86 -11.98 35.28
C GLN A 299 4.22 -13.35 35.09
N ARG A 300 3.14 -13.61 35.82
CA ARG A 300 2.45 -14.89 35.66
C ARG A 300 1.75 -14.97 34.31
N LEU A 301 1.37 -13.83 33.75
CA LEU A 301 0.68 -13.82 32.46
C LEU A 301 1.65 -14.00 31.30
N ILE A 302 2.72 -13.21 31.28
CA ILE A 302 3.54 -13.13 30.08
C ILE A 302 4.51 -14.30 29.95
N ASN A 303 4.82 -15.00 31.03
CA ASN A 303 5.73 -16.12 30.93
C ASN A 303 5.06 -17.40 30.44
N ASN A 304 3.82 -17.64 30.84
CA ASN A 304 3.17 -18.91 30.55
C ASN A 304 2.19 -18.86 29.37
N ASN A 305 1.99 -17.72 28.74
CA ASN A 305 0.88 -17.56 27.80
C ASN A 305 1.31 -16.97 26.48
N TRP A 306 0.69 -17.45 25.40
CA TRP A 306 0.96 -16.96 24.05
C TRP A 306 -0.04 -15.91 23.57
N GLY A 307 -0.97 -15.49 24.40
CA GLY A 307 -1.92 -14.48 23.94
C GLY A 307 -3.13 -14.30 24.83
N PHE A 308 -3.55 -13.05 25.01
CA PHE A 308 -4.69 -12.75 25.85
C PHE A 308 -5.55 -11.64 25.27
N ARG A 309 -6.86 -11.74 25.46
CA ARG A 309 -7.78 -10.70 24.98
C ARG A 309 -8.87 -10.49 26.02
N PRO A 310 -9.45 -9.29 26.05
CA PRO A 310 -10.50 -8.98 27.03
C PRO A 310 -11.86 -9.46 26.57
N LYS A 311 -12.54 -10.25 27.40
CA LYS A 311 -13.86 -10.77 27.04
C LYS A 311 -15.04 -9.98 27.58
N ARG A 312 -15.01 -9.62 28.86
CA ARG A 312 -16.09 -8.87 29.47
C ARG A 312 -15.62 -7.82 30.45
N LEU A 313 -16.37 -6.75 30.57
CA LEU A 313 -16.02 -5.68 31.49
C LEU A 313 -17.16 -5.35 32.45
N ASN A 314 -16.87 -5.31 33.75
CA ASN A 314 -17.87 -4.97 34.74
C ASN A 314 -17.44 -3.72 35.49
N PHE A 315 -18.30 -2.73 35.55
CA PHE A 315 -17.96 -1.49 36.23
C PHE A 315 -18.95 -1.15 37.34
N LYS A 316 -18.44 -0.94 38.55
CA LYS A 316 -19.29 -0.58 39.68
C LYS A 316 -18.81 0.66 40.41
N LEU A 317 -19.72 1.59 40.66
CA LEU A 317 -19.37 2.81 41.38
C LEU A 317 -20.19 2.81 42.66
N PHE A 318 -19.53 2.99 43.79
CA PHE A 318 -20.22 2.97 45.07
C PHE A 318 -19.68 3.93 46.11
N ASN A 319 -20.42 4.06 47.21
CA ASN A 319 -20.08 4.92 48.35
C ASN A 319 -19.86 6.38 47.98
N ILE A 320 -20.73 6.90 47.13
CA ILE A 320 -20.60 8.29 46.72
C ILE A 320 -20.75 9.17 47.95
N GLN A 321 -19.83 10.12 48.12
CA GLN A 321 -19.86 11.05 49.24
C GLN A 321 -19.69 12.45 48.68
N VAL A 322 -20.46 13.41 49.19
CA VAL A 322 -20.36 14.78 48.73
C VAL A 322 -19.90 15.67 49.87
N LYS A 323 -18.90 16.49 49.60
CA LYS A 323 -18.36 17.39 50.61
C LYS A 323 -18.51 18.84 50.20
N GLU A 324 -18.96 19.67 51.12
CA GLU A 324 -19.13 21.09 50.86
C GLU A 324 -18.06 21.77 51.69
N VAL A 325 -17.34 22.72 51.10
CA VAL A 325 -16.30 23.40 51.84
C VAL A 325 -16.72 24.80 52.24
N THR A 326 -16.59 25.10 53.52
CA THR A 326 -16.95 26.41 54.04
C THR A 326 -15.67 27.17 54.31
N ASP A 327 -15.56 28.36 53.73
CA ASP A 327 -14.35 29.15 53.86
C ASP A 327 -14.49 30.45 54.64
N ASN A 328 -13.58 30.63 55.58
CA ASN A 328 -13.51 31.81 56.43
C ASN A 328 -12.08 32.32 56.38
N ASN A 329 -11.88 33.58 56.75
CA ASN A 329 -10.54 34.15 56.69
C ASN A 329 -9.58 33.37 57.57
N GLY A 330 -10.00 33.03 58.78
CA GLY A 330 -9.15 32.27 59.67
C GLY A 330 -8.84 30.85 59.23
N VAL A 331 -9.88 30.12 58.78
CA VAL A 331 -9.71 28.73 58.36
C VAL A 331 -10.86 28.23 57.48
N LYS A 332 -10.65 27.11 56.80
CA LYS A 332 -11.66 26.50 55.94
C LYS A 332 -12.08 25.13 56.49
N THR A 333 -13.38 24.92 56.62
CA THR A 333 -13.92 23.66 57.15
C THR A 333 -14.79 22.94 56.12
N ILE A 334 -14.56 21.64 55.96
CA ILE A 334 -15.32 20.85 55.00
C ILE A 334 -16.41 20.05 55.71
N ALA A 335 -17.65 20.23 55.25
CA ALA A 335 -18.80 19.55 55.85
C ALA A 335 -19.53 18.72 54.80
N ASN A 336 -19.89 17.49 55.14
CA ASN A 336 -20.60 16.64 54.20
C ASN A 336 -21.95 17.23 53.85
N ASN A 337 -22.33 17.16 52.57
CA ASN A 337 -23.63 17.67 52.15
C ASN A 337 -24.50 16.52 51.67
N LEU A 338 -25.55 16.23 52.42
CA LEU A 338 -26.47 15.15 52.09
C LEU A 338 -27.31 15.35 50.83
N THR A 339 -27.80 16.56 50.62
CA THR A 339 -28.65 16.89 49.47
C THR A 339 -28.00 16.79 48.08
N SER A 340 -26.76 17.22 47.96
CA SER A 340 -26.07 17.21 46.67
C SER A 340 -25.92 15.82 46.07
N THR A 341 -26.04 15.74 44.76
CA THR A 341 -25.95 14.48 44.03
C THR A 341 -24.94 14.54 42.90
N VAL A 342 -24.43 13.38 42.52
CA VAL A 342 -23.45 13.26 41.47
C VAL A 342 -24.12 12.66 40.24
N GLN A 343 -23.92 13.28 39.09
CA GLN A 343 -24.53 12.79 37.86
C GLN A 343 -23.52 11.98 37.07
N VAL A 344 -23.85 10.72 36.81
CA VAL A 344 -22.97 9.85 36.05
C VAL A 344 -23.72 9.19 34.90
N PHE A 345 -23.15 9.24 33.70
CA PHE A 345 -23.77 8.60 32.55
C PHE A 345 -22.68 8.05 31.63
N THR A 346 -23.01 7.00 30.89
CA THR A 346 -22.06 6.39 29.98
C THR A 346 -22.57 6.54 28.56
N ASP A 347 -21.68 6.90 27.64
CA ASP A 347 -22.08 7.09 26.26
C ASP A 347 -22.12 5.78 25.51
N SER A 348 -23.18 5.02 25.73
CA SER A 348 -23.40 3.72 25.11
C SER A 348 -23.53 3.74 23.60
N ASP A 349 -24.16 4.77 23.06
CA ASP A 349 -24.34 4.88 21.61
C ASP A 349 -23.17 5.54 20.88
N TYR A 350 -22.15 5.94 21.64
CA TYR A 350 -20.93 6.57 21.13
C TYR A 350 -21.17 7.88 20.39
N GLN A 351 -22.19 8.63 20.81
CA GLN A 351 -22.50 9.92 20.20
C GLN A 351 -21.41 10.95 20.44
N LEU A 352 -20.87 10.99 21.65
CA LEU A 352 -19.81 11.92 22.04
C LEU A 352 -18.46 11.55 21.45
N PRO A 353 -17.57 12.54 21.33
CA PRO A 353 -16.22 12.34 20.81
C PRO A 353 -15.47 11.42 21.75
N TYR A 354 -14.64 10.53 21.24
CA TYR A 354 -13.92 9.59 22.08
C TYR A 354 -12.49 10.03 22.33
N VAL A 355 -12.15 10.30 23.58
CA VAL A 355 -10.81 10.74 23.94
C VAL A 355 -9.99 9.76 24.76
N LEU A 356 -10.56 8.62 25.09
CA LEU A 356 -9.86 7.60 25.87
C LEU A 356 -8.65 7.03 25.14
N GLY A 357 -8.77 6.89 23.83
CA GLY A 357 -7.75 6.32 22.97
C GLY A 357 -6.43 7.07 22.80
N SER A 358 -6.39 8.33 23.22
CA SER A 358 -5.20 9.17 23.04
C SER A 358 -4.05 8.98 24.03
N ALA A 359 -4.18 7.99 24.93
CA ALA A 359 -3.19 7.64 25.96
C ALA A 359 -2.89 8.79 26.89
N HIS A 360 -3.94 9.50 27.24
CA HIS A 360 -3.88 10.64 28.13
C HIS A 360 -3.66 10.28 29.59
N GLU A 361 -3.18 11.26 30.33
CA GLU A 361 -2.91 11.17 31.76
C GLU A 361 -4.24 11.16 32.52
N GLY A 362 -4.22 10.71 33.77
CA GLY A 362 -5.45 10.66 34.54
C GLY A 362 -6.10 9.31 34.63
N CYS A 363 -5.40 8.29 34.15
CA CYS A 363 -5.88 6.91 34.23
C CYS A 363 -5.69 6.40 35.66
N LEU A 364 -6.39 5.33 36.03
CA LEU A 364 -6.30 4.82 37.39
C LEU A 364 -4.87 4.45 37.76
N PRO A 365 -4.49 4.75 39.01
CA PRO A 365 -3.16 4.57 39.59
C PRO A 365 -2.75 3.12 39.71
N PRO A 366 -1.46 2.85 39.54
CA PRO A 366 -0.86 1.51 39.62
C PRO A 366 -1.04 0.91 41.00
N PHE A 367 -0.90 1.73 42.03
CA PHE A 367 -1.02 1.26 43.40
C PHE A 367 -2.40 1.56 43.96
N PRO A 368 -3.04 0.54 44.56
CA PRO A 368 -4.39 0.62 45.13
C PRO A 368 -4.47 1.64 46.26
N ALA A 369 -3.42 1.73 47.08
CA ALA A 369 -3.40 2.65 48.20
C ALA A 369 -3.54 4.11 47.76
N ASP A 370 -2.91 4.47 46.66
CA ASP A 370 -2.96 5.84 46.16
C ASP A 370 -4.39 6.24 45.81
N VAL A 371 -4.72 7.49 46.07
CA VAL A 371 -6.03 8.04 45.76
C VAL A 371 -5.81 8.96 44.58
N PHE A 372 -6.63 8.83 43.55
CA PHE A 372 -6.45 9.64 42.35
C PHE A 372 -7.61 10.58 42.09
N MET A 373 -7.31 11.66 41.39
CA MET A 373 -8.30 12.66 41.05
C MET A 373 -8.76 12.47 39.62
N ILE A 374 -10.07 12.36 39.42
CA ILE A 374 -10.62 12.17 38.09
C ILE A 374 -10.29 13.38 37.22
N PRO A 375 -9.78 13.13 36.01
CA PRO A 375 -9.40 14.18 35.05
C PRO A 375 -10.60 14.86 34.40
N GLN A 376 -10.42 16.12 34.02
CA GLN A 376 -11.47 16.90 33.36
C GLN A 376 -11.68 16.38 31.95
N TYR A 377 -12.88 16.51 31.42
CA TYR A 377 -13.16 16.01 30.07
C TYR A 377 -13.44 17.11 29.06
N GLY A 378 -12.62 17.17 28.01
CA GLY A 378 -12.76 18.16 26.96
C GLY A 378 -12.42 17.58 25.61
N TYR A 379 -12.97 18.15 24.54
CA TYR A 379 -12.71 17.66 23.19
C TYR A 379 -12.44 18.77 22.21
N LEU A 380 -11.71 18.48 21.13
CA LEU A 380 -11.42 19.48 20.14
C LEU A 380 -12.10 19.15 18.82
N THR A 381 -12.88 20.09 18.32
CA THR A 381 -13.59 19.94 17.05
C THR A 381 -12.81 20.55 15.88
N LEU A 382 -13.49 20.74 14.75
CA LEU A 382 -12.89 21.31 13.54
C LEU A 382 -12.42 22.72 13.75
N ASN A 383 -11.29 23.09 13.17
CA ASN A 383 -10.82 24.46 13.29
C ASN A 383 -9.95 24.93 12.14
N ASP A 384 -9.99 26.23 11.88
CA ASP A 384 -9.16 26.82 10.84
C ASP A 384 -8.33 27.87 11.55
N GLY A 385 -7.05 27.58 11.75
CA GLY A 385 -6.20 28.49 12.49
C GLY A 385 -6.78 28.63 13.89
N SER A 386 -6.81 29.84 14.42
CA SER A 386 -7.40 30.04 15.73
C SER A 386 -8.92 29.83 15.75
N GLN A 387 -9.58 30.33 14.72
CA GLN A 387 -11.04 30.29 14.58
C GLN A 387 -11.72 28.97 14.24
N ALA A 388 -12.96 28.82 14.71
CA ALA A 388 -13.78 27.66 14.43
C ALA A 388 -14.44 27.80 13.07
N VAL A 389 -15.04 26.73 12.57
CA VAL A 389 -15.70 26.76 11.26
C VAL A 389 -17.14 26.28 11.38
N GLY A 390 -17.93 26.50 10.33
CA GLY A 390 -19.33 26.15 10.33
C GLY A 390 -19.61 24.69 10.55
N ARG A 391 -18.77 23.82 10.00
CA ARG A 391 -18.93 22.38 10.18
C ARG A 391 -18.76 21.87 11.62
N SER A 392 -18.00 22.59 12.43
CA SER A 392 -17.76 22.18 13.81
C SER A 392 -19.06 22.10 14.58
N SER A 393 -19.18 21.08 15.42
CA SER A 393 -20.38 20.88 16.21
C SER A 393 -20.07 20.96 17.70
N PHE A 394 -20.87 21.70 18.44
CA PHE A 394 -20.69 21.86 19.87
C PHE A 394 -21.56 20.84 20.57
N TYR A 395 -20.97 20.04 21.44
CA TYR A 395 -21.71 18.99 22.14
C TYR A 395 -21.95 19.29 23.59
N CYS A 396 -23.20 19.14 24.02
CA CYS A 396 -23.54 19.40 25.40
C CYS A 396 -23.82 18.10 26.13
N LEU A 397 -23.07 17.89 27.21
CA LEU A 397 -23.20 16.70 28.04
C LEU A 397 -24.56 16.60 28.70
N GLU A 398 -25.10 17.74 29.09
CA GLU A 398 -26.38 17.82 29.78
C GLU A 398 -27.53 17.22 28.99
N TYR A 399 -27.52 17.40 27.67
CA TYR A 399 -28.62 16.90 26.85
C TYR A 399 -28.80 15.38 26.94
N PHE A 400 -27.71 14.62 27.00
CA PHE A 400 -27.84 13.17 27.12
C PHE A 400 -28.42 12.80 28.47
N PRO A 401 -29.29 11.78 28.51
CA PRO A 401 -29.90 11.35 29.77
C PRO A 401 -28.85 10.84 30.73
N SER A 402 -28.97 11.20 32.00
CA SER A 402 -28.01 10.80 33.02
C SER A 402 -28.69 10.44 34.33
N GLN A 403 -27.99 9.67 35.16
CA GLN A 403 -28.51 9.23 36.45
C GLN A 403 -27.89 10.02 37.59
N MET A 404 -28.73 10.51 38.50
CA MET A 404 -28.25 11.29 39.64
C MET A 404 -28.24 10.44 40.90
N LEU A 405 -27.11 10.42 41.57
CA LEU A 405 -26.94 9.61 42.77
C LEU A 405 -26.69 10.37 44.07
N ARG A 406 -27.44 10.00 45.10
CA ARG A 406 -27.25 10.56 46.44
C ARG A 406 -26.22 9.70 47.18
N THR A 407 -25.89 10.04 48.41
CA THR A 407 -24.85 9.28 49.12
C THR A 407 -25.17 7.79 49.26
N GLY A 408 -26.43 7.47 49.54
CA GLY A 408 -26.83 6.09 49.64
C GLY A 408 -26.69 5.33 48.32
N ASN A 409 -27.04 6.02 47.24
CA ASN A 409 -27.01 5.46 45.88
C ASN A 409 -25.66 5.05 45.28
N ASN A 410 -25.69 3.98 44.50
CA ASN A 410 -24.52 3.47 43.81
C ASN A 410 -24.89 3.15 42.36
N PHE A 411 -23.93 3.28 41.44
CA PHE A 411 -24.19 3.02 40.03
C PHE A 411 -23.26 1.95 39.44
N GLN A 412 -23.83 0.94 38.79
CA GLN A 412 -23.03 -0.12 38.18
C GLN A 412 -23.57 -0.59 36.83
N PHE A 413 -22.68 -0.92 35.91
CA PHE A 413 -23.09 -1.40 34.59
C PHE A 413 -22.12 -2.45 34.04
N SER A 414 -22.63 -3.33 33.16
CA SER A 414 -21.80 -4.37 32.56
C SER A 414 -21.74 -4.25 31.05
N TYR A 415 -20.53 -4.32 30.51
CA TYR A 415 -20.31 -4.18 29.08
C TYR A 415 -19.54 -5.38 28.49
N GLU A 416 -20.00 -5.88 27.36
CA GLU A 416 -19.38 -7.01 26.68
C GLU A 416 -18.49 -6.53 25.53
N PHE A 417 -17.22 -6.93 25.56
CA PHE A 417 -16.25 -6.54 24.53
C PHE A 417 -16.55 -7.16 23.17
N GLU A 418 -16.28 -6.42 22.11
CA GLU A 418 -16.47 -6.94 20.76
C GLU A 418 -15.35 -7.93 20.46
N ASN A 419 -15.59 -8.87 19.56
CA ASN A 419 -14.57 -9.86 19.26
C ASN A 419 -13.34 -9.20 18.65
N VAL A 420 -12.16 -9.59 19.14
CA VAL A 420 -10.90 -9.06 18.65
C VAL A 420 -9.86 -10.16 18.59
N PRO A 421 -8.87 -10.00 17.71
CA PRO A 421 -7.81 -11.00 17.53
C PRO A 421 -6.95 -11.09 18.78
N PHE A 422 -6.47 -12.28 19.10
CA PHE A 422 -5.63 -12.45 20.28
C PHE A 422 -4.37 -11.62 20.10
N HIS A 423 -3.96 -10.93 21.14
CA HIS A 423 -2.75 -10.16 21.04
C HIS A 423 -1.64 -11.17 20.97
N SER A 424 -0.66 -10.94 20.10
CA SER A 424 0.44 -11.88 19.98
C SER A 424 1.46 -11.53 21.03
N SER A 425 1.82 -12.50 21.86
CA SER A 425 2.79 -12.25 22.90
C SER A 425 3.84 -13.33 22.87
N TYR A 426 4.62 -13.35 21.80
CA TYR A 426 5.68 -14.32 21.62
C TYR A 426 6.68 -13.75 20.66
N ALA A 427 7.91 -14.26 20.71
CA ALA A 427 8.93 -13.79 19.81
C ALA A 427 9.26 -14.92 18.87
N HIS A 428 9.20 -14.66 17.57
CA HIS A 428 9.49 -15.71 16.61
C HIS A 428 10.92 -16.14 16.77
N SER A 429 11.17 -17.43 16.73
CA SER A 429 12.52 -17.95 16.84
C SER A 429 13.17 -18.09 15.48
N GLN A 430 12.39 -17.89 14.42
CA GLN A 430 12.91 -18.01 13.07
C GLN A 430 12.73 -16.74 12.27
N SER A 431 13.80 -16.27 11.63
CA SER A 431 13.73 -15.07 10.82
C SER A 431 13.01 -15.42 9.54
N LEU A 432 12.32 -14.44 8.95
CA LEU A 432 11.56 -14.65 7.73
C LEU A 432 12.43 -15.18 6.60
N ASP A 433 13.68 -14.76 6.55
CA ASP A 433 14.57 -15.11 5.45
C ASP A 433 15.23 -16.48 5.60
N ARG A 434 15.32 -17.01 6.81
CA ARG A 434 16.00 -18.28 7.08
C ARG A 434 15.09 -19.49 7.16
N LEU A 435 13.81 -19.35 6.79
CA LEU A 435 12.88 -20.49 6.89
C LEU A 435 13.32 -21.71 6.09
N MET A 436 14.34 -21.59 5.25
CA MET A 436 14.77 -22.66 4.36
C MET A 436 15.33 -23.85 5.12
N ASN A 437 15.38 -24.99 4.43
CA ASN A 437 16.08 -26.17 4.93
C ASN A 437 17.57 -26.04 4.63
N PRO A 438 18.43 -26.02 5.64
CA PRO A 438 19.86 -25.78 5.40
C PRO A 438 20.59 -26.90 4.69
N LEU A 439 20.01 -28.09 4.56
CA LEU A 439 20.76 -29.21 4.02
C LEU A 439 20.53 -29.48 2.54
N ILE A 440 19.61 -28.78 1.88
CA ILE A 440 19.16 -29.19 0.56
C ILE A 440 19.20 -28.00 -0.39
N ASP A 441 19.53 -28.28 -1.64
CA ASP A 441 19.48 -27.27 -2.69
C ASP A 441 18.06 -27.13 -3.22
N GLN A 442 17.66 -25.90 -3.50
CA GLN A 442 16.42 -25.71 -4.23
C GLN A 442 16.60 -26.15 -5.68
N TYR A 443 15.48 -26.40 -6.35
CA TYR A 443 15.50 -26.69 -7.77
C TYR A 443 15.39 -25.43 -8.62
N LEU A 444 15.19 -24.27 -8.00
CA LEU A 444 15.17 -23.02 -8.73
C LEU A 444 16.59 -22.52 -8.96
N TYR A 445 16.76 -21.70 -10.00
CA TYR A 445 18.03 -21.12 -10.38
C TYR A 445 18.00 -19.60 -10.26
N TYR A 446 19.18 -19.01 -10.13
CA TYR A 446 19.35 -17.57 -10.07
C TYR A 446 20.50 -17.19 -10.99
N LEU A 447 20.66 -15.88 -11.21
CA LEU A 447 21.65 -15.40 -12.17
C LEU A 447 22.96 -15.13 -11.43
N SER A 448 23.96 -15.98 -11.67
CA SER A 448 25.23 -15.92 -10.96
C SER A 448 26.23 -14.93 -11.55
N LYS A 449 26.41 -14.91 -12.87
CA LYS A 449 27.47 -14.12 -13.49
C LYS A 449 26.95 -13.45 -14.74
N THR A 450 27.19 -12.14 -14.86
CA THR A 450 26.86 -11.44 -16.09
C THR A 450 28.04 -11.20 -17.02
N ILE A 451 29.26 -11.56 -16.61
CA ILE A 451 30.43 -11.49 -17.49
C ILE A 451 31.35 -12.65 -17.17
N ASN A 452 32.20 -13.01 -18.13
CA ASN A 452 33.20 -14.04 -17.90
C ASN A 452 34.38 -13.52 -17.10
N GLY A 453 34.91 -12.37 -17.48
CA GLY A 453 36.06 -11.83 -16.79
C GLY A 453 36.30 -10.38 -17.18
N SER A 454 37.47 -9.88 -16.81
CA SER A 454 37.82 -8.50 -17.08
C SER A 454 38.33 -8.35 -18.50
N GLY A 455 37.69 -7.49 -19.26
CA GLY A 455 38.08 -7.22 -20.63
C GLY A 455 36.96 -6.54 -21.38
N GLN A 456 37.01 -6.65 -22.70
CA GLN A 456 36.01 -6.08 -23.58
C GLN A 456 35.09 -7.17 -24.12
N ASN A 457 33.81 -6.84 -24.25
CA ASN A 457 32.83 -7.72 -24.89
C ASN A 457 32.73 -9.06 -24.16
N GLN A 458 32.71 -9.00 -22.83
CA GLN A 458 32.65 -10.20 -22.01
C GLN A 458 31.24 -10.59 -21.60
N GLN A 459 30.22 -9.91 -22.12
CA GLN A 459 28.85 -10.15 -21.69
C GLN A 459 28.48 -11.63 -21.85
N THR A 460 27.94 -12.22 -20.79
CA THR A 460 27.50 -13.59 -20.82
C THR A 460 26.48 -13.78 -19.70
N LEU A 461 25.75 -14.89 -19.78
CA LEU A 461 24.78 -15.24 -18.75
C LEU A 461 25.18 -16.59 -18.15
N LYS A 462 25.10 -16.69 -16.83
CA LYS A 462 25.36 -17.91 -16.11
C LYS A 462 24.33 -18.07 -15.00
N PHE A 463 23.76 -19.26 -14.90
CA PHE A 463 22.78 -19.56 -13.87
C PHE A 463 23.35 -20.61 -12.95
N SER A 464 22.91 -20.62 -11.70
CA SER A 464 23.40 -21.55 -10.71
C SER A 464 22.27 -21.95 -9.77
N VAL A 465 22.47 -23.05 -9.06
CA VAL A 465 21.45 -23.53 -8.14
C VAL A 465 21.49 -22.71 -6.86
N ALA A 466 20.32 -22.27 -6.42
CA ALA A 466 20.22 -21.61 -5.13
C ALA A 466 20.31 -22.67 -4.04
N GLY A 467 21.30 -22.52 -3.16
CA GLY A 467 21.58 -23.55 -2.19
C GLY A 467 22.15 -23.01 -0.91
N PRO A 468 22.28 -23.87 0.10
CA PRO A 468 22.75 -23.42 1.42
C PRO A 468 24.09 -22.71 1.39
N SER A 469 24.93 -22.97 0.38
CA SER A 469 26.19 -22.26 0.30
C SER A 469 25.96 -20.75 0.22
N ASN A 470 25.03 -20.30 -0.62
CA ASN A 470 24.62 -18.91 -0.67
C ASN A 470 23.12 -18.86 -0.39
N MET A 471 22.75 -18.38 0.79
CA MET A 471 21.35 -18.40 1.21
C MET A 471 20.63 -17.09 0.94
N ALA A 472 21.30 -16.08 0.40
CA ALA A 472 20.64 -14.81 0.16
C ALA A 472 19.75 -14.85 -1.07
N VAL A 473 20.13 -15.61 -2.10
CA VAL A 473 19.49 -15.52 -3.40
C VAL A 473 18.39 -16.54 -3.61
N GLN A 474 18.06 -17.34 -2.59
CA GLN A 474 17.01 -18.33 -2.78
C GLN A 474 15.65 -17.68 -2.95
N GLY A 475 14.72 -18.42 -3.54
CA GLY A 475 13.36 -17.92 -3.67
C GLY A 475 12.61 -18.04 -2.35
N ARG A 476 11.78 -17.04 -2.07
CA ARG A 476 11.03 -16.98 -0.83
C ARG A 476 9.58 -16.64 -1.09
N ASN A 477 8.69 -17.23 -0.30
CA ASN A 477 7.26 -17.05 -0.48
C ASN A 477 6.69 -15.86 0.27
N TYR A 478 7.47 -15.22 1.13
CA TYR A 478 6.95 -14.09 1.89
C TYR A 478 8.05 -13.07 2.11
N ILE A 479 7.65 -11.81 2.23
CA ILE A 479 8.57 -10.68 2.35
C ILE A 479 8.17 -9.90 3.59
N PRO A 480 9.11 -9.21 4.23
CA PRO A 480 8.80 -8.56 5.50
C PRO A 480 7.84 -7.39 5.32
N GLY A 481 7.28 -6.96 6.44
CA GLY A 481 6.24 -5.96 6.44
C GLY A 481 6.71 -4.58 6.03
N PRO A 482 5.80 -3.62 6.04
CA PRO A 482 6.12 -2.28 5.55
C PRO A 482 6.99 -1.51 6.52
N SER A 483 7.61 -0.45 6.00
CA SER A 483 8.43 0.43 6.82
C SER A 483 8.27 1.86 6.34
N TYR A 484 8.30 2.79 7.30
CA TYR A 484 8.32 4.23 7.04
C TYR A 484 9.47 4.77 7.88
N ARG A 485 10.57 5.18 7.27
CA ARG A 485 11.82 5.25 8.02
C ARG A 485 11.77 6.37 9.06
N GLN A 486 12.40 6.12 10.20
CA GLN A 486 12.63 7.10 11.25
C GLN A 486 14.10 7.46 11.29
N GLN A 487 14.40 8.68 11.73
CA GLN A 487 15.78 9.07 11.96
C GLN A 487 16.36 8.30 13.15
N ARG A 488 17.67 8.05 13.10
CA ARG A 488 18.33 7.25 14.12
C ARG A 488 19.09 8.15 15.09
N VAL A 489 18.80 8.02 16.38
CA VAL A 489 19.41 8.83 17.42
C VAL A 489 20.15 7.92 18.39
N SER A 490 21.36 8.31 18.76
CA SER A 490 22.18 7.54 19.68
C SER A 490 22.11 8.12 21.09
N THR A 491 21.94 7.23 22.06
CA THR A 491 21.93 7.66 23.46
C THR A 491 23.29 8.11 23.95
N THR A 492 24.36 7.84 23.20
CA THR A 492 25.68 8.37 23.51
C THR A 492 25.83 9.66 22.72
N VAL A 493 25.89 10.79 23.44
CA VAL A 493 25.64 12.07 22.79
C VAL A 493 26.75 12.46 21.82
N THR A 494 27.98 11.98 22.02
CA THR A 494 29.07 12.42 21.16
C THR A 494 28.94 11.86 19.75
N GLN A 495 28.13 10.82 19.57
CA GLN A 495 27.92 10.25 18.25
C GLN A 495 26.95 11.07 17.40
N ASN A 496 25.88 11.57 18.02
CA ASN A 496 24.88 12.37 17.31
C ASN A 496 25.45 13.67 16.78
N ASN A 497 24.87 14.16 15.69
CA ASN A 497 25.32 15.39 15.06
C ASN A 497 25.15 16.60 15.97
N ASN A 498 26.09 17.53 15.89
CA ASN A 498 26.05 18.75 16.71
C ASN A 498 25.18 19.82 16.05
N SER A 499 23.89 19.57 16.02
CA SER A 499 22.94 20.50 15.43
C SER A 499 21.57 20.17 15.96
N GLU A 500 20.65 21.13 15.86
CA GLU A 500 19.30 20.96 16.36
C GLU A 500 18.40 20.27 15.36
N PHE A 501 18.35 18.95 15.40
CA PHE A 501 17.53 18.19 14.46
C PHE A 501 16.31 17.52 15.08
N ALA A 502 15.88 17.96 16.26
CA ALA A 502 14.74 17.34 16.91
C ALA A 502 13.42 17.44 16.13
N TRP A 503 13.15 18.60 15.55
CA TRP A 503 11.93 18.75 14.77
C TRP A 503 12.16 18.70 13.26
N PRO A 504 13.30 19.24 12.81
CA PRO A 504 13.68 19.26 11.40
C PRO A 504 13.89 17.88 10.77
N GLY A 505 14.49 16.96 11.49
CA GLY A 505 14.74 15.64 10.94
C GLY A 505 13.67 14.59 11.15
N ALA A 506 12.63 14.92 11.89
CA ALA A 506 11.55 13.97 12.17
C ALA A 506 10.67 13.64 10.97
N SER A 507 10.04 12.47 11.01
CA SER A 507 9.15 12.03 9.95
C SER A 507 7.72 12.38 10.32
N SER A 508 7.06 13.19 9.51
CA SER A 508 5.69 13.60 9.82
C SER A 508 4.72 13.49 8.67
N TRP A 509 3.48 13.12 8.97
CA TRP A 509 2.47 13.03 7.94
C TRP A 509 1.66 14.30 7.91
N ALA A 510 1.69 14.98 6.77
CA ALA A 510 1.03 16.26 6.58
C ALA A 510 -0.44 16.05 6.26
N LEU A 511 -1.30 16.79 6.96
CA LEU A 511 -2.73 16.70 6.77
C LEU A 511 -3.32 18.10 6.80
N ASN A 512 -4.01 18.47 5.71
CA ASN A 512 -4.73 19.74 5.63
C ASN A 512 -3.80 20.92 5.89
N GLY A 513 -2.52 20.73 5.59
CA GLY A 513 -1.54 21.78 5.75
C GLY A 513 -0.91 21.86 7.13
N ARG A 514 -1.26 20.96 8.04
CA ARG A 514 -0.66 20.93 9.37
C ARG A 514 0.19 19.68 9.53
N ASN A 515 1.50 19.87 9.58
CA ASN A 515 2.44 18.77 9.79
C ASN A 515 2.23 18.19 11.18
N SER A 516 2.00 16.89 11.24
CA SER A 516 1.86 16.16 12.49
C SER A 516 2.94 15.11 12.57
N LEU A 517 3.72 15.13 13.65
CA LEU A 517 4.83 14.20 13.79
C LEU A 517 4.33 12.77 13.73
N MET A 518 5.16 11.87 13.19
CA MET A 518 4.78 10.46 13.08
C MET A 518 5.25 9.76 14.35
N ASN A 519 4.31 9.41 15.19
CA ASN A 519 4.61 8.73 16.44
C ASN A 519 3.49 7.73 16.73
N PRO A 520 3.85 6.52 17.16
CA PRO A 520 5.15 5.89 16.98
C PRO A 520 5.40 5.47 15.54
N GLY A 521 4.33 5.40 14.74
CA GLY A 521 4.45 5.01 13.37
C GLY A 521 4.18 3.53 13.17
N PRO A 522 4.37 3.03 11.96
CA PRO A 522 4.19 1.59 11.72
C PRO A 522 5.14 0.79 12.59
N ALA A 523 4.72 -0.43 12.93
CA ALA A 523 5.51 -1.28 13.81
C ALA A 523 6.78 -1.72 13.10
N MET A 524 7.93 -1.44 13.70
CA MET A 524 9.22 -1.74 13.10
C MET A 524 10.22 -2.04 14.21
N ALA A 525 11.15 -2.94 13.92
CA ALA A 525 12.23 -3.22 14.85
C ALA A 525 12.98 -1.94 15.16
N SER A 526 13.31 -1.74 16.44
CA SER A 526 13.85 -0.46 16.85
C SER A 526 15.28 -0.26 16.40
N HIS A 527 16.07 -1.33 16.33
CA HIS A 527 17.48 -1.19 16.02
C HIS A 527 18.02 -2.51 15.51
N LYS A 528 19.13 -2.44 14.77
CA LYS A 528 19.75 -3.65 14.27
C LYS A 528 20.27 -4.49 15.43
N GLU A 529 20.33 -5.80 15.21
CA GLU A 529 20.83 -6.69 16.23
C GLU A 529 22.31 -6.43 16.47
N GLY A 530 22.67 -6.30 17.74
CA GLY A 530 24.01 -5.94 18.14
C GLY A 530 24.20 -4.49 18.50
N GLU A 531 23.35 -3.60 18.01
CA GLU A 531 23.39 -2.19 18.39
C GLU A 531 22.09 -1.86 19.12
N ASP A 532 22.17 -1.75 20.44
CA ASP A 532 21.01 -1.33 21.22
C ASP A 532 21.08 0.12 21.66
N ARG A 533 22.17 0.81 21.33
CA ARG A 533 22.33 2.20 21.72
C ARG A 533 21.81 3.17 20.68
N PHE A 534 20.95 2.70 19.80
CA PHE A 534 20.36 3.55 18.77
C PHE A 534 18.85 3.42 18.82
N PHE A 535 18.14 4.52 18.79
CA PHE A 535 16.69 4.43 18.80
C PHE A 535 16.07 5.35 17.76
N PRO A 536 14.92 4.97 17.20
CA PRO A 536 14.27 5.81 16.20
C PRO A 536 13.87 7.10 16.88
N LEU A 537 14.00 8.23 16.20
CA LEU A 537 13.74 9.50 16.83
C LEU A 537 12.32 9.63 17.37
N SER A 538 11.33 9.20 16.61
CA SER A 538 9.96 9.26 17.09
C SER A 538 9.28 7.91 17.09
N GLY A 539 10.06 6.84 16.93
CA GLY A 539 9.49 5.51 16.83
C GLY A 539 9.29 4.63 18.05
N SER A 540 9.65 5.10 19.24
CA SER A 540 9.49 4.26 20.42
C SER A 540 8.64 4.87 21.51
N LEU A 541 7.75 4.07 22.10
CA LEU A 541 6.95 4.54 23.20
C LEU A 541 7.94 4.87 24.30
N ILE A 542 7.84 6.06 24.86
CA ILE A 542 8.78 6.50 25.89
C ILE A 542 7.99 6.79 27.16
N PHE A 543 8.40 6.17 28.27
CA PHE A 543 7.77 6.41 29.55
C PHE A 543 8.77 7.06 30.49
N GLY A 544 8.25 7.88 31.40
CA GLY A 544 9.10 8.51 32.40
C GLY A 544 9.22 7.71 33.68
N LYS A 545 10.38 7.83 34.33
CA LYS A 545 10.54 7.22 35.64
C LYS A 545 9.78 8.00 36.68
N GLN A 546 9.52 7.35 37.81
CA GLN A 546 8.74 7.98 38.88
C GLN A 546 9.41 9.27 39.33
N GLY A 547 8.65 10.35 39.32
CA GLY A 547 9.16 11.66 39.69
C GLY A 547 9.82 12.42 38.57
N THR A 548 9.56 12.06 37.31
CA THR A 548 10.17 12.75 36.19
C THR A 548 9.51 14.10 35.96
N GLY A 549 10.33 15.12 35.79
CA GLY A 549 9.82 16.45 35.51
C GLY A 549 9.06 16.51 34.20
N ARG A 550 8.33 17.60 34.03
CA ARG A 550 7.45 17.72 32.87
C ARG A 550 8.17 18.11 31.59
N ASP A 551 9.12 19.04 31.65
CA ASP A 551 9.72 19.58 30.43
C ASP A 551 11.23 19.48 30.50
N ASN A 552 11.83 18.99 29.40
CA ASN A 552 13.28 19.00 29.20
C ASN A 552 14.01 18.23 30.29
N VAL A 553 13.57 17.02 30.58
CA VAL A 553 14.32 16.15 31.47
C VAL A 553 15.51 15.56 30.73
N ASP A 554 16.52 15.13 31.49
CA ASP A 554 17.68 14.51 30.87
C ASP A 554 17.31 13.12 30.36
N ALA A 555 18.30 12.45 29.78
CA ALA A 555 18.06 11.14 29.19
C ALA A 555 17.68 10.08 30.20
N ASP A 556 18.23 10.15 31.42
CA ASP A 556 18.05 9.08 32.38
C ASP A 556 16.71 9.12 33.10
N LYS A 557 16.01 10.24 33.11
CA LYS A 557 14.71 10.32 33.76
C LYS A 557 13.63 9.56 33.01
N VAL A 558 13.89 9.09 31.80
CA VAL A 558 12.86 8.48 30.98
C VAL A 558 13.26 7.06 30.60
N MET A 559 12.26 6.29 30.20
CA MET A 559 12.43 4.88 29.84
C MET A 559 12.02 4.73 28.38
N ILE A 560 12.91 4.15 27.57
CA ILE A 560 12.69 4.05 26.14
C ILE A 560 12.51 2.58 25.77
N THR A 561 11.30 2.23 25.36
CA THR A 561 11.05 0.87 24.94
C THR A 561 11.73 0.58 23.62
N ASN A 562 12.20 -0.66 23.46
CA ASN A 562 12.82 -1.11 22.23
C ASN A 562 12.08 -2.33 21.71
N GLU A 563 11.88 -2.36 20.40
CA GLU A 563 11.05 -3.35 19.72
C GLU A 563 11.83 -4.53 19.19
N GLU A 564 13.11 -4.68 19.53
CA GLU A 564 13.97 -5.65 18.86
C GLU A 564 13.38 -7.05 18.83
N GLU A 565 12.38 -7.35 19.64
CA GLU A 565 11.76 -8.67 19.58
C GLU A 565 11.17 -8.97 18.21
N ILE A 566 10.74 -7.96 17.47
CA ILE A 566 10.01 -8.17 16.23
C ILE A 566 10.95 -8.14 15.03
N LYS A 567 12.26 -8.06 15.27
CA LYS A 567 13.17 -7.92 14.15
C LYS A 567 13.17 -9.11 13.22
N THR A 568 12.52 -10.22 13.60
CA THR A 568 12.44 -11.38 12.72
C THR A 568 11.60 -11.10 11.49
N THR A 569 10.35 -10.70 11.67
CA THR A 569 9.45 -10.46 10.56
C THR A 569 9.35 -9.00 10.12
N ASN A 570 10.02 -8.08 10.79
CA ASN A 570 9.81 -6.68 10.46
C ASN A 570 11.13 -5.98 10.17
N PRO A 571 11.14 -5.05 9.22
CA PRO A 571 12.40 -4.37 8.88
C PRO A 571 12.77 -3.36 9.94
N VAL A 572 14.08 -3.08 10.03
CA VAL A 572 14.57 -2.18 11.05
C VAL A 572 14.07 -0.77 10.76
N ALA A 573 13.64 -0.06 11.80
CA ALA A 573 13.01 1.24 11.60
C ALA A 573 13.98 2.25 11.04
N THR A 574 15.25 2.13 11.36
CA THR A 574 16.24 3.11 10.94
C THR A 574 16.96 2.72 9.65
N GLU A 575 16.61 1.59 9.05
CA GLU A 575 17.29 1.08 7.87
C GLU A 575 16.36 1.12 6.66
N SER A 576 16.95 1.27 5.48
CA SER A 576 16.18 1.25 4.24
C SER A 576 15.52 -0.10 4.06
N TYR A 577 14.32 -0.10 3.47
CA TYR A 577 13.63 -1.36 3.28
C TYR A 577 14.34 -2.24 2.26
N GLY A 578 15.07 -1.64 1.33
CA GLY A 578 15.76 -2.41 0.32
C GLY A 578 16.13 -1.54 -0.86
N GLN A 579 16.29 -2.19 -2.01
CA GLN A 579 16.70 -1.52 -3.24
C GLN A 579 15.73 -1.85 -4.36
N VAL A 580 15.62 -0.92 -5.32
CA VAL A 580 14.90 -1.13 -6.57
C VAL A 580 15.72 -0.50 -7.69
N ALA A 581 15.79 -1.19 -8.82
CA ALA A 581 16.54 -0.66 -9.95
C ALA A 581 15.80 0.53 -10.56
N THR A 582 16.54 1.58 -10.88
CA THR A 582 15.94 2.80 -11.41
C THR A 582 16.05 2.94 -12.92
N ASN A 583 16.69 2.02 -13.63
CA ASN A 583 16.83 2.20 -15.07
C ASN A 583 17.08 0.87 -15.77
N HIS A 584 16.82 0.88 -17.07
CA HIS A 584 17.19 -0.24 -17.93
C HIS A 584 18.69 -0.25 -18.16
N GLN A 585 19.30 -1.42 -18.04
CA GLN A 585 20.68 -1.57 -18.45
C GLN A 585 20.77 -1.66 -19.97
N SER A 586 21.94 -1.32 -20.49
CA SER A 586 22.20 -1.42 -21.92
C SER A 586 23.70 -1.40 -22.12
N ALA A 587 24.13 -1.33 -23.38
CA ALA A 587 25.55 -1.20 -23.65
C ALA A 587 26.10 0.10 -23.09
N GLN A 588 25.30 1.17 -23.13
CA GLN A 588 25.75 2.49 -22.71
C GLN A 588 25.34 2.87 -21.29
N ALA A 589 24.59 2.03 -20.58
CA ALA A 589 24.06 2.40 -19.28
C ALA A 589 24.27 1.28 -18.29
N GLN A 590 24.91 1.60 -17.16
CA GLN A 590 25.06 0.61 -16.10
C GLN A 590 23.76 0.42 -15.35
N ALA A 591 23.66 -0.72 -14.66
CA ALA A 591 22.49 -0.97 -13.85
C ALA A 591 22.55 -0.13 -12.58
N GLN A 592 21.54 0.70 -12.39
CA GLN A 592 21.49 1.61 -11.26
C GLN A 592 20.41 1.18 -10.29
N THR A 593 20.63 1.50 -9.02
CA THR A 593 19.68 1.16 -7.97
C THR A 593 19.41 2.39 -7.14
N GLY A 594 18.40 2.30 -6.30
CA GLY A 594 18.11 3.34 -5.32
C GLY A 594 17.51 2.72 -4.09
N TRP A 595 17.63 3.42 -2.99
CA TRP A 595 17.19 2.86 -1.72
C TRP A 595 15.72 3.15 -1.50
N VAL A 596 15.01 2.18 -0.94
CA VAL A 596 13.58 2.31 -0.67
C VAL A 596 13.45 2.83 0.75
N GLN A 597 13.02 4.08 0.90
CA GLN A 597 12.97 4.67 2.23
C GLN A 597 11.68 4.29 2.95
N ASN A 598 10.56 4.28 2.24
CA ASN A 598 9.32 3.76 2.80
C ASN A 598 8.65 2.87 1.76
N GLN A 599 7.89 1.89 2.24
CA GLN A 599 7.28 0.90 1.38
C GLN A 599 5.86 0.63 1.86
N GLY A 600 4.89 0.68 0.95
CA GLY A 600 3.54 0.34 1.30
C GLY A 600 3.34 -1.15 1.35
N ILE A 601 2.08 -1.55 1.52
CA ILE A 601 1.75 -2.97 1.53
C ILE A 601 1.89 -3.54 0.13
N LEU A 602 2.48 -4.73 0.05
CA LEU A 602 2.52 -5.53 -1.17
C LEU A 602 1.84 -6.85 -0.88
N PRO A 603 1.37 -7.55 -1.90
CA PRO A 603 0.80 -8.89 -1.66
C PRO A 603 1.87 -9.81 -1.11
N GLY A 604 1.55 -10.50 -0.02
CA GLY A 604 2.44 -11.49 0.54
C GLY A 604 3.31 -11.03 1.68
N MET A 605 3.14 -9.81 2.17
CA MET A 605 3.89 -9.38 3.35
C MET A 605 3.31 -10.00 4.61
N VAL A 606 4.14 -10.11 5.64
CA VAL A 606 3.70 -10.40 6.99
C VAL A 606 4.37 -9.42 7.93
N TRP A 607 3.75 -9.19 9.08
CA TRP A 607 4.33 -8.26 10.04
C TRP A 607 3.79 -8.57 11.43
N GLN A 608 4.54 -8.12 12.43
CA GLN A 608 4.12 -8.13 13.81
C GLN A 608 3.72 -6.73 14.23
N ASP A 609 2.67 -6.64 15.05
CA ASP A 609 2.23 -5.34 15.54
C ASP A 609 3.15 -4.88 16.67
N ARG A 610 2.83 -3.73 17.25
CA ARG A 610 3.65 -3.22 18.33
C ARG A 610 3.19 -3.80 19.66
N ASP A 611 4.16 -4.13 20.50
CA ASP A 611 3.91 -4.84 21.74
C ASP A 611 3.23 -3.92 22.76
N VAL A 612 2.51 -4.54 23.69
CA VAL A 612 1.83 -3.84 24.77
C VAL A 612 2.68 -3.97 26.02
N TYR A 613 2.62 -2.94 26.85
CA TYR A 613 3.45 -2.86 28.04
C TYR A 613 2.56 -2.76 29.27
N LEU A 614 3.16 -3.05 30.43
CA LEU A 614 2.41 -2.92 31.68
C LEU A 614 1.88 -1.51 31.84
N GLN A 615 2.61 -0.51 31.35
CA GLN A 615 2.20 0.87 31.46
C GLN A 615 1.41 1.36 30.25
N GLY A 616 1.33 0.57 29.19
CA GLY A 616 0.80 1.04 27.93
C GLY A 616 -0.72 0.99 27.87
N PRO A 617 -1.28 1.60 26.83
CA PRO A 617 -2.73 1.56 26.66
C PRO A 617 -3.21 0.18 26.25
N ILE A 618 -4.49 -0.09 26.51
CA ILE A 618 -5.08 -1.38 26.19
C ILE A 618 -5.80 -1.31 24.86
N TRP A 619 -6.84 -0.50 24.77
CA TRP A 619 -7.69 -0.45 23.59
C TRP A 619 -7.72 0.94 22.99
N ALA A 620 -8.20 1.01 21.77
CA ALA A 620 -8.40 2.26 21.06
C ALA A 620 -9.58 2.12 20.13
N LYS A 621 -10.29 3.22 19.92
CA LYS A 621 -11.48 3.20 19.07
C LYS A 621 -11.08 3.44 17.62
N ILE A 622 -11.61 2.60 16.75
CA ILE A 622 -11.35 2.73 15.30
C ILE A 622 -12.17 3.89 14.76
N PRO A 623 -11.55 4.93 14.21
CA PRO A 623 -12.33 6.03 13.66
C PRO A 623 -13.31 5.52 12.61
N HIS A 624 -14.56 5.96 12.72
CA HIS A 624 -15.62 5.45 11.86
C HIS A 624 -15.41 6.04 10.47
N THR A 625 -15.18 5.18 9.49
CA THR A 625 -14.76 5.59 8.16
C THR A 625 -15.24 4.56 7.15
N ASP A 626 -15.19 4.92 5.88
CA ASP A 626 -15.57 3.99 4.83
C ASP A 626 -14.59 2.83 4.73
N GLY A 627 -13.33 3.06 5.06
CA GLY A 627 -12.34 2.00 4.97
C GLY A 627 -11.22 2.18 5.96
N ASN A 628 -10.56 1.06 6.25
CA ASN A 628 -9.40 1.04 7.12
C ASN A 628 -8.61 -0.23 6.83
N PHE A 629 -7.35 -0.24 7.22
CA PHE A 629 -6.50 -1.40 6.99
C PHE A 629 -5.76 -1.76 8.27
N HIS A 630 -5.99 -2.98 8.73
CA HIS A 630 -5.36 -3.55 9.92
C HIS A 630 -5.52 -2.55 11.06
N PRO A 631 -6.72 -2.40 11.57
CA PRO A 631 -7.03 -1.29 12.48
C PRO A 631 -6.26 -1.31 13.79
N SER A 632 -5.56 -2.39 14.10
CA SER A 632 -4.89 -2.51 15.38
C SER A 632 -4.05 -1.26 15.65
N PRO A 633 -4.30 -0.55 16.76
CA PRO A 633 -3.71 0.78 16.92
C PRO A 633 -2.19 0.73 16.96
N LEU A 634 -1.59 1.87 16.63
CA LEU A 634 -0.15 1.92 16.45
C LEU A 634 0.62 2.03 17.76
N MET A 635 -0.02 2.48 18.83
CA MET A 635 0.63 2.44 20.13
C MET A 635 0.48 1.09 20.81
N GLY A 636 -0.14 0.14 20.15
CA GLY A 636 -0.31 -1.19 20.69
C GLY A 636 -1.72 -1.41 21.22
N GLY A 637 -2.07 -2.67 21.37
CA GLY A 637 -3.33 -3.03 21.96
C GLY A 637 -4.37 -3.48 20.94
N PHE A 638 -5.59 -3.57 21.44
CA PHE A 638 -6.71 -4.13 20.69
C PHE A 638 -7.51 -3.00 20.07
N GLY A 639 -7.63 -2.99 18.75
CA GLY A 639 -8.50 -2.02 18.10
C GLY A 639 -9.94 -2.51 18.11
N MET A 640 -10.86 -1.58 18.33
CA MET A 640 -12.27 -1.91 18.49
C MET A 640 -13.12 -0.81 17.89
N LYS A 641 -14.14 -1.18 17.12
CA LYS A 641 -15.08 -0.18 16.63
C LYS A 641 -15.99 0.32 17.75
N HIS A 642 -16.23 -0.52 18.75
CA HIS A 642 -17.09 -0.20 19.90
C HIS A 642 -16.29 -0.48 21.17
N PRO A 643 -15.40 0.43 21.55
CA PRO A 643 -14.59 0.21 22.74
C PRO A 643 -15.44 0.30 23.99
N PRO A 644 -14.85 0.08 25.17
CA PRO A 644 -15.58 0.37 26.40
C PRO A 644 -16.00 1.83 26.43
N PRO A 645 -17.28 2.09 26.70
CA PRO A 645 -17.78 3.46 26.60
C PRO A 645 -17.18 4.37 27.65
N GLN A 646 -17.20 5.67 27.33
CA GLN A 646 -16.78 6.67 28.29
C GLN A 646 -17.78 6.77 29.42
N ILE A 647 -17.28 7.07 30.62
CA ILE A 647 -18.11 7.17 31.81
C ILE A 647 -17.94 8.59 32.35
N LEU A 648 -19.01 9.38 32.26
CA LEU A 648 -18.96 10.80 32.59
C LEU A 648 -19.56 11.03 33.98
N ILE A 649 -18.94 11.92 34.75
CA ILE A 649 -19.37 12.18 36.12
C ILE A 649 -19.05 13.63 36.47
N LYS A 650 -19.92 14.26 37.25
CA LYS A 650 -19.71 15.63 37.70
C LYS A 650 -20.49 15.86 38.99
N ASN A 651 -20.15 16.96 39.67
CA ASN A 651 -20.94 17.41 40.81
C ASN A 651 -22.10 18.26 40.33
N THR A 652 -23.27 18.03 40.90
CA THR A 652 -24.44 18.83 40.53
C THR A 652 -24.32 20.22 41.13
N PRO A 653 -24.54 21.28 40.36
CA PRO A 653 -24.41 22.64 40.90
C PRO A 653 -25.49 22.93 41.93
N VAL A 654 -25.07 23.45 43.08
CA VAL A 654 -25.97 23.83 44.18
C VAL A 654 -25.86 25.34 44.36
N PRO A 655 -26.90 26.12 43.99
CA PRO A 655 -26.83 27.57 44.14
C PRO A 655 -26.99 28.03 45.59
N ASN A 668 -24.87 32.82 39.54
CA ASN A 668 -23.71 31.97 39.29
C ASN A 668 -22.81 31.85 40.50
N SER A 669 -23.41 31.87 41.69
CA SER A 669 -22.69 31.67 42.94
C SER A 669 -23.13 30.35 43.54
N PHE A 670 -22.23 29.37 43.55
CA PHE A 670 -22.53 28.03 44.00
C PHE A 670 -21.68 27.69 45.21
N ILE A 671 -22.17 26.75 46.00
CA ILE A 671 -21.43 26.28 47.17
C ILE A 671 -20.19 25.53 46.69
N THR A 672 -19.05 25.80 47.33
CA THR A 672 -17.82 25.12 46.95
C THR A 672 -17.92 23.64 47.33
N GLN A 673 -17.74 22.77 46.35
CA GLN A 673 -18.19 21.39 46.47
C GLN A 673 -17.24 20.47 45.72
N TYR A 674 -17.04 19.28 46.28
CA TYR A 674 -16.30 18.21 45.62
C TYR A 674 -16.79 16.89 46.20
N SER A 675 -16.48 15.81 45.51
CA SER A 675 -16.99 14.50 45.89
C SER A 675 -15.86 13.48 45.95
N THR A 676 -16.17 12.34 46.55
CA THR A 676 -15.23 11.24 46.67
C THR A 676 -16.02 9.94 46.76
N GLY A 677 -15.33 8.83 46.58
CA GLY A 677 -16.00 7.54 46.57
C GLY A 677 -15.08 6.42 46.17
N GLN A 678 -15.67 5.35 45.65
CA GLN A 678 -14.95 4.14 45.28
C GLN A 678 -15.29 3.75 43.85
N VAL A 679 -14.31 3.18 43.15
CA VAL A 679 -14.50 2.67 41.79
C VAL A 679 -13.92 1.26 41.73
N SER A 680 -14.72 0.33 41.20
CA SER A 680 -14.31 -1.05 41.04
C SER A 680 -14.60 -1.51 39.62
N VAL A 681 -13.55 -1.87 38.89
CA VAL A 681 -13.66 -2.31 37.50
C VAL A 681 -13.17 -3.74 37.40
N GLU A 682 -13.87 -4.55 36.61
CA GLU A 682 -13.61 -5.98 36.51
C GLU A 682 -13.59 -6.39 35.04
N ILE A 683 -12.46 -6.94 34.59
CA ILE A 683 -12.30 -7.40 33.21
C ILE A 683 -12.00 -8.89 33.23
N GLU A 684 -12.53 -9.61 32.25
CA GLU A 684 -12.29 -11.04 32.11
C GLU A 684 -11.40 -11.29 30.90
N TRP A 685 -10.17 -11.71 31.14
CA TRP A 685 -9.18 -11.92 30.10
C TRP A 685 -9.16 -13.40 29.72
N GLU A 686 -9.26 -13.66 28.42
CA GLU A 686 -9.15 -15.02 27.88
C GLU A 686 -7.70 -15.24 27.44
N LEU A 687 -7.21 -16.47 27.59
CA LEU A 687 -5.81 -16.75 27.34
C LEU A 687 -5.65 -17.83 26.28
N GLN A 688 -4.43 -17.94 25.76
CA GLN A 688 -4.05 -19.01 24.84
C GLN A 688 -2.82 -19.71 25.41
N LYS A 689 -2.95 -21.01 25.68
CA LYS A 689 -1.91 -21.76 26.36
C LYS A 689 -0.71 -22.00 25.45
N GLU A 690 0.42 -22.31 26.07
CA GLU A 690 1.68 -22.51 25.38
C GLU A 690 1.86 -23.99 25.05
N ASN A 691 1.81 -24.31 23.76
CA ASN A 691 1.81 -25.68 23.25
C ASN A 691 3.18 -26.15 22.77
N SER A 692 4.21 -25.32 22.89
CA SER A 692 5.46 -25.56 22.16
C SER A 692 6.21 -26.78 22.71
N LYS A 693 6.99 -27.39 21.81
CA LYS A 693 7.81 -28.56 22.09
C LYS A 693 9.26 -28.21 22.33
N ARG A 694 9.61 -26.93 22.38
CA ARG A 694 11.00 -26.50 22.47
C ARG A 694 11.74 -27.20 23.60
N TRP A 695 12.94 -27.73 23.28
CA TRP A 695 13.69 -28.51 24.25
C TRP A 695 14.41 -27.64 25.27
N ASN A 696 15.16 -26.63 24.81
CA ASN A 696 15.95 -25.84 25.72
C ASN A 696 15.06 -24.81 26.43
N PRO A 697 15.44 -24.39 27.63
CA PRO A 697 14.54 -23.55 28.42
C PRO A 697 14.31 -22.18 27.81
N GLU A 698 13.09 -21.69 27.99
CA GLU A 698 12.63 -20.41 27.45
C GLU A 698 13.37 -19.24 28.10
N ILE A 699 13.29 -18.10 27.44
CA ILE A 699 13.62 -16.83 28.08
C ILE A 699 12.45 -16.42 28.96
N GLN A 700 12.74 -16.01 30.19
CA GLN A 700 11.72 -15.70 31.17
C GLN A 700 12.00 -14.33 31.77
N TYR A 701 10.98 -13.76 32.41
CA TYR A 701 11.15 -12.48 33.08
C TYR A 701 11.28 -12.69 34.58
N THR A 702 12.45 -12.33 35.11
CA THR A 702 12.74 -12.59 36.51
C THR A 702 13.41 -11.37 37.12
N SER A 703 13.25 -11.25 38.44
CA SER A 703 13.93 -10.19 39.19
C SER A 703 15.37 -10.58 39.47
N ASN A 704 16.22 -9.57 39.66
CA ASN A 704 17.61 -9.79 39.97
C ASN A 704 17.80 -10.02 41.47
N TYR A 705 18.69 -10.95 41.81
CA TYR A 705 18.85 -11.33 43.21
C TYR A 705 19.89 -10.47 43.92
N TYR A 706 20.63 -9.66 43.17
CA TYR A 706 21.65 -8.82 43.79
C TYR A 706 21.00 -7.79 44.70
N LYS A 707 21.65 -7.53 45.84
CA LYS A 707 21.07 -6.69 46.86
C LYS A 707 20.89 -5.26 46.37
N SER A 708 19.85 -4.60 46.88
CA SER A 708 19.54 -3.24 46.48
C SER A 708 18.82 -2.54 47.61
N ASN A 709 18.77 -1.22 47.52
CA ASN A 709 18.22 -0.42 48.62
C ASN A 709 16.71 -0.44 48.65
N ASN A 710 16.07 -0.98 47.61
CA ASN A 710 14.62 -1.02 47.53
C ASN A 710 14.18 -2.26 46.78
N VAL A 711 12.93 -2.62 46.96
CA VAL A 711 12.30 -3.67 46.18
C VAL A 711 11.65 -3.03 44.97
N GLU A 712 12.00 -3.52 43.78
CA GLU A 712 11.41 -2.98 42.56
C GLU A 712 9.90 -3.19 42.57
N PHE A 713 9.18 -2.20 42.06
CA PHE A 713 7.72 -2.20 42.06
C PHE A 713 7.17 -2.19 43.48
N ALA A 714 7.78 -1.39 44.35
CA ALA A 714 7.31 -1.22 45.71
C ALA A 714 7.59 0.21 46.14
N VAL A 715 7.17 0.55 47.37
CA VAL A 715 7.29 1.92 47.85
C VAL A 715 8.70 2.17 48.37
N ASN A 716 9.11 3.43 48.34
CA ASN A 716 10.34 3.88 48.98
C ASN A 716 10.04 4.23 50.43
N THR A 717 10.99 4.89 51.10
CA THR A 717 10.81 5.22 52.51
C THR A 717 9.65 6.15 52.76
N GLU A 718 9.27 6.98 51.79
CA GLU A 718 8.15 7.89 51.95
C GLU A 718 6.84 7.33 51.41
N GLY A 719 6.83 6.10 50.91
CA GLY A 719 5.62 5.50 50.39
C GLY A 719 5.27 5.89 48.98
N VAL A 720 6.25 6.17 48.14
CA VAL A 720 6.03 6.53 46.75
C VAL A 720 6.24 5.31 45.88
N TYR A 721 5.21 4.93 45.11
CA TYR A 721 5.25 3.74 44.28
C TYR A 721 6.04 4.02 43.01
N SER A 722 7.03 3.18 42.73
CA SER A 722 7.95 3.42 41.63
C SER A 722 7.99 2.21 40.72
N GLU A 723 8.05 2.48 39.43
CA GLU A 723 8.17 1.45 38.39
C GLU A 723 9.53 1.57 37.74
N PRO A 724 10.45 0.65 38.00
CA PRO A 724 11.85 0.87 37.56
C PRO A 724 12.06 0.81 36.05
N ARG A 725 11.35 -0.09 35.36
CA ARG A 725 11.50 -0.20 33.92
C ARG A 725 10.25 -0.70 33.24
N PRO A 726 10.17 -0.51 31.91
CA PRO A 726 9.03 -0.96 31.10
C PRO A 726 9.10 -2.47 30.93
N ILE A 727 7.96 -3.12 30.97
CA ILE A 727 7.91 -4.58 30.84
C ILE A 727 7.17 -4.93 29.56
N GLY A 728 7.87 -5.47 28.58
CA GLY A 728 7.26 -5.97 27.37
C GLY A 728 6.54 -7.26 27.63
N THR A 729 5.72 -7.65 26.65
CA THR A 729 4.93 -8.86 26.76
C THR A 729 5.54 -10.06 26.06
N ARG A 730 6.66 -9.88 25.36
CA ARG A 730 7.18 -10.92 24.47
C ARG A 730 8.45 -11.54 25.07
N TYR A 731 8.31 -12.77 25.54
CA TYR A 731 9.37 -13.60 26.07
C TYR A 731 9.36 -14.98 25.42
N LEU A 732 8.23 -15.68 25.53
CA LEU A 732 8.11 -17.01 24.94
C LEU A 732 8.33 -16.95 23.44
N THR A 733 8.65 -18.11 22.87
CA THR A 733 9.01 -18.18 21.46
C THR A 733 8.06 -19.10 20.70
N ARG A 734 7.87 -18.80 19.42
CA ARG A 734 7.15 -19.65 18.50
C ARG A 734 7.96 -19.80 17.22
N ASN A 735 7.65 -20.87 16.49
CA ASN A 735 8.18 -21.01 15.14
C ASN A 735 7.48 -20.03 14.22
N LEU A 736 8.12 -19.74 13.09
CA LEU A 736 7.57 -18.78 12.16
C LEU A 736 6.71 -19.49 11.13
N ASP B 219 1.24 -57.77 10.60
CA ASP B 219 0.46 -58.98 10.39
C ASP B 219 1.36 -60.17 10.08
N GLY B 220 2.20 -60.03 9.06
CA GLY B 220 3.11 -61.09 8.68
C GLY B 220 4.17 -60.57 7.72
N VAL B 221 5.25 -61.34 7.62
CA VAL B 221 6.33 -60.98 6.69
C VAL B 221 5.97 -61.42 5.27
N GLY B 222 5.41 -62.61 5.12
CA GLY B 222 5.16 -63.20 3.83
C GLY B 222 3.89 -62.76 3.13
N SER B 223 3.12 -61.86 3.72
CA SER B 223 1.88 -61.38 3.13
C SER B 223 1.98 -59.89 2.86
N SER B 224 1.59 -59.48 1.67
CA SER B 224 1.73 -58.09 1.24
C SER B 224 0.90 -57.16 2.13
N SER B 225 1.48 -56.02 2.47
CA SER B 225 0.84 -55.02 3.32
C SER B 225 0.16 -53.91 2.52
N GLY B 226 0.18 -53.98 1.20
CA GLY B 226 -0.48 -52.97 0.39
C GLY B 226 -0.24 -53.24 -1.08
N ASN B 227 -1.02 -52.55 -1.91
CA ASN B 227 -0.95 -52.72 -3.35
C ASN B 227 -0.44 -51.45 -4.02
N TRP B 228 -0.28 -51.52 -5.33
CA TRP B 228 0.21 -50.41 -6.15
C TRP B 228 -0.98 -49.63 -6.66
N HIS B 229 -1.00 -48.32 -6.41
CA HIS B 229 -2.08 -47.46 -6.89
C HIS B 229 -1.48 -46.29 -7.67
N CYS B 230 -1.69 -46.29 -8.99
CA CYS B 230 -1.47 -45.10 -9.81
C CYS B 230 -2.59 -45.03 -10.84
N ASP B 231 -3.39 -43.97 -10.78
CA ASP B 231 -4.51 -43.76 -11.69
C ASP B 231 -5.17 -42.44 -11.32
N SER B 232 -5.96 -41.92 -12.25
CA SER B 232 -6.67 -40.68 -12.06
C SER B 232 -8.11 -40.80 -12.55
N GLN B 233 -9.05 -40.61 -11.62
CA GLN B 233 -10.47 -40.61 -11.96
C GLN B 233 -10.91 -39.18 -12.20
N TRP B 234 -11.34 -38.89 -13.42
CA TRP B 234 -11.96 -37.62 -13.76
C TRP B 234 -13.46 -37.80 -13.61
N LEU B 235 -14.04 -37.18 -12.61
CA LEU B 235 -15.45 -37.37 -12.27
C LEU B 235 -16.11 -36.01 -12.15
N GLY B 236 -17.01 -35.71 -13.07
CA GLY B 236 -17.79 -34.48 -12.98
C GLY B 236 -16.88 -33.27 -12.89
N ASP B 237 -17.07 -32.50 -11.82
CA ASP B 237 -16.28 -31.32 -11.53
C ASP B 237 -15.09 -31.60 -10.60
N ARG B 238 -14.82 -32.86 -10.28
CA ARG B 238 -13.76 -33.20 -9.35
C ARG B 238 -12.74 -34.11 -10.03
N VAL B 239 -11.54 -34.15 -9.45
CA VAL B 239 -10.44 -34.97 -9.95
C VAL B 239 -9.79 -35.67 -8.76
N ILE B 240 -9.42 -36.92 -8.94
CA ILE B 240 -8.71 -37.69 -7.93
C ILE B 240 -7.44 -38.23 -8.56
N THR B 241 -6.29 -37.77 -8.09
CA THR B 241 -5.01 -38.17 -8.63
C THR B 241 -4.24 -39.00 -7.62
N THR B 242 -3.93 -40.25 -7.99
CA THR B 242 -3.22 -41.17 -7.13
C THR B 242 -1.87 -41.48 -7.75
N SER B 243 -0.82 -41.46 -6.91
CA SER B 243 0.53 -41.75 -7.36
C SER B 243 1.25 -42.56 -6.30
N THR B 244 2.08 -43.50 -6.75
CA THR B 244 2.81 -44.39 -5.85
C THR B 244 4.25 -44.47 -6.31
N ARG B 245 5.18 -44.40 -5.36
CA ARG B 245 6.61 -44.40 -5.65
C ARG B 245 7.31 -45.42 -4.76
N THR B 246 8.56 -45.69 -5.10
CA THR B 246 9.45 -46.54 -4.31
C THR B 246 10.64 -45.71 -3.86
N TRP B 247 11.04 -45.88 -2.60
CA TRP B 247 12.01 -45.00 -1.96
C TRP B 247 13.07 -45.78 -1.21
N ALA B 248 14.14 -45.07 -0.83
CA ALA B 248 15.22 -45.62 -0.02
C ALA B 248 15.66 -44.58 0.99
N LEU B 249 15.72 -44.98 2.26
CA LEU B 249 16.10 -44.07 3.34
C LEU B 249 17.40 -44.52 3.97
N PRO B 250 18.49 -43.77 3.82
CA PRO B 250 19.75 -44.12 4.47
C PRO B 250 19.76 -43.64 5.91
N THR B 251 20.94 -43.73 6.53
CA THR B 251 21.14 -43.25 7.89
C THR B 251 22.04 -42.02 7.87
N TYR B 252 21.50 -40.91 8.38
CA TYR B 252 22.19 -39.63 8.33
C TYR B 252 22.84 -39.32 9.67
N ASN B 253 24.05 -38.74 9.61
CA ASN B 253 24.76 -38.23 10.78
C ASN B 253 25.02 -39.29 11.84
N ASN B 254 25.01 -40.56 11.45
CA ASN B 254 25.18 -41.67 12.40
C ASN B 254 24.20 -41.53 13.57
N HIS B 255 22.96 -41.20 13.25
CA HIS B 255 21.88 -41.06 14.22
C HIS B 255 22.11 -39.95 15.23
N LEU B 256 22.80 -38.88 14.84
CA LEU B 256 23.15 -37.81 15.75
C LEU B 256 22.52 -36.49 15.32
N TYR B 257 22.18 -35.67 16.31
CA TYR B 257 21.77 -34.29 16.05
C TYR B 257 22.98 -33.38 16.13
N LYS B 258 23.39 -32.82 14.99
CA LYS B 258 24.59 -32.02 14.95
C LYS B 258 24.26 -30.58 14.62
N GLN B 259 24.78 -29.67 15.44
CA GLN B 259 24.77 -28.24 15.12
C GLN B 259 25.44 -27.98 13.78
N ILE B 260 24.93 -27.00 13.04
CA ILE B 260 25.56 -26.52 11.82
C ILE B 260 25.51 -25.01 11.81
N SER B 261 26.40 -24.41 11.03
CA SER B 261 26.46 -22.97 10.87
C SER B 261 27.16 -22.67 9.55
N ASN B 262 27.47 -21.40 9.31
CA ASN B 262 28.28 -21.06 8.16
C ASN B 262 29.74 -21.41 8.40
N SER B 263 30.16 -21.42 9.66
CA SER B 263 31.57 -21.68 9.97
C SER B 263 31.91 -23.16 9.78
N THR B 264 30.90 -24.03 9.87
CA THR B 264 31.14 -25.44 9.57
C THR B 264 31.35 -25.66 8.08
N SER B 265 30.50 -25.06 7.24
CA SER B 265 30.70 -25.13 5.80
C SER B 265 31.76 -24.14 5.33
N GLY B 266 32.01 -23.09 6.11
CA GLY B 266 33.00 -22.09 5.76
C GLY B 266 32.47 -20.84 5.10
N GLY B 267 31.16 -20.58 5.17
CA GLY B 267 30.62 -19.39 4.52
C GLY B 267 31.14 -18.12 5.20
N SER B 268 31.81 -17.28 4.42
CA SER B 268 32.43 -16.09 4.97
C SER B 268 31.46 -14.92 5.10
N SER B 269 30.63 -14.69 4.09
CA SER B 269 29.88 -13.44 3.98
C SER B 269 28.82 -13.35 5.07
N ASN B 270 28.39 -12.11 5.36
CA ASN B 270 27.41 -11.88 6.41
C ASN B 270 25.99 -12.19 5.98
N ASP B 271 25.65 -11.93 4.72
CA ASP B 271 24.29 -12.19 4.25
C ASP B 271 23.94 -13.66 4.35
N ASN B 272 24.95 -14.53 4.35
CA ASN B 272 24.76 -15.97 4.35
C ASN B 272 24.86 -16.59 5.73
N ALA B 273 25.05 -15.79 6.77
CA ALA B 273 25.23 -16.34 8.11
C ALA B 273 23.96 -17.04 8.58
N TYR B 274 24.13 -18.23 9.15
CA TYR B 274 22.99 -19.00 9.61
C TYR B 274 23.42 -19.89 10.76
N PHE B 275 22.48 -20.13 11.66
CA PHE B 275 22.64 -21.09 12.73
C PHE B 275 21.50 -22.07 12.65
N GLY B 276 21.78 -23.34 12.90
CA GLY B 276 20.73 -24.33 12.83
C GLY B 276 21.25 -25.71 13.16
N TYR B 277 20.33 -26.68 13.08
CA TYR B 277 20.64 -28.05 13.42
C TYR B 277 20.33 -28.94 12.24
N SER B 278 21.08 -30.04 12.13
CA SER B 278 20.77 -31.10 11.18
C SER B 278 20.36 -32.34 11.96
N THR B 279 19.33 -33.01 11.48
CA THR B 279 18.72 -34.12 12.19
C THR B 279 18.85 -35.41 11.40
N PRO B 280 18.81 -36.56 12.06
CA PRO B 280 18.80 -37.84 11.34
C PRO B 280 17.51 -38.11 10.58
N TRP B 281 16.41 -37.43 10.92
CA TRP B 281 15.12 -37.73 10.35
C TRP B 281 15.05 -37.34 8.88
N GLY B 282 14.33 -38.15 8.11
CA GLY B 282 13.97 -37.83 6.75
C GLY B 282 12.51 -37.40 6.68
N TYR B 283 12.13 -36.87 5.51
CA TYR B 283 10.76 -36.43 5.33
C TYR B 283 10.34 -36.63 3.88
N PHE B 284 9.04 -36.64 3.65
CA PHE B 284 8.47 -36.87 2.33
C PHE B 284 7.92 -35.57 1.76
N ASP B 285 8.43 -35.18 0.60
CA ASP B 285 8.01 -33.96 -0.08
C ASP B 285 7.31 -34.34 -1.38
N PHE B 286 5.99 -34.25 -1.40
CA PHE B 286 5.20 -34.32 -2.63
C PHE B 286 4.72 -32.95 -3.11
N ASN B 287 5.19 -31.87 -2.47
CA ASN B 287 4.67 -30.51 -2.64
C ASN B 287 4.69 -30.01 -4.08
N ARG B 288 5.36 -30.67 -5.01
CA ARG B 288 5.40 -30.23 -6.39
C ARG B 288 4.28 -30.88 -7.20
N PHE B 289 3.74 -30.12 -8.16
CA PHE B 289 2.59 -30.60 -8.93
C PHE B 289 2.87 -31.89 -9.69
N HIS B 290 3.96 -31.95 -10.47
CA HIS B 290 4.10 -33.08 -11.38
C HIS B 290 4.17 -34.43 -10.68
N CYS B 291 4.34 -34.44 -9.36
CA CYS B 291 4.17 -35.68 -8.62
C CYS B 291 2.79 -36.27 -8.86
N HIS B 292 1.75 -35.47 -8.66
CA HIS B 292 0.37 -35.93 -8.75
C HIS B 292 -0.16 -35.99 -10.17
N PHE B 293 0.11 -34.97 -10.99
CA PHE B 293 -0.47 -34.84 -12.31
C PHE B 293 0.51 -35.32 -13.37
N SER B 294 0.10 -36.33 -14.13
CA SER B 294 0.85 -36.70 -15.32
C SER B 294 0.64 -35.65 -16.39
N PRO B 295 1.59 -35.50 -17.32
CA PRO B 295 1.45 -34.47 -18.36
C PRO B 295 0.16 -34.56 -19.15
N ARG B 296 -0.41 -35.76 -19.33
CA ARG B 296 -1.66 -35.87 -20.07
C ARG B 296 -2.83 -35.40 -19.22
N ASP B 297 -2.79 -35.66 -17.91
CA ASP B 297 -3.80 -35.10 -17.03
C ASP B 297 -3.69 -33.58 -16.96
N TRP B 298 -2.46 -33.07 -16.91
CA TRP B 298 -2.26 -31.63 -16.88
C TRP B 298 -2.85 -30.97 -18.11
N GLN B 299 -2.60 -31.55 -19.29
CA GLN B 299 -3.13 -31.00 -20.52
C GLN B 299 -4.66 -30.99 -20.51
N ARG B 300 -5.26 -32.03 -19.91
CA ARG B 300 -6.71 -32.06 -19.80
C ARG B 300 -7.21 -31.04 -18.79
N LEU B 301 -6.41 -30.77 -17.75
CA LEU B 301 -6.83 -29.85 -16.71
C LEU B 301 -6.79 -28.41 -17.18
N ILE B 302 -5.65 -27.97 -17.72
CA ILE B 302 -5.48 -26.57 -18.04
C ILE B 302 -6.28 -26.13 -19.25
N ASN B 303 -6.64 -27.06 -20.13
CA ASN B 303 -7.40 -26.68 -21.32
C ASN B 303 -8.88 -26.53 -21.04
N ASN B 304 -9.45 -27.36 -20.18
CA ASN B 304 -10.90 -27.39 -19.99
C ASN B 304 -11.38 -26.65 -18.76
N ASN B 305 -10.51 -26.08 -17.93
CA ASN B 305 -10.91 -25.63 -16.61
C ASN B 305 -10.40 -24.24 -16.28
N TRP B 306 -11.28 -23.41 -15.73
CA TRP B 306 -10.92 -22.07 -15.24
C TRP B 306 -10.25 -22.08 -13.88
N GLY B 307 -10.61 -23.00 -12.98
CA GLY B 307 -10.02 -22.99 -11.67
C GLY B 307 -9.98 -24.37 -11.07
N PHE B 308 -9.08 -24.54 -10.09
CA PHE B 308 -8.96 -25.79 -9.37
C PHE B 308 -8.34 -25.51 -8.00
N ARG B 309 -8.43 -26.50 -7.13
CA ARG B 309 -7.91 -26.38 -5.76
C ARG B 309 -8.03 -27.72 -5.04
N PRO B 310 -7.12 -28.02 -4.12
CA PRO B 310 -7.16 -29.31 -3.44
C PRO B 310 -8.32 -29.41 -2.47
N LYS B 311 -8.66 -30.65 -2.13
CA LYS B 311 -9.75 -30.92 -1.19
C LYS B 311 -9.32 -31.84 -0.07
N ARG B 312 -8.95 -33.08 -0.37
CA ARG B 312 -8.61 -34.07 0.65
C ARG B 312 -7.27 -34.72 0.31
N LEU B 313 -6.60 -35.22 1.33
CA LEU B 313 -5.26 -35.78 1.19
C LEU B 313 -5.21 -37.11 1.94
N ASN B 314 -4.87 -38.17 1.21
CA ASN B 314 -4.74 -39.51 1.78
C ASN B 314 -3.34 -40.01 1.48
N PHE B 315 -2.64 -40.46 2.51
CA PHE B 315 -1.24 -40.83 2.43
C PHE B 315 -1.04 -42.19 3.07
N LYS B 316 -0.58 -43.16 2.29
CA LYS B 316 -0.31 -44.51 2.78
C LYS B 316 1.15 -44.84 2.61
N LEU B 317 1.71 -45.53 3.61
CA LEU B 317 3.11 -45.92 3.63
C LEU B 317 3.18 -47.40 3.99
N PHE B 318 3.71 -48.22 3.08
CA PHE B 318 3.60 -49.66 3.22
C PHE B 318 4.75 -50.36 2.52
N ASN B 319 4.71 -51.70 2.57
CA ASN B 319 5.74 -52.56 2.00
C ASN B 319 7.13 -52.21 2.53
N ILE B 320 7.21 -52.00 3.85
CA ILE B 320 8.48 -51.64 4.47
C ILE B 320 9.45 -52.81 4.38
N GLN B 321 10.65 -52.54 3.87
CA GLN B 321 11.69 -53.55 3.76
C GLN B 321 12.96 -52.98 4.37
N VAL B 322 13.40 -53.55 5.48
CA VAL B 322 14.59 -53.08 6.19
C VAL B 322 15.75 -53.98 5.82
N LYS B 323 16.89 -53.37 5.50
CA LYS B 323 18.08 -54.10 5.11
C LYS B 323 19.19 -53.88 6.14
N GLU B 324 20.10 -54.84 6.23
CA GLU B 324 21.31 -54.69 7.01
C GLU B 324 22.50 -54.91 6.09
N VAL B 325 23.63 -54.29 6.41
CA VAL B 325 24.81 -54.33 5.57
C VAL B 325 26.02 -54.66 6.45
N THR B 326 26.81 -55.64 6.03
CA THR B 326 28.13 -55.90 6.59
C THR B 326 29.13 -55.85 5.44
N ASP B 327 30.01 -54.84 5.47
CA ASP B 327 30.95 -54.60 4.39
C ASP B 327 32.33 -55.06 4.85
N ASN B 328 32.82 -56.13 4.24
CA ASN B 328 34.16 -56.64 4.51
C ASN B 328 35.14 -55.81 3.69
N ASN B 329 36.39 -56.26 3.62
CA ASN B 329 37.44 -55.49 2.93
C ASN B 329 37.05 -55.17 1.50
N GLY B 330 36.77 -56.20 0.70
CA GLY B 330 36.49 -56.00 -0.71
C GLY B 330 35.04 -56.10 -1.12
N VAL B 331 34.18 -56.63 -0.25
CA VAL B 331 32.81 -56.95 -0.61
C VAL B 331 31.87 -56.52 0.51
N LYS B 332 30.69 -56.04 0.13
CA LYS B 332 29.63 -55.71 1.06
C LYS B 332 28.45 -56.65 0.84
N THR B 333 27.98 -57.27 1.92
CA THR B 333 26.91 -58.25 1.87
C THR B 333 25.63 -57.63 2.40
N ILE B 334 24.62 -57.53 1.52
CA ILE B 334 23.36 -56.88 1.83
C ILE B 334 22.36 -57.95 2.25
N ALA B 335 21.95 -57.91 3.52
CA ALA B 335 21.01 -58.89 4.05
C ALA B 335 19.83 -58.17 4.66
N ASN B 336 18.71 -58.89 4.74
CA ASN B 336 17.51 -58.36 5.38
C ASN B 336 17.69 -58.34 6.89
N ASN B 337 16.87 -57.54 7.56
CA ASN B 337 16.77 -57.58 9.03
C ASN B 337 15.29 -57.61 9.37
N LEU B 338 14.85 -58.72 9.97
CA LEU B 338 13.43 -58.95 10.18
C LEU B 338 12.88 -58.26 11.42
N THR B 339 13.67 -58.12 12.48
CA THR B 339 13.19 -57.58 13.75
C THR B 339 13.45 -56.09 13.89
N SER B 340 14.09 -55.46 12.92
CA SER B 340 14.34 -54.02 12.99
C SER B 340 13.08 -53.23 12.65
N THR B 341 13.05 -51.99 13.13
CA THR B 341 11.87 -51.13 13.05
C THR B 341 12.20 -49.84 12.33
N VAL B 342 11.15 -49.15 11.89
CA VAL B 342 11.26 -47.85 11.27
C VAL B 342 10.27 -46.89 11.94
N GLN B 343 10.80 -45.86 12.59
CA GLN B 343 9.99 -44.85 13.24
C GLN B 343 9.47 -43.87 12.19
N VAL B 344 8.21 -43.47 12.33
CA VAL B 344 7.59 -42.48 11.47
C VAL B 344 6.49 -41.77 12.26
N PHE B 345 6.30 -40.49 11.98
CA PHE B 345 5.16 -39.78 12.53
C PHE B 345 4.86 -38.59 11.65
N THR B 346 3.66 -38.04 11.81
CA THR B 346 3.25 -36.80 11.17
C THR B 346 3.20 -35.70 12.21
N ASP B 347 3.48 -34.48 11.81
CA ASP B 347 3.34 -33.33 12.69
C ASP B 347 2.05 -32.63 12.32
N SER B 348 1.00 -32.88 13.11
CA SER B 348 -0.28 -32.24 12.90
C SER B 348 -0.50 -31.05 13.81
N ASP B 349 0.41 -30.80 14.74
CA ASP B 349 0.33 -29.64 15.61
C ASP B 349 1.18 -28.48 15.11
N TYR B 350 1.93 -28.67 14.03
CA TYR B 350 2.73 -27.61 13.42
C TYR B 350 3.72 -27.04 14.42
N GLN B 351 4.16 -27.89 15.35
CA GLN B 351 5.09 -27.49 16.40
C GLN B 351 6.54 -27.52 15.95
N LEU B 352 6.83 -28.22 14.86
CA LEU B 352 8.17 -28.21 14.29
C LEU B 352 8.31 -27.11 13.25
N PRO B 353 9.53 -26.67 12.97
CA PRO B 353 9.76 -25.79 11.83
C PRO B 353 9.31 -26.46 10.55
N TYR B 354 8.77 -25.66 9.63
CA TYR B 354 8.13 -26.18 8.42
C TYR B 354 9.01 -25.82 7.24
N VAL B 355 9.67 -26.84 6.66
CA VAL B 355 10.63 -26.64 5.58
C VAL B 355 10.04 -26.89 4.21
N LEU B 356 8.78 -27.30 4.12
CA LEU B 356 8.21 -27.63 2.82
C LEU B 356 7.85 -26.41 1.99
N GLY B 357 8.00 -25.21 2.53
CA GLY B 357 7.58 -24.02 1.81
C GLY B 357 8.66 -23.33 1.00
N SER B 358 9.88 -23.87 1.02
CA SER B 358 11.01 -23.23 0.36
C SER B 358 11.30 -23.78 -1.03
N ALA B 359 10.48 -24.71 -1.53
CA ALA B 359 10.66 -25.30 -2.85
C ALA B 359 12.03 -25.96 -2.99
N HIS B 360 12.36 -26.84 -2.05
CA HIS B 360 13.58 -27.62 -2.11
C HIS B 360 13.47 -28.78 -3.09
N GLU B 361 14.62 -29.29 -3.49
CA GLU B 361 14.68 -30.55 -4.22
C GLU B 361 14.37 -31.68 -3.25
N GLY B 362 14.30 -32.90 -3.75
CA GLY B 362 13.90 -34.04 -2.95
C GLY B 362 12.44 -34.41 -3.05
N CYS B 363 11.73 -33.84 -4.01
CA CYS B 363 10.34 -34.20 -4.26
C CYS B 363 10.24 -35.60 -4.82
N LEU B 364 9.05 -36.18 -4.73
CA LEU B 364 8.76 -37.40 -5.47
C LEU B 364 9.06 -37.17 -6.95
N PRO B 365 9.69 -38.11 -7.64
CA PRO B 365 10.07 -37.86 -9.02
C PRO B 365 8.85 -37.87 -9.92
N PRO B 366 8.91 -37.22 -11.08
CA PRO B 366 7.73 -37.18 -11.95
C PRO B 366 7.41 -38.53 -12.58
N PHE B 367 8.39 -39.39 -12.75
CA PHE B 367 8.12 -40.59 -13.53
C PHE B 367 7.92 -41.77 -12.59
N PRO B 368 6.81 -42.50 -12.73
CA PRO B 368 6.45 -43.50 -11.71
C PRO B 368 7.50 -44.57 -11.47
N ALA B 369 8.27 -44.95 -12.48
CA ALA B 369 9.23 -46.04 -12.32
C ALA B 369 10.54 -45.58 -11.69
N ASP B 370 10.67 -44.31 -11.36
CA ASP B 370 11.88 -43.81 -10.72
C ASP B 370 11.88 -44.15 -9.23
N VAL B 371 13.06 -44.46 -8.72
CA VAL B 371 13.29 -44.72 -7.31
C VAL B 371 14.07 -43.55 -6.75
N PHE B 372 13.58 -42.96 -5.67
CA PHE B 372 14.12 -41.70 -5.17
C PHE B 372 14.61 -41.85 -3.74
N MET B 373 15.41 -40.88 -3.31
CA MET B 373 16.06 -40.91 -2.02
C MET B 373 15.45 -39.86 -1.10
N ILE B 374 15.07 -40.26 0.10
CA ILE B 374 14.44 -39.34 1.05
C ILE B 374 15.45 -38.28 1.47
N PRO B 375 15.10 -37.01 1.44
CA PRO B 375 16.03 -35.96 1.86
C PRO B 375 16.20 -35.93 3.37
N GLN B 376 17.25 -35.26 3.81
CA GLN B 376 17.53 -35.13 5.23
C GLN B 376 16.80 -33.91 5.80
N TYR B 377 16.31 -34.04 7.03
CA TYR B 377 15.57 -32.96 7.65
C TYR B 377 16.48 -32.09 8.49
N GLY B 378 16.38 -30.78 8.26
CA GLY B 378 17.10 -29.81 9.05
C GLY B 378 16.28 -28.54 9.12
N TYR B 379 16.70 -27.65 10.01
CA TYR B 379 16.01 -26.38 10.16
C TYR B 379 16.98 -25.35 10.69
N LEU B 380 16.59 -24.09 10.56
CA LEU B 380 17.39 -22.97 11.02
C LEU B 380 16.64 -22.17 12.06
N THR B 381 17.38 -21.38 12.82
CA THR B 381 16.77 -20.58 13.88
C THR B 381 17.50 -19.25 14.02
N LEU B 382 17.18 -18.49 15.07
CA LEU B 382 17.76 -17.16 15.24
C LEU B 382 19.27 -17.25 15.35
N ASN B 383 19.94 -16.18 14.93
CA ASN B 383 21.39 -16.11 15.01
C ASN B 383 21.83 -14.65 15.03
N ASP B 384 23.04 -14.44 15.53
CA ASP B 384 23.76 -13.18 15.38
C ASP B 384 25.16 -13.56 14.93
N GLY B 385 25.53 -13.18 13.72
CA GLY B 385 26.73 -13.75 13.13
C GLY B 385 26.52 -15.24 12.99
N SER B 386 27.58 -16.01 13.21
CA SER B 386 27.47 -17.46 13.18
C SER B 386 27.14 -18.05 14.54
N GLN B 387 26.93 -17.21 15.55
CA GLN B 387 26.61 -17.69 16.89
C GLN B 387 25.13 -17.51 17.17
N ALA B 388 24.58 -18.46 17.91
CA ALA B 388 23.17 -18.43 18.26
C ALA B 388 22.94 -17.39 19.35
N VAL B 389 21.68 -17.20 19.70
CA VAL B 389 21.28 -16.31 20.78
C VAL B 389 20.38 -17.09 21.73
N GLY B 390 20.19 -16.54 22.92
CA GLY B 390 19.39 -17.21 23.93
C GLY B 390 17.94 -17.42 23.55
N ARG B 391 17.48 -16.76 22.48
CA ARG B 391 16.11 -16.95 22.03
C ARG B 391 15.97 -18.08 21.02
N SER B 392 17.08 -18.60 20.50
CA SER B 392 17.02 -19.67 19.52
C SER B 392 16.42 -20.92 20.13
N SER B 393 15.86 -21.78 19.29
CA SER B 393 15.21 -23.00 19.76
C SER B 393 15.90 -24.23 19.18
N PHE B 394 15.92 -25.29 19.96
CA PHE B 394 16.41 -26.59 19.55
C PHE B 394 15.30 -27.61 19.70
N TYR B 395 14.96 -28.30 18.62
CA TYR B 395 13.87 -29.26 18.60
C TYR B 395 14.45 -30.66 18.40
N CYS B 396 14.36 -31.49 19.44
CA CYS B 396 14.72 -32.90 19.34
C CYS B 396 13.46 -33.68 18.98
N LEU B 397 13.44 -34.22 17.77
CA LEU B 397 12.24 -34.86 17.25
C LEU B 397 11.88 -36.13 18.00
N GLU B 398 12.82 -36.71 18.75
CA GLU B 398 12.54 -37.87 19.57
C GLU B 398 11.45 -37.61 20.59
N TYR B 399 11.28 -36.36 21.01
CA TYR B 399 10.32 -35.96 22.03
C TYR B 399 8.88 -36.07 21.55
N PHE B 400 8.66 -36.32 20.25
CA PHE B 400 7.39 -36.54 19.58
C PHE B 400 7.05 -38.03 19.53
N PRO B 401 5.78 -38.38 19.73
CA PRO B 401 5.39 -39.79 19.59
C PRO B 401 5.42 -40.19 18.13
N SER B 402 5.86 -41.43 17.88
CA SER B 402 6.02 -41.93 16.52
C SER B 402 5.58 -43.38 16.46
N GLN B 403 4.91 -43.72 15.36
CA GLN B 403 4.46 -45.09 15.13
C GLN B 403 5.57 -45.91 14.51
N MET B 404 5.99 -46.97 15.21
CA MET B 404 7.09 -47.82 14.79
C MET B 404 6.55 -48.95 13.93
N LEU B 405 7.25 -49.25 12.84
CA LEU B 405 6.81 -50.22 11.85
C LEU B 405 7.92 -51.22 11.58
N ARG B 406 7.58 -52.51 11.65
CA ARG B 406 8.46 -53.54 11.11
C ARG B 406 8.06 -53.85 9.68
N THR B 407 8.61 -54.93 9.13
CA THR B 407 8.40 -55.24 7.72
C THR B 407 6.95 -55.57 7.39
N GLY B 408 6.10 -55.83 8.39
CA GLY B 408 4.71 -56.10 8.10
C GLY B 408 3.73 -54.98 8.38
N ASN B 409 4.15 -53.96 9.12
CA ASN B 409 3.25 -52.88 9.47
C ASN B 409 3.14 -51.86 8.34
N ASN B 410 2.02 -51.15 8.31
CA ASN B 410 1.76 -50.08 7.36
C ASN B 410 1.25 -48.85 8.10
N PHE B 411 1.23 -47.72 7.39
CA PHE B 411 0.92 -46.43 7.97
C PHE B 411 0.07 -45.61 7.02
N GLN B 412 -1.01 -45.03 7.54
CA GLN B 412 -1.84 -44.16 6.72
C GLN B 412 -2.44 -43.07 7.59
N PHE B 413 -2.81 -41.97 6.93
CA PHE B 413 -3.58 -40.92 7.57
C PHE B 413 -4.29 -40.14 6.49
N SER B 414 -5.28 -39.36 6.90
CA SER B 414 -6.02 -38.49 6.00
C SER B 414 -5.83 -37.04 6.42
N TYR B 415 -6.07 -36.14 5.48
CA TYR B 415 -5.92 -34.70 5.72
C TYR B 415 -6.97 -33.94 4.94
N GLU B 416 -7.43 -32.84 5.51
CA GLU B 416 -8.45 -31.99 4.91
C GLU B 416 -7.83 -30.62 4.61
N PHE B 417 -7.68 -30.30 3.33
CA PHE B 417 -7.23 -28.97 2.96
C PHE B 417 -8.23 -27.93 3.43
N GLU B 418 -7.73 -26.92 4.16
CA GLU B 418 -8.63 -25.87 4.59
C GLU B 418 -9.10 -25.06 3.39
N ASN B 419 -10.22 -24.38 3.58
CA ASN B 419 -10.86 -23.67 2.47
C ASN B 419 -9.92 -22.61 1.91
N VAL B 420 -9.67 -22.68 0.61
CA VAL B 420 -8.79 -21.74 -0.08
C VAL B 420 -9.44 -21.40 -1.41
N PRO B 421 -9.14 -20.22 -1.96
CA PRO B 421 -9.77 -19.83 -3.22
C PRO B 421 -9.25 -20.65 -4.37
N PHE B 422 -10.09 -20.82 -5.40
CA PHE B 422 -9.70 -21.57 -6.58
C PHE B 422 -8.60 -20.81 -7.26
N HIS B 423 -7.50 -21.48 -7.57
CA HIS B 423 -6.41 -20.80 -8.23
C HIS B 423 -6.93 -20.35 -9.57
N SER B 424 -6.69 -19.11 -9.94
CA SER B 424 -7.19 -18.62 -11.22
C SER B 424 -6.42 -19.29 -12.33
N SER B 425 -7.12 -19.81 -13.32
CA SER B 425 -6.46 -20.44 -14.45
C SER B 425 -7.05 -19.94 -15.74
N TYR B 426 -6.84 -18.66 -16.03
CA TYR B 426 -7.32 -18.06 -17.25
C TYR B 426 -6.55 -16.80 -17.54
N ALA B 427 -6.61 -16.34 -18.78
CA ALA B 427 -5.94 -15.13 -19.17
C ALA B 427 -7.03 -14.17 -19.61
N HIS B 428 -6.99 -12.95 -19.10
CA HIS B 428 -8.01 -11.94 -19.39
C HIS B 428 -8.07 -11.48 -20.84
N SER B 429 -9.23 -11.67 -21.46
CA SER B 429 -9.45 -11.23 -22.83
C SER B 429 -9.40 -9.71 -22.94
N GLN B 430 -9.94 -9.01 -21.96
CA GLN B 430 -9.96 -7.55 -21.97
C GLN B 430 -8.95 -6.95 -21.02
N SER B 431 -8.09 -6.09 -21.53
CA SER B 431 -7.09 -5.44 -20.70
C SER B 431 -7.74 -4.39 -19.81
N LEU B 432 -7.12 -4.08 -18.68
CA LEU B 432 -7.68 -3.11 -17.73
C LEU B 432 -7.87 -1.70 -18.28
N ASP B 433 -6.95 -1.25 -19.12
CA ASP B 433 -7.06 0.09 -19.68
C ASP B 433 -8.08 0.19 -20.81
N ARG B 434 -8.64 -0.93 -21.22
CA ARG B 434 -9.60 -0.95 -22.33
C ARG B 434 -11.04 -1.34 -21.97
N LEU B 435 -11.41 -1.23 -20.70
CA LEU B 435 -12.76 -1.59 -20.28
C LEU B 435 -13.92 -0.76 -20.85
N MET B 436 -13.71 0.54 -21.00
CA MET B 436 -14.77 1.45 -21.48
C MET B 436 -15.27 1.19 -22.89
N ASN B 437 -16.55 1.43 -23.12
CA ASN B 437 -17.14 1.23 -24.44
C ASN B 437 -16.51 2.22 -25.42
N PRO B 438 -16.10 1.71 -26.58
CA PRO B 438 -15.43 2.39 -27.71
C PRO B 438 -16.22 3.45 -28.47
N LEU B 439 -17.50 3.21 -28.68
CA LEU B 439 -18.33 4.11 -29.47
C LEU B 439 -19.05 5.25 -28.77
N ILE B 440 -18.91 5.38 -27.45
CA ILE B 440 -19.66 6.44 -26.78
C ILE B 440 -18.72 7.35 -26.01
N ASP B 441 -19.01 8.65 -26.06
CA ASP B 441 -18.33 9.62 -25.22
C ASP B 441 -18.78 9.48 -23.78
N GLN B 442 -17.85 9.67 -22.86
CA GLN B 442 -18.22 9.86 -21.47
C GLN B 442 -18.74 11.27 -21.26
N TYR B 443 -19.47 11.46 -20.16
CA TYR B 443 -19.90 12.79 -19.75
C TYR B 443 -18.89 13.49 -18.86
N LEU B 444 -17.71 12.90 -18.67
CA LEU B 444 -16.68 13.53 -17.88
C LEU B 444 -15.70 14.29 -18.77
N TYR B 445 -15.22 15.42 -18.25
CA TYR B 445 -14.32 16.30 -18.96
C TYR B 445 -12.92 16.22 -18.37
N TYR B 446 -11.93 16.46 -19.22
CA TYR B 446 -10.54 16.49 -18.80
C TYR B 446 -9.93 17.81 -19.25
N LEU B 447 -8.73 18.10 -18.76
CA LEU B 447 -8.09 19.39 -19.03
C LEU B 447 -7.23 19.25 -20.28
N SER B 448 -7.68 19.87 -21.38
CA SER B 448 -7.05 19.70 -22.68
C SER B 448 -5.84 20.59 -22.91
N LYS B 449 -5.95 21.88 -22.64
CA LYS B 449 -4.92 22.83 -23.03
C LYS B 449 -4.70 23.85 -21.93
N THR B 450 -3.43 24.08 -21.58
CA THR B 450 -3.11 25.09 -20.58
C THR B 450 -2.64 26.41 -21.20
N ILE B 451 -2.54 26.51 -22.53
CA ILE B 451 -2.19 27.75 -23.20
C ILE B 451 -2.89 27.82 -24.54
N ASN B 452 -3.07 29.06 -25.02
CA ASN B 452 -3.60 29.27 -26.37
C ASN B 452 -2.53 29.11 -27.44
N GLY B 453 -1.30 29.55 -27.15
CA GLY B 453 -0.25 29.46 -28.11
C GLY B 453 1.02 30.10 -27.59
N SER B 454 2.03 30.20 -28.45
CA SER B 454 3.30 30.79 -28.06
C SER B 454 3.14 32.28 -27.81
N GLY B 455 3.79 32.77 -26.78
CA GLY B 455 3.77 34.17 -26.46
C GLY B 455 3.91 34.39 -24.97
N GLN B 456 3.66 35.63 -24.56
CA GLN B 456 3.75 36.03 -23.17
C GLN B 456 2.36 36.05 -22.54
N ASN B 457 2.24 35.43 -21.37
CA ASN B 457 1.00 35.46 -20.58
C ASN B 457 -0.16 34.85 -21.36
N GLN B 458 0.07 33.69 -21.95
CA GLN B 458 -0.92 33.00 -22.78
C GLN B 458 -1.73 31.96 -22.01
N GLN B 459 -1.58 31.88 -20.68
CA GLN B 459 -2.24 30.84 -19.91
C GLN B 459 -3.75 30.85 -20.14
N THR B 460 -4.33 29.65 -20.21
CA THR B 460 -5.77 29.50 -20.32
C THR B 460 -6.15 28.09 -19.88
N LEU B 461 -7.41 27.91 -19.55
CA LEU B 461 -7.95 26.61 -19.18
C LEU B 461 -9.02 26.20 -20.19
N LYS B 462 -8.81 25.07 -20.84
CA LYS B 462 -9.72 24.53 -21.83
C LYS B 462 -10.00 23.08 -21.52
N PHE B 463 -11.28 22.73 -21.42
CA PHE B 463 -11.69 21.38 -21.09
C PHE B 463 -12.30 20.72 -22.31
N SER B 464 -12.15 19.40 -22.41
CA SER B 464 -12.64 18.65 -23.55
C SER B 464 -13.31 17.38 -23.04
N VAL B 465 -14.03 16.71 -23.94
CA VAL B 465 -14.74 15.49 -23.56
C VAL B 465 -13.82 14.28 -23.73
N ALA B 466 -13.81 13.42 -22.73
CA ALA B 466 -13.12 12.14 -22.85
C ALA B 466 -13.95 11.21 -23.72
N GLY B 467 -13.35 10.70 -24.78
CA GLY B 467 -14.07 9.91 -25.75
C GLY B 467 -13.19 8.96 -26.53
N PRO B 468 -13.77 8.29 -27.53
CA PRO B 468 -13.00 7.31 -28.30
C PRO B 468 -11.79 7.90 -29.00
N SER B 469 -11.83 9.17 -29.40
CA SER B 469 -10.69 9.76 -30.09
C SER B 469 -9.45 9.72 -29.23
N ASN B 470 -9.55 10.13 -27.96
CA ASN B 470 -8.45 10.00 -27.01
C ASN B 470 -8.95 9.12 -25.86
N MET B 471 -8.46 7.88 -25.82
CA MET B 471 -8.91 6.94 -24.81
C MET B 471 -8.04 6.91 -23.57
N ALA B 472 -6.88 7.56 -23.60
CA ALA B 472 -5.95 7.45 -22.48
C ALA B 472 -6.42 8.25 -21.28
N VAL B 473 -7.20 9.32 -21.50
CA VAL B 473 -7.54 10.25 -20.44
C VAL B 473 -8.88 9.99 -19.80
N GLN B 474 -9.60 8.95 -20.21
CA GLN B 474 -10.92 8.73 -19.65
C GLN B 474 -10.84 8.32 -18.18
N GLY B 475 -11.91 8.60 -17.46
CA GLY B 475 -11.98 8.19 -16.06
C GLY B 475 -12.17 6.69 -15.94
N ARG B 476 -11.43 6.09 -15.02
CA ARG B 476 -11.49 4.65 -14.81
C ARG B 476 -11.72 4.34 -13.34
N ASN B 477 -12.39 3.22 -13.10
CA ASN B 477 -12.77 2.82 -11.75
C ASN B 477 -11.75 1.93 -11.07
N TYR B 478 -10.75 1.43 -11.78
CA TYR B 478 -9.78 0.52 -11.19
C TYR B 478 -8.43 0.70 -11.86
N ILE B 479 -7.38 0.41 -11.10
CA ILE B 479 -6.01 0.70 -11.51
C ILE B 479 -5.17 -0.54 -11.28
N PRO B 480 -4.09 -0.72 -12.02
CA PRO B 480 -3.32 -1.96 -11.93
C PRO B 480 -2.64 -2.12 -10.57
N GLY B 481 -2.22 -3.36 -10.31
CA GLY B 481 -1.65 -3.72 -9.04
C GLY B 481 -0.28 -3.13 -8.78
N PRO B 482 0.34 -3.52 -7.67
CA PRO B 482 1.61 -2.91 -7.26
C PRO B 482 2.77 -3.40 -8.11
N SER B 483 3.86 -2.64 -8.06
CA SER B 483 5.09 -3.00 -8.75
C SER B 483 6.28 -2.68 -7.87
N TYR B 484 7.31 -3.51 -7.97
CA TYR B 484 8.59 -3.28 -7.31
C TYR B 484 9.63 -3.56 -8.37
N ARG B 485 10.34 -2.54 -8.86
CA ARG B 485 10.97 -2.71 -10.16
C ARG B 485 12.20 -3.60 -10.10
N GLN B 486 12.15 -4.68 -10.88
CA GLN B 486 13.28 -5.56 -11.15
C GLN B 486 14.19 -4.91 -12.19
N GLN B 487 15.45 -5.32 -12.22
CA GLN B 487 16.33 -4.96 -13.31
C GLN B 487 16.06 -5.85 -14.52
N ARG B 488 16.23 -5.29 -15.71
CA ARG B 488 15.88 -5.97 -16.95
C ARG B 488 17.11 -6.59 -17.59
N VAL B 489 17.17 -7.92 -17.62
CA VAL B 489 18.26 -8.66 -18.23
C VAL B 489 17.78 -9.20 -19.56
N SER B 490 18.61 -9.07 -20.59
CA SER B 490 18.25 -9.50 -21.94
C SER B 490 18.88 -10.85 -22.27
N THR B 491 18.10 -11.70 -22.93
CA THR B 491 18.59 -13.02 -23.33
C THR B 491 19.55 -12.97 -24.51
N THR B 492 19.73 -11.81 -25.13
CA THR B 492 20.74 -11.62 -26.16
C THR B 492 21.92 -10.90 -25.51
N VAL B 493 23.02 -11.60 -25.31
CA VAL B 493 24.05 -11.09 -24.40
C VAL B 493 24.70 -9.83 -24.95
N THR B 494 24.71 -9.63 -26.26
CA THR B 494 25.35 -8.44 -26.80
C THR B 494 24.63 -7.16 -26.38
N GLN B 495 23.42 -7.29 -25.85
CA GLN B 495 22.67 -6.12 -25.41
C GLN B 495 22.90 -5.76 -23.95
N ASN B 496 23.30 -6.73 -23.14
CA ASN B 496 23.56 -6.48 -21.72
C ASN B 496 24.81 -5.64 -21.53
N ASN B 497 24.83 -4.85 -20.46
CA ASN B 497 25.96 -3.99 -20.14
C ASN B 497 27.18 -4.85 -19.84
N ASN B 498 28.37 -4.41 -20.24
CA ASN B 498 29.58 -5.18 -20.02
C ASN B 498 30.17 -4.98 -18.63
N SER B 499 29.48 -5.49 -17.61
CA SER B 499 29.95 -5.39 -16.24
C SER B 499 29.23 -6.46 -15.41
N GLU B 500 29.72 -6.72 -14.21
CA GLU B 500 29.09 -7.72 -13.37
C GLU B 500 28.04 -7.06 -12.52
N PHE B 501 26.79 -7.14 -12.94
CA PHE B 501 25.70 -6.52 -12.21
C PHE B 501 24.73 -7.53 -11.62
N ALA B 502 25.15 -8.79 -11.52
CA ALA B 502 24.27 -9.81 -10.99
C ALA B 502 23.85 -9.58 -9.55
N TRP B 503 24.78 -9.15 -8.70
CA TRP B 503 24.42 -8.88 -7.30
C TRP B 503 24.21 -7.41 -7.01
N PRO B 504 25.00 -6.55 -7.65
CA PRO B 504 24.92 -5.10 -7.47
C PRO B 504 23.62 -4.45 -7.93
N GLY B 505 23.08 -4.86 -9.06
CA GLY B 505 21.86 -4.27 -9.58
C GLY B 505 20.56 -4.94 -9.19
N ALA B 506 20.63 -6.06 -8.49
CA ALA B 506 19.43 -6.79 -8.09
C ALA B 506 18.59 -6.12 -7.02
N SER B 507 17.28 -6.19 -7.17
CA SER B 507 16.35 -5.65 -6.19
C SER B 507 16.40 -6.58 -5.01
N SER B 508 16.37 -6.04 -3.79
CA SER B 508 16.44 -6.88 -2.61
C SER B 508 15.93 -6.22 -1.35
N TRP B 509 15.30 -7.01 -0.48
CA TRP B 509 14.77 -6.49 0.76
C TRP B 509 15.70 -6.84 1.91
N ALA B 510 15.95 -5.86 2.77
CA ALA B 510 16.90 -5.99 3.86
C ALA B 510 16.16 -6.21 5.17
N LEU B 511 16.62 -7.19 5.94
CA LEU B 511 16.00 -7.56 7.20
C LEU B 511 17.09 -7.78 8.23
N ASN B 512 17.06 -7.00 9.30
CA ASN B 512 18.01 -7.11 10.41
C ASN B 512 19.45 -6.98 9.92
N GLY B 513 19.64 -6.16 8.89
CA GLY B 513 20.96 -5.89 8.36
C GLY B 513 21.48 -6.91 7.36
N ARG B 514 20.73 -7.97 7.09
CA ARG B 514 21.12 -8.97 6.11
C ARG B 514 20.30 -8.80 4.85
N ASN B 515 20.97 -8.50 3.74
CA ASN B 515 20.32 -8.26 2.47
C ASN B 515 19.93 -9.57 1.82
N SER B 516 18.63 -9.75 1.59
CA SER B 516 18.12 -10.91 0.89
C SER B 516 17.53 -10.51 -0.44
N LEU B 517 17.97 -11.16 -1.51
CA LEU B 517 17.49 -10.87 -2.84
C LEU B 517 15.98 -11.00 -2.90
N MET B 518 15.35 -10.21 -3.76
CA MET B 518 13.90 -10.28 -3.94
C MET B 518 13.65 -11.31 -5.02
N ASN B 519 13.12 -12.46 -4.61
CA ASN B 519 12.83 -13.53 -5.53
C ASN B 519 11.60 -14.26 -5.05
N PRO B 520 10.69 -14.61 -5.97
CA PRO B 520 10.54 -14.06 -7.30
C PRO B 520 10.02 -12.63 -7.25
N GLY B 521 9.47 -12.23 -6.12
CA GLY B 521 8.96 -10.89 -5.95
C GLY B 521 7.45 -10.82 -6.13
N PRO B 522 6.90 -9.62 -6.09
CA PRO B 522 5.46 -9.46 -6.36
C PRO B 522 5.12 -9.92 -7.77
N ALA B 523 3.86 -10.25 -7.98
CA ALA B 523 3.43 -10.75 -9.28
C ALA B 523 3.37 -9.61 -10.27
N MET B 524 4.14 -9.74 -11.36
CA MET B 524 4.23 -8.70 -12.38
C MET B 524 4.51 -9.36 -13.72
N ALA B 525 4.03 -8.71 -14.78
CA ALA B 525 4.31 -9.19 -16.12
C ALA B 525 5.81 -9.19 -16.37
N SER B 526 6.30 -10.20 -17.10
CA SER B 526 7.73 -10.34 -17.28
C SER B 526 8.27 -9.36 -18.31
N HIS B 527 7.47 -9.02 -19.31
CA HIS B 527 7.96 -8.20 -20.41
C HIS B 527 6.79 -7.52 -21.10
N LYS B 528 7.10 -6.45 -21.83
CA LYS B 528 6.09 -5.75 -22.60
C LYS B 528 5.69 -6.57 -23.82
N GLU B 529 4.52 -6.27 -24.35
CA GLU B 529 4.05 -6.97 -25.54
C GLU B 529 4.95 -6.71 -26.72
N GLY B 530 5.40 -7.78 -27.35
CA GLY B 530 6.27 -7.70 -28.49
C GLY B 530 7.73 -8.00 -28.20
N GLU B 531 8.16 -7.88 -26.95
CA GLU B 531 9.54 -8.16 -26.57
C GLU B 531 9.53 -9.36 -25.65
N ASP B 532 9.93 -10.52 -26.17
CA ASP B 532 10.04 -11.72 -25.37
C ASP B 532 11.48 -12.02 -24.95
N ARG B 533 12.45 -11.24 -25.40
CA ARG B 533 13.85 -11.56 -25.15
C ARG B 533 14.36 -10.97 -23.85
N PHE B 534 13.55 -10.16 -23.16
CA PHE B 534 13.91 -9.59 -21.89
C PHE B 534 13.20 -10.33 -20.77
N PHE B 535 13.82 -10.36 -19.60
CA PHE B 535 13.20 -10.98 -18.45
C PHE B 535 13.73 -10.28 -17.22
N PRO B 536 12.92 -10.19 -16.15
CA PRO B 536 13.37 -9.52 -14.93
C PRO B 536 14.54 -10.28 -14.36
N LEU B 537 15.50 -9.57 -13.79
CA LEU B 537 16.71 -10.23 -13.32
C LEU B 537 16.45 -11.30 -12.27
N SER B 538 15.61 -11.02 -11.30
CA SER B 538 15.29 -12.03 -10.29
C SER B 538 13.80 -12.31 -10.24
N GLY B 539 13.05 -11.65 -11.11
CA GLY B 539 11.61 -11.79 -11.14
C GLY B 539 10.95 -13.11 -11.49
N SER B 540 11.48 -13.80 -12.49
CA SER B 540 10.86 -15.04 -12.94
C SER B 540 11.48 -16.33 -12.47
N LEU B 541 10.61 -17.30 -12.16
CA LEU B 541 11.02 -18.63 -11.75
C LEU B 541 11.83 -19.28 -12.87
N ILE B 542 12.91 -19.95 -12.49
CA ILE B 542 13.80 -20.60 -13.46
C ILE B 542 13.97 -22.05 -13.05
N PHE B 543 13.77 -22.96 -14.00
CA PHE B 543 13.90 -24.39 -13.78
C PHE B 543 15.04 -24.93 -14.64
N GLY B 544 15.73 -25.94 -14.11
CA GLY B 544 16.76 -26.62 -14.87
C GLY B 544 16.21 -27.71 -15.78
N LYS B 545 16.82 -27.84 -16.95
CA LYS B 545 16.51 -28.96 -17.82
C LYS B 545 17.14 -30.24 -17.29
N GLN B 546 16.64 -31.37 -17.77
CA GLN B 546 17.17 -32.66 -17.33
C GLN B 546 18.66 -32.74 -17.62
N GLY B 547 19.44 -33.03 -16.59
CA GLY B 547 20.88 -33.09 -16.70
C GLY B 547 21.60 -31.77 -16.55
N THR B 548 20.88 -30.69 -16.28
CA THR B 548 21.52 -29.39 -16.12
C THR B 548 22.42 -29.39 -14.90
N GLY B 549 23.65 -28.91 -15.08
CA GLY B 549 24.63 -28.90 -14.02
C GLY B 549 24.18 -28.04 -12.85
N ARG B 550 24.93 -28.16 -11.75
CA ARG B 550 24.59 -27.43 -10.54
C ARG B 550 25.09 -25.99 -10.57
N ASP B 551 26.18 -25.71 -11.28
CA ASP B 551 26.79 -24.38 -11.27
C ASP B 551 27.07 -23.88 -12.67
N ASN B 552 26.81 -22.60 -12.89
CA ASN B 552 27.31 -21.87 -14.05
C ASN B 552 26.87 -22.49 -15.37
N VAL B 553 25.59 -22.83 -15.46
CA VAL B 553 25.05 -23.32 -16.73
C VAL B 553 24.58 -22.15 -17.57
N ASP B 554 24.79 -22.25 -18.89
CA ASP B 554 24.46 -21.16 -19.79
C ASP B 554 22.94 -21.05 -19.95
N ALA B 555 22.54 -20.10 -20.79
CA ALA B 555 21.12 -19.76 -20.93
C ALA B 555 20.28 -20.89 -21.50
N ASP B 556 20.88 -21.82 -22.23
CA ASP B 556 20.11 -22.88 -22.87
C ASP B 556 19.97 -24.13 -22.02
N LYS B 557 20.57 -24.16 -20.83
CA LYS B 557 20.40 -25.28 -19.93
C LYS B 557 19.31 -25.05 -18.89
N VAL B 558 18.68 -23.88 -18.88
CA VAL B 558 17.66 -23.56 -17.90
C VAL B 558 16.39 -23.11 -18.62
N MET B 559 15.27 -23.27 -17.94
CA MET B 559 13.95 -22.94 -18.47
C MET B 559 13.43 -21.72 -17.72
N ILE B 560 13.04 -20.69 -18.45
CA ILE B 560 12.63 -19.42 -17.87
C ILE B 560 11.13 -19.26 -18.10
N THR B 561 10.40 -18.86 -17.05
CA THR B 561 8.96 -18.74 -17.15
C THR B 561 8.56 -17.27 -17.29
N ASN B 562 7.93 -16.95 -18.41
CA ASN B 562 7.46 -15.61 -18.66
C ASN B 562 6.01 -15.48 -18.21
N GLU B 563 5.71 -14.35 -17.59
CA GLU B 563 4.41 -14.08 -16.99
C GLU B 563 3.45 -13.35 -17.91
N GLU B 564 3.78 -13.21 -19.20
CA GLU B 564 3.10 -12.27 -20.07
C GLU B 564 1.57 -12.41 -20.05
N GLU B 565 1.03 -13.52 -19.54
CA GLU B 565 -0.42 -13.65 -19.45
C GLU B 565 -1.04 -12.54 -18.61
N ILE B 566 -0.35 -12.04 -17.60
CA ILE B 566 -0.92 -11.11 -16.64
C ILE B 566 -0.63 -9.66 -17.01
N LYS B 567 -0.04 -9.44 -18.18
CA LYS B 567 0.25 -8.07 -18.60
C LYS B 567 -0.99 -7.20 -18.66
N THR B 568 -2.18 -7.79 -18.72
CA THR B 568 -3.39 -6.97 -18.75
C THR B 568 -3.57 -6.19 -17.45
N THR B 569 -3.66 -6.88 -16.32
CA THR B 569 -3.97 -6.23 -15.06
C THR B 569 -2.75 -5.92 -14.19
N ASN B 570 -1.55 -6.28 -14.62
CA ASN B 570 -0.42 -6.08 -13.74
C ASN B 570 0.65 -5.23 -14.42
N PRO B 571 1.33 -4.37 -13.66
CA PRO B 571 2.38 -3.53 -14.27
C PRO B 571 3.55 -4.38 -14.69
N VAL B 572 4.19 -3.98 -15.79
CA VAL B 572 5.35 -4.72 -16.27
C VAL B 572 6.48 -4.58 -15.26
N ALA B 573 7.13 -5.70 -14.96
CA ALA B 573 8.10 -5.72 -13.87
C ALA B 573 9.31 -4.84 -14.16
N THR B 574 9.70 -4.72 -15.42
CA THR B 574 10.88 -3.96 -15.78
C THR B 574 10.56 -2.50 -16.09
N GLU B 575 9.32 -2.08 -15.94
CA GLU B 575 8.90 -0.72 -16.24
C GLU B 575 8.43 -0.01 -14.98
N SER B 576 8.52 1.31 -15.00
CA SER B 576 8.04 2.11 -13.90
C SER B 576 6.52 2.06 -13.82
N TYR B 577 6.00 2.15 -12.60
CA TYR B 577 4.57 2.02 -12.41
C TYR B 577 3.83 3.24 -12.95
N GLY B 578 4.54 4.35 -13.15
CA GLY B 578 3.87 5.54 -13.63
C GLY B 578 4.65 6.79 -13.24
N GLN B 579 3.92 7.89 -13.12
CA GLN B 579 4.49 9.16 -12.75
C GLN B 579 3.63 9.82 -11.67
N VAL B 580 4.26 10.66 -10.86
CA VAL B 580 3.57 11.39 -9.82
C VAL B 580 4.08 12.82 -9.89
N ALA B 581 3.27 13.78 -9.47
CA ALA B 581 3.71 15.16 -9.58
C ALA B 581 4.52 15.61 -8.38
N THR B 582 5.79 15.92 -8.64
CA THR B 582 6.72 16.38 -7.61
C THR B 582 6.48 17.73 -6.94
N ASN B 583 6.09 18.75 -7.70
CA ASN B 583 5.93 20.06 -7.09
C ASN B 583 4.77 20.90 -7.61
N HIS B 584 4.52 22.02 -6.95
CA HIS B 584 3.44 22.92 -7.33
C HIS B 584 3.93 23.77 -8.48
N GLN B 585 3.13 23.87 -9.53
CA GLN B 585 3.46 24.78 -10.61
C GLN B 585 3.14 26.21 -10.18
N SER B 586 3.75 27.17 -10.86
CA SER B 586 3.47 28.58 -10.64
C SER B 586 4.01 29.35 -11.83
N ALA B 587 3.98 30.68 -11.73
CA ALA B 587 4.53 31.50 -12.80
C ALA B 587 6.01 31.21 -13.00
N GLN B 588 6.74 30.95 -11.92
CA GLN B 588 8.16 30.67 -12.03
C GLN B 588 8.43 29.21 -12.41
N ALA B 589 7.74 28.27 -11.77
CA ALA B 589 8.15 26.87 -11.80
C ALA B 589 7.28 26.06 -12.74
N GLN B 590 7.92 25.30 -13.62
CA GLN B 590 7.19 24.39 -14.49
C GLN B 590 6.65 23.22 -13.69
N ALA B 591 5.65 22.56 -14.24
CA ALA B 591 5.10 21.36 -13.62
C ALA B 591 6.03 20.20 -13.88
N GLN B 592 6.52 19.57 -12.82
CA GLN B 592 7.51 18.51 -12.95
C GLN B 592 6.97 17.21 -12.35
N THR B 593 7.55 16.11 -12.81
CA THR B 593 7.11 14.79 -12.42
C THR B 593 8.32 13.91 -12.19
N GLY B 594 8.08 12.73 -11.64
CA GLY B 594 9.13 11.76 -11.46
C GLY B 594 8.56 10.36 -11.57
N TRP B 595 9.44 9.42 -11.89
CA TRP B 595 9.00 8.06 -12.15
C TRP B 595 8.81 7.32 -10.83
N VAL B 596 7.71 6.59 -10.71
CA VAL B 596 7.41 5.86 -9.50
C VAL B 596 8.04 4.48 -9.63
N GLN B 597 9.05 4.22 -8.79
CA GLN B 597 9.73 2.94 -8.86
C GLN B 597 8.95 1.86 -8.12
N ASN B 598 8.51 2.15 -6.90
CA ASN B 598 7.69 1.21 -6.15
C ASN B 598 6.36 1.85 -5.82
N GLN B 599 5.31 1.04 -5.79
CA GLN B 599 3.99 1.49 -5.44
C GLN B 599 3.34 0.46 -4.54
N GLY B 600 2.92 0.89 -3.36
CA GLY B 600 2.18 -0.01 -2.51
C GLY B 600 0.78 -0.24 -3.02
N ILE B 601 -0.01 -0.96 -2.23
CA ILE B 601 -1.43 -1.08 -2.54
C ILE B 601 -2.08 0.28 -2.37
N LEU B 602 -2.94 0.64 -3.31
CA LEU B 602 -3.85 1.76 -3.18
C LEU B 602 -5.28 1.25 -3.22
N PRO B 603 -6.23 1.98 -2.65
CA PRO B 603 -7.62 1.51 -2.70
C PRO B 603 -8.09 1.40 -4.14
N GLY B 604 -8.63 0.24 -4.48
CA GLY B 604 -9.14 0.01 -5.81
C GLY B 604 -8.15 -0.57 -6.80
N MET B 605 -7.04 -1.13 -6.35
CA MET B 605 -6.16 -1.86 -7.24
C MET B 605 -6.66 -3.28 -7.43
N VAL B 606 -6.48 -3.80 -8.63
CA VAL B 606 -6.73 -5.21 -8.92
C VAL B 606 -5.46 -5.80 -9.50
N TRP B 607 -5.22 -7.07 -9.19
CA TRP B 607 -3.99 -7.70 -9.63
C TRP B 607 -4.21 -9.21 -9.76
N GLN B 608 -3.40 -9.82 -10.63
CA GLN B 608 -3.37 -11.26 -10.81
C GLN B 608 -2.12 -11.83 -10.15
N ASP B 609 -2.27 -12.97 -9.49
CA ASP B 609 -1.15 -13.61 -8.82
C ASP B 609 -0.27 -14.30 -9.86
N ARG B 610 0.77 -14.96 -9.36
CA ARG B 610 1.69 -15.67 -10.23
C ARG B 610 1.16 -17.05 -10.59
N ASP B 611 1.37 -17.45 -11.83
CA ASP B 611 0.86 -18.71 -12.33
C ASP B 611 1.62 -19.88 -11.70
N VAL B 612 0.96 -21.04 -11.70
CA VAL B 612 1.56 -22.26 -11.19
C VAL B 612 1.95 -23.14 -12.37
N TYR B 613 3.02 -23.90 -12.19
CA TYR B 613 3.59 -24.69 -13.27
C TYR B 613 3.59 -26.17 -12.90
N LEU B 614 3.66 -27.01 -13.93
CA LEU B 614 3.71 -28.46 -13.72
C LEU B 614 4.86 -28.83 -12.79
N GLN B 615 6.00 -28.16 -12.94
CA GLN B 615 7.13 -28.33 -12.05
C GLN B 615 6.97 -27.58 -10.74
N GLY B 616 6.16 -26.53 -10.71
CA GLY B 616 6.12 -25.60 -9.60
C GLY B 616 5.58 -26.20 -8.33
N PRO B 617 5.72 -25.46 -7.23
CA PRO B 617 5.21 -25.94 -5.96
C PRO B 617 3.71 -25.75 -5.86
N ILE B 618 3.08 -26.52 -4.97
CA ILE B 618 1.63 -26.46 -4.84
C ILE B 618 1.22 -25.51 -3.72
N TRP B 619 1.58 -25.82 -2.48
CA TRP B 619 1.15 -25.02 -1.35
C TRP B 619 2.36 -24.53 -0.56
N ALA B 620 2.09 -23.57 0.31
CA ALA B 620 3.06 -23.08 1.28
C ALA B 620 2.33 -22.79 2.58
N LYS B 621 3.10 -22.68 3.65
CA LYS B 621 2.52 -22.37 4.95
C LYS B 621 2.63 -20.89 5.23
N ILE B 622 1.49 -20.25 5.41
CA ILE B 622 1.47 -18.85 5.83
C ILE B 622 2.18 -18.72 7.17
N PRO B 623 3.19 -17.87 7.30
CA PRO B 623 3.80 -17.66 8.61
C PRO B 623 2.75 -17.23 9.61
N HIS B 624 2.94 -17.63 10.86
CA HIS B 624 1.96 -17.32 11.90
C HIS B 624 2.35 -15.98 12.49
N THR B 625 1.55 -14.95 12.20
CA THR B 625 1.90 -13.58 12.55
C THR B 625 0.62 -12.83 12.92
N ASP B 626 0.80 -11.64 13.50
CA ASP B 626 -0.33 -10.79 13.79
C ASP B 626 -1.11 -10.45 12.54
N GLY B 627 -0.43 -10.15 11.44
CA GLY B 627 -1.12 -9.74 10.25
C GLY B 627 -0.39 -10.16 9.00
N ASN B 628 -1.14 -10.16 7.90
CA ASN B 628 -0.62 -10.48 6.59
C ASN B 628 -1.58 -9.89 5.56
N PHE B 629 -1.10 -9.74 4.33
CA PHE B 629 -1.96 -9.25 3.27
C PHE B 629 -1.81 -10.13 2.04
N HIS B 630 -2.93 -10.63 1.55
CA HIS B 630 -3.05 -11.53 0.42
C HIS B 630 -1.99 -12.59 0.57
N PRO B 631 -2.16 -13.50 1.51
CA PRO B 631 -1.11 -14.44 1.88
C PRO B 631 -0.64 -15.37 0.77
N SER B 632 -1.36 -15.40 -0.36
CA SER B 632 -1.01 -16.31 -1.44
C SER B 632 0.48 -16.21 -1.75
N PRO B 633 1.22 -17.30 -1.68
CA PRO B 633 2.69 -17.19 -1.73
C PRO B 633 3.18 -16.68 -3.07
N LEU B 634 4.37 -16.10 -3.04
CA LEU B 634 4.89 -15.40 -4.21
C LEU B 634 5.44 -16.35 -5.27
N MET B 635 5.88 -17.55 -4.90
CA MET B 635 6.30 -18.49 -5.91
C MET B 635 5.15 -19.23 -6.56
N GLY B 636 3.92 -18.94 -6.15
CA GLY B 636 2.76 -19.54 -6.76
C GLY B 636 2.10 -20.57 -5.85
N GLY B 637 0.83 -20.83 -6.15
CA GLY B 637 0.08 -21.82 -5.41
C GLY B 637 -0.78 -21.24 -4.31
N PHE B 638 -1.05 -22.09 -3.33
CA PHE B 638 -2.09 -21.86 -2.33
C PHE B 638 -1.43 -21.54 -0.99
N GLY B 639 -1.77 -20.40 -0.41
CA GLY B 639 -1.37 -20.12 0.95
C GLY B 639 -2.34 -20.73 1.93
N MET B 640 -1.81 -21.22 3.05
CA MET B 640 -2.62 -21.92 4.04
C MET B 640 -2.03 -21.69 5.42
N LYS B 641 -2.90 -21.59 6.44
CA LYS B 641 -2.40 -21.51 7.80
C LYS B 641 -2.17 -22.90 8.39
N HIS B 642 -2.67 -23.93 7.73
CA HIS B 642 -2.51 -25.32 8.16
C HIS B 642 -2.30 -26.17 6.91
N PRO B 643 -1.10 -26.16 6.34
CA PRO B 643 -0.84 -26.93 5.13
C PRO B 643 -0.89 -28.41 5.42
N PRO B 644 -0.73 -29.27 4.42
CA PRO B 644 -0.55 -30.69 4.67
C PRO B 644 0.66 -30.93 5.56
N PRO B 645 0.52 -31.74 6.60
CA PRO B 645 1.56 -31.85 7.61
C PRO B 645 2.81 -32.50 7.06
N GLN B 646 3.92 -32.28 7.76
CA GLN B 646 5.15 -32.97 7.45
C GLN B 646 5.09 -34.41 7.95
N ILE B 647 5.85 -35.28 7.30
CA ILE B 647 5.92 -36.68 7.66
C ILE B 647 7.38 -37.00 7.90
N LEU B 648 7.74 -37.32 9.15
CA LEU B 648 9.12 -37.53 9.53
C LEU B 648 9.38 -39.01 9.77
N ILE B 649 10.44 -39.52 9.16
CA ILE B 649 10.75 -40.94 9.18
C ILE B 649 12.25 -41.11 9.38
N LYS B 650 12.63 -42.18 10.08
CA LYS B 650 14.02 -42.54 10.27
C LYS B 650 14.12 -44.03 10.56
N ASN B 651 15.33 -44.56 10.43
CA ASN B 651 15.60 -45.93 10.83
C ASN B 651 16.08 -45.96 12.28
N THR B 652 15.41 -46.75 13.11
CA THR B 652 15.77 -46.83 14.52
C THR B 652 17.17 -47.42 14.65
N PRO B 653 18.04 -46.80 15.46
CA PRO B 653 19.41 -47.31 15.57
C PRO B 653 19.43 -48.68 16.25
N VAL B 654 20.14 -49.62 15.64
CA VAL B 654 20.33 -50.96 16.17
C VAL B 654 21.82 -51.15 16.43
N PRO B 655 22.26 -51.21 17.69
CA PRO B 655 23.68 -51.35 18.01
C PRO B 655 24.23 -52.74 17.73
N ASN B 668 28.25 -46.59 20.77
CA ASN B 668 27.96 -45.79 19.58
C ASN B 668 28.34 -46.51 18.30
N SER B 669 28.56 -47.82 18.39
CA SER B 669 28.87 -48.64 17.23
C SER B 669 27.58 -49.29 16.75
N PHE B 670 27.17 -48.97 15.52
CA PHE B 670 25.88 -49.38 15.01
C PHE B 670 26.06 -50.19 13.73
N ILE B 671 25.01 -50.90 13.37
CA ILE B 671 24.99 -51.67 12.13
C ILE B 671 24.66 -50.74 10.97
N THR B 672 25.35 -50.92 9.84
CA THR B 672 24.97 -50.21 8.64
C THR B 672 23.57 -50.69 8.22
N GLN B 673 22.65 -49.75 8.07
CA GLN B 673 21.24 -50.12 7.96
C GLN B 673 20.51 -49.09 7.11
N TYR B 674 19.55 -49.57 6.33
CA TYR B 674 18.65 -48.69 5.59
C TYR B 674 17.38 -49.47 5.28
N SER B 675 16.34 -48.72 4.90
CA SER B 675 15.03 -49.30 4.64
C SER B 675 14.54 -48.85 3.27
N THR B 676 13.49 -49.52 2.79
CA THR B 676 12.87 -49.18 1.53
C THR B 676 11.42 -49.61 1.57
N GLY B 677 10.64 -49.10 0.63
CA GLY B 677 9.22 -49.38 0.64
C GLY B 677 8.47 -48.55 -0.38
N GLN B 678 7.18 -48.37 -0.12
CA GLN B 678 6.27 -47.72 -1.04
C GLN B 678 5.63 -46.50 -0.39
N VAL B 679 5.33 -45.49 -1.20
CA VAL B 679 4.66 -44.28 -0.76
C VAL B 679 3.56 -43.94 -1.75
N SER B 680 2.34 -43.84 -1.26
CA SER B 680 1.18 -43.52 -2.10
C SER B 680 0.47 -42.29 -1.54
N VAL B 681 0.47 -41.22 -2.33
CA VAL B 681 -0.19 -39.97 -1.97
C VAL B 681 -1.37 -39.77 -2.92
N GLU B 682 -2.49 -39.32 -2.36
CA GLU B 682 -3.73 -39.15 -3.12
C GLU B 682 -4.38 -37.83 -2.73
N ILE B 683 -4.64 -36.99 -3.73
CA ILE B 683 -5.23 -35.68 -3.50
C ILE B 683 -6.47 -35.53 -4.38
N GLU B 684 -7.61 -35.28 -3.77
CA GLU B 684 -8.84 -34.97 -4.48
C GLU B 684 -8.84 -33.50 -4.85
N TRP B 685 -9.09 -33.21 -6.12
CA TRP B 685 -9.08 -31.85 -6.63
C TRP B 685 -10.48 -31.45 -7.04
N GLU B 686 -10.79 -30.16 -6.93
CA GLU B 686 -12.06 -29.61 -7.36
C GLU B 686 -11.82 -28.73 -8.57
N LEU B 687 -12.81 -28.61 -9.44
CA LEU B 687 -12.65 -27.87 -10.69
C LEU B 687 -13.74 -26.82 -10.84
N GLN B 688 -13.52 -25.90 -11.77
CA GLN B 688 -14.51 -24.91 -12.16
C GLN B 688 -14.59 -24.90 -13.68
N LYS B 689 -15.75 -25.27 -14.22
CA LYS B 689 -15.87 -25.52 -15.65
C LYS B 689 -15.88 -24.23 -16.44
N GLU B 690 -15.57 -24.35 -17.72
CA GLU B 690 -15.46 -23.21 -18.63
C GLU B 690 -16.83 -22.86 -19.17
N ASN B 691 -17.30 -21.66 -18.83
CA ASN B 691 -18.64 -21.20 -19.18
C ASN B 691 -18.67 -20.24 -20.37
N SER B 692 -17.51 -19.91 -20.95
CA SER B 692 -17.40 -18.76 -21.83
C SER B 692 -18.25 -18.93 -23.09
N LYS B 693 -18.79 -17.80 -23.57
CA LYS B 693 -19.58 -17.73 -24.79
C LYS B 693 -18.76 -17.31 -25.99
N ARG B 694 -17.43 -17.19 -25.84
CA ARG B 694 -16.57 -16.73 -26.92
C ARG B 694 -16.78 -17.52 -28.20
N TRP B 695 -16.95 -16.81 -29.31
CA TRP B 695 -17.28 -17.46 -30.57
C TRP B 695 -16.08 -18.20 -31.16
N ASN B 696 -14.96 -17.50 -31.35
CA ASN B 696 -13.81 -18.12 -31.99
C ASN B 696 -13.08 -19.03 -31.01
N PRO B 697 -12.32 -20.01 -31.50
CA PRO B 697 -11.74 -21.00 -30.61
C PRO B 697 -10.67 -20.45 -29.69
N GLU B 698 -10.55 -21.07 -28.53
CA GLU B 698 -9.56 -20.72 -27.52
C GLU B 698 -8.17 -21.16 -27.95
N ILE B 699 -7.17 -20.58 -27.29
CA ILE B 699 -5.82 -21.14 -27.33
C ILE B 699 -5.78 -22.37 -26.45
N GLN B 700 -5.16 -23.44 -26.95
CA GLN B 700 -5.05 -24.69 -26.23
C GLN B 700 -3.58 -25.07 -26.15
N TYR B 701 -3.26 -25.98 -25.24
CA TYR B 701 -1.89 -26.46 -25.14
C TYR B 701 -1.74 -27.75 -25.93
N THR B 702 -0.89 -27.71 -26.96
CA THR B 702 -0.78 -28.80 -27.90
C THR B 702 0.69 -29.14 -28.17
N SER B 703 0.93 -30.39 -28.52
CA SER B 703 2.26 -30.83 -28.90
C SER B 703 2.42 -30.75 -30.42
N ASN B 704 3.51 -30.14 -30.85
CA ASN B 704 3.75 -29.91 -32.26
C ASN B 704 3.89 -31.23 -33.01
N TYR B 705 3.43 -31.24 -34.25
CA TYR B 705 3.39 -32.49 -35.01
C TYR B 705 4.74 -32.84 -35.61
N TYR B 706 5.64 -31.87 -35.74
CA TYR B 706 6.89 -32.11 -36.44
C TYR B 706 7.69 -33.20 -35.75
N LYS B 707 8.27 -34.09 -36.55
CA LYS B 707 8.96 -35.27 -36.06
C LYS B 707 10.17 -34.89 -35.21
N SER B 708 10.46 -35.73 -34.22
CA SER B 708 11.59 -35.50 -33.34
C SER B 708 12.28 -36.83 -33.07
N ASN B 709 13.49 -36.73 -32.51
CA ASN B 709 14.22 -37.95 -32.16
C ASN B 709 13.76 -38.51 -30.82
N ASN B 710 13.03 -37.71 -30.03
CA ASN B 710 12.49 -38.16 -28.76
C ASN B 710 11.12 -37.53 -28.54
N VAL B 711 10.18 -38.36 -28.12
CA VAL B 711 8.84 -37.89 -27.78
C VAL B 711 8.92 -37.11 -26.48
N GLU B 712 8.33 -35.91 -26.47
CA GLU B 712 8.38 -35.07 -25.29
C GLU B 712 7.74 -35.77 -24.10
N PHE B 713 8.30 -35.54 -22.92
CA PHE B 713 7.80 -36.14 -21.68
C PHE B 713 7.87 -37.66 -21.73
N ALA B 714 8.97 -38.18 -22.28
CA ALA B 714 9.24 -39.60 -22.26
C ALA B 714 10.73 -39.83 -22.11
N VAL B 715 11.13 -41.08 -21.97
CA VAL B 715 12.54 -41.41 -21.78
C VAL B 715 13.26 -41.44 -23.12
N ASN B 716 14.56 -41.20 -23.06
CA ASN B 716 15.44 -41.36 -24.22
C ASN B 716 15.95 -42.79 -24.27
N THR B 717 16.93 -43.05 -25.15
CA THR B 717 17.43 -44.41 -25.33
C THR B 717 18.12 -44.96 -24.09
N GLU B 718 18.58 -44.11 -23.19
CA GLU B 718 19.25 -44.56 -21.98
C GLU B 718 18.32 -44.67 -20.79
N GLY B 719 17.03 -44.42 -20.97
CA GLY B 719 16.10 -44.45 -19.86
C GLY B 719 16.18 -43.26 -18.93
N VAL B 720 16.28 -42.05 -19.47
CA VAL B 720 16.35 -40.83 -18.67
C VAL B 720 15.14 -39.97 -18.98
N TYR B 721 14.23 -39.87 -18.02
CA TYR B 721 13.00 -39.10 -18.20
C TYR B 721 13.23 -37.62 -18.04
N SER B 722 12.80 -36.86 -19.04
CA SER B 722 12.99 -35.41 -18.98
C SER B 722 11.77 -34.66 -19.49
N GLU B 723 11.57 -33.46 -18.99
CA GLU B 723 10.48 -32.61 -19.43
C GLU B 723 11.12 -31.45 -20.18
N PRO B 724 10.75 -31.29 -21.46
CA PRO B 724 11.31 -30.26 -22.34
C PRO B 724 11.02 -28.81 -21.96
N ARG B 725 9.81 -28.49 -21.54
CA ARG B 725 9.49 -27.11 -21.22
C ARG B 725 8.56 -26.93 -20.02
N PRO B 726 8.70 -25.80 -19.31
CA PRO B 726 7.83 -25.52 -18.16
C PRO B 726 6.46 -25.22 -18.74
N ILE B 727 5.40 -25.72 -18.11
CA ILE B 727 4.08 -25.49 -18.63
C ILE B 727 3.21 -24.61 -17.74
N GLY B 728 2.66 -23.55 -18.34
CA GLY B 728 1.81 -22.64 -17.62
C GLY B 728 0.42 -23.20 -17.48
N THR B 729 -0.38 -22.60 -16.61
CA THR B 729 -1.73 -23.08 -16.36
C THR B 729 -2.79 -22.24 -17.07
N ARG B 730 -2.39 -21.17 -17.74
CA ARG B 730 -3.35 -20.18 -18.23
C ARG B 730 -3.39 -20.20 -19.76
N TYR B 731 -4.50 -20.70 -20.28
CA TYR B 731 -4.79 -20.74 -21.71
C TYR B 731 -6.18 -20.18 -21.97
N LEU B 732 -7.20 -20.78 -21.38
CA LEU B 732 -8.57 -20.31 -21.53
C LEU B 732 -8.68 -18.84 -21.14
N THR B 733 -9.65 -18.16 -21.73
CA THR B 733 -9.78 -16.72 -21.56
C THR B 733 -11.08 -16.37 -20.84
N ARG B 734 -11.04 -15.23 -20.15
CA ARG B 734 -12.22 -14.65 -19.53
C ARG B 734 -12.30 -13.18 -19.88
N ASN B 735 -13.51 -12.64 -19.79
CA ASN B 735 -13.67 -11.19 -19.83
C ASN B 735 -13.26 -10.60 -18.49
N LEU B 736 -12.73 -9.38 -18.55
CA LEU B 736 -12.24 -8.73 -17.35
C LEU B 736 -13.40 -8.12 -16.57
N ASP C 219 -51.62 -10.49 -25.99
CA ASP C 219 -52.96 -9.93 -25.86
C ASP C 219 -53.45 -9.43 -27.22
N GLY C 220 -53.43 -8.11 -27.40
CA GLY C 220 -53.86 -7.52 -28.64
C GLY C 220 -53.20 -6.17 -28.85
N VAL C 221 -53.29 -5.69 -30.09
CA VAL C 221 -52.69 -4.40 -30.43
C VAL C 221 -53.44 -3.26 -29.76
N GLY C 222 -54.77 -3.37 -29.68
CA GLY C 222 -55.62 -2.30 -29.21
C GLY C 222 -55.62 -2.05 -27.72
N SER C 223 -54.90 -2.85 -26.93
CA SER C 223 -54.87 -2.68 -25.48
C SER C 223 -53.44 -2.41 -25.03
N SER C 224 -53.32 -1.64 -23.94
CA SER C 224 -52.01 -1.23 -23.45
C SER C 224 -51.29 -2.40 -22.79
N SER C 225 -49.96 -2.40 -22.91
CA SER C 225 -49.12 -3.41 -22.29
C SER C 225 -48.52 -2.97 -20.96
N GLY C 226 -48.77 -1.74 -20.53
CA GLY C 226 -48.20 -1.25 -19.28
C GLY C 226 -48.74 0.12 -18.95
N ASN C 227 -48.24 0.68 -17.85
CA ASN C 227 -48.66 1.98 -17.37
C ASN C 227 -47.45 2.84 -17.03
N TRP C 228 -47.73 4.07 -16.62
CA TRP C 228 -46.69 5.06 -16.34
C TRP C 228 -46.50 5.20 -14.84
N HIS C 229 -45.37 4.74 -14.33
CA HIS C 229 -45.02 4.90 -12.92
C HIS C 229 -43.79 5.78 -12.82
N CYS C 230 -43.97 7.00 -12.34
CA CYS C 230 -42.86 7.85 -11.91
C CYS C 230 -43.26 8.49 -10.59
N ASP C 231 -42.54 8.15 -9.53
CA ASP C 231 -42.82 8.64 -8.18
C ASP C 231 -41.79 8.00 -7.24
N SER C 232 -41.74 8.51 -6.02
CA SER C 232 -40.88 7.98 -4.99
C SER C 232 -41.61 7.89 -3.67
N GLN C 233 -41.66 6.69 -3.10
CA GLN C 233 -42.27 6.45 -1.80
C GLN C 233 -41.20 6.43 -0.73
N TRP C 234 -41.36 7.23 0.30
CA TRP C 234 -40.47 7.25 1.45
C TRP C 234 -41.18 6.51 2.58
N LEU C 235 -40.73 5.30 2.86
CA LEU C 235 -41.38 4.44 3.85
C LEU C 235 -40.38 4.09 4.93
N GLY C 236 -40.58 4.62 6.13
CA GLY C 236 -39.70 4.27 7.24
C GLY C 236 -38.25 4.58 6.90
N ASP C 237 -37.41 3.56 7.00
CA ASP C 237 -35.99 3.67 6.71
C ASP C 237 -35.63 3.28 5.28
N ARG C 238 -36.62 3.01 4.43
CA ARG C 238 -36.36 2.61 3.06
C ARG C 238 -36.97 3.59 2.08
N VAL C 239 -36.44 3.58 0.86
CA VAL C 239 -36.89 4.45 -0.21
C VAL C 239 -37.21 3.60 -1.42
N ILE C 240 -38.29 3.95 -2.12
CA ILE C 240 -38.64 3.29 -3.37
C ILE C 240 -38.75 4.37 -4.43
N THR C 241 -37.86 4.33 -5.41
CA THR C 241 -37.85 5.31 -6.49
C THR C 241 -38.09 4.65 -7.83
N THR C 242 -39.03 5.21 -8.59
CA THR C 242 -39.44 4.64 -9.88
C THR C 242 -39.30 5.72 -10.94
N SER C 243 -38.82 5.34 -12.12
CA SER C 243 -38.68 6.26 -13.23
C SER C 243 -39.11 5.58 -14.51
N THR C 244 -40.10 6.17 -15.19
CA THR C 244 -40.55 5.67 -16.48
C THR C 244 -40.18 6.68 -17.55
N ARG C 245 -39.59 6.21 -18.63
CA ARG C 245 -39.09 7.06 -19.70
C ARG C 245 -39.60 6.54 -21.04
N THR C 246 -39.43 7.38 -22.06
CA THR C 246 -39.74 7.02 -23.44
C THR C 246 -38.44 7.00 -24.23
N TRP C 247 -38.23 5.93 -24.99
CA TRP C 247 -36.99 5.73 -25.73
C TRP C 247 -37.26 5.55 -27.21
N ALA C 248 -36.21 5.74 -28.02
CA ALA C 248 -36.25 5.47 -29.45
C ALA C 248 -34.97 4.75 -29.84
N LEU C 249 -35.11 3.55 -30.38
CA LEU C 249 -33.96 2.73 -30.76
C LEU C 249 -33.80 2.72 -32.27
N PRO C 250 -32.69 3.20 -32.81
CA PRO C 250 -32.47 3.16 -34.25
C PRO C 250 -31.91 1.82 -34.70
N THR C 251 -31.50 1.78 -35.97
CA THR C 251 -30.87 0.61 -36.56
C THR C 251 -29.39 0.87 -36.71
N TYR C 252 -28.58 0.16 -35.92
CA TYR C 252 -27.14 0.41 -35.87
C TYR C 252 -26.39 -0.49 -36.84
N ASN C 253 -25.40 0.09 -37.52
CA ASN C 253 -24.47 -0.62 -38.38
C ASN C 253 -25.16 -1.38 -39.49
N ASN C 254 -26.38 -0.99 -39.85
CA ASN C 254 -27.16 -1.64 -40.89
C ASN C 254 -27.17 -3.16 -40.70
N HIS C 255 -27.40 -3.56 -39.44
CA HIS C 255 -27.48 -4.96 -39.02
C HIS C 255 -26.19 -5.73 -39.27
N LEU C 256 -25.04 -5.20 -38.85
CA LEU C 256 -23.76 -5.83 -39.08
C LEU C 256 -22.86 -5.72 -37.86
N TYR C 257 -22.09 -6.78 -37.61
CA TYR C 257 -20.96 -6.70 -36.71
C TYR C 257 -19.74 -6.27 -37.49
N LYS C 258 -19.02 -5.28 -36.96
CA LYS C 258 -17.92 -4.68 -37.69
C LYS C 258 -16.71 -4.52 -36.79
N GLN C 259 -15.56 -4.99 -37.25
CA GLN C 259 -14.29 -4.70 -36.60
C GLN C 259 -14.04 -3.21 -36.53
N ILE C 260 -13.56 -2.73 -35.38
CA ILE C 260 -13.15 -1.34 -35.23
C ILE C 260 -11.82 -1.30 -34.52
N SER C 261 -10.91 -0.48 -35.04
CA SER C 261 -9.62 -0.23 -34.43
C SER C 261 -9.27 1.23 -34.67
N ASN C 262 -8.11 1.64 -34.16
CA ASN C 262 -7.68 3.01 -34.36
C ASN C 262 -7.44 3.30 -35.84
N SER C 263 -7.04 2.29 -36.60
CA SER C 263 -6.76 2.51 -38.02
C SER C 263 -8.01 2.97 -38.77
N THR C 264 -9.16 2.38 -38.45
CA THR C 264 -10.40 2.83 -39.08
C THR C 264 -10.73 4.27 -38.68
N SER C 265 -10.47 4.64 -37.42
CA SER C 265 -10.65 6.02 -37.00
C SER C 265 -9.49 6.89 -37.45
N GLY C 266 -8.26 6.36 -37.41
CA GLY C 266 -7.09 7.09 -37.84
C GLY C 266 -6.23 7.64 -36.72
N GLY C 267 -6.53 7.31 -35.46
CA GLY C 267 -5.75 7.84 -34.36
C GLY C 267 -4.33 7.29 -34.37
N SER C 268 -3.35 8.20 -34.43
CA SER C 268 -1.96 7.78 -34.55
C SER C 268 -1.33 7.41 -33.21
N SER C 269 -1.62 8.16 -32.15
CA SER C 269 -0.88 8.02 -30.91
C SER C 269 -1.01 6.61 -30.34
N ASN C 270 0.11 6.08 -29.84
CA ASN C 270 0.14 4.70 -29.39
C ASN C 270 -0.60 4.49 -28.08
N ASP C 271 -0.78 5.54 -27.29
CA ASP C 271 -1.54 5.40 -26.05
C ASP C 271 -3.02 5.15 -26.35
N ASN C 272 -3.48 5.55 -27.52
CA ASN C 272 -4.88 5.42 -27.90
C ASN C 272 -5.18 4.19 -28.73
N ALA C 273 -4.19 3.34 -28.98
CA ALA C 273 -4.42 2.14 -29.78
C ALA C 273 -5.49 1.26 -29.13
N TYR C 274 -6.45 0.85 -29.94
CA TYR C 274 -7.55 0.03 -29.45
C TYR C 274 -8.01 -0.88 -30.57
N PHE C 275 -8.53 -2.05 -30.19
CA PHE C 275 -9.08 -3.02 -31.12
C PHE C 275 -10.35 -3.60 -30.54
N GLY C 276 -11.43 -3.54 -31.30
CA GLY C 276 -12.70 -4.02 -30.79
C GLY C 276 -13.71 -4.23 -31.90
N TYR C 277 -14.94 -4.47 -31.48
CA TYR C 277 -16.04 -4.73 -32.40
C TYR C 277 -17.23 -3.85 -32.03
N SER C 278 -17.90 -3.31 -33.04
CA SER C 278 -19.15 -2.60 -32.83
C SER C 278 -20.30 -3.49 -33.28
N THR C 279 -21.36 -3.49 -32.49
CA THR C 279 -22.46 -4.43 -32.63
C THR C 279 -23.75 -3.71 -32.98
N PRO C 280 -24.70 -4.39 -33.62
CA PRO C 280 -26.00 -3.76 -33.89
C PRO C 280 -26.83 -3.52 -32.64
N TRP C 281 -26.51 -4.17 -31.53
CA TRP C 281 -27.35 -4.13 -30.34
C TRP C 281 -27.27 -2.77 -29.66
N GLY C 282 -28.36 -2.40 -28.99
CA GLY C 282 -28.38 -1.31 -28.04
C GLY C 282 -28.46 -1.82 -26.61
N TYR C 283 -28.41 -0.89 -25.67
CA TYR C 283 -28.49 -1.24 -24.27
C TYR C 283 -29.03 -0.07 -23.45
N PHE C 284 -29.53 -0.38 -22.26
CA PHE C 284 -30.10 0.62 -21.37
C PHE C 284 -29.11 0.94 -20.25
N ASP C 285 -28.78 2.22 -20.13
CA ASP C 285 -27.90 2.68 -19.05
C ASP C 285 -28.72 3.58 -18.12
N PHE C 286 -29.10 3.03 -16.96
CA PHE C 286 -29.67 3.81 -15.86
C PHE C 286 -28.67 4.07 -14.74
N ASN C 287 -27.39 3.77 -14.96
CA ASN C 287 -26.36 3.75 -13.94
C ASN C 287 -26.11 5.12 -13.27
N ARG C 288 -26.76 6.20 -13.70
CA ARG C 288 -26.56 7.50 -13.08
C ARG C 288 -27.69 7.83 -12.12
N PHE C 289 -27.35 8.52 -11.02
CA PHE C 289 -28.32 8.80 -9.97
C PHE C 289 -29.52 9.58 -10.46
N HIS C 290 -29.31 10.73 -11.12
CA HIS C 290 -30.44 11.59 -11.43
C HIS C 290 -31.49 10.91 -12.30
N CYS C 291 -31.17 9.74 -12.85
CA CYS C 291 -32.22 8.91 -13.45
C CYS C 291 -33.28 8.55 -12.41
N HIS C 292 -32.86 8.12 -11.23
CA HIS C 292 -33.77 7.58 -10.24
C HIS C 292 -34.24 8.59 -9.20
N PHE C 293 -33.67 9.79 -9.15
CA PHE C 293 -33.97 10.75 -8.10
C PHE C 293 -34.26 12.11 -8.70
N SER C 294 -35.44 12.64 -8.40
CA SER C 294 -35.70 14.04 -8.65
C SER C 294 -34.91 14.88 -7.65
N PRO C 295 -34.47 16.07 -8.06
CA PRO C 295 -33.66 16.90 -7.15
C PRO C 295 -34.27 17.10 -5.77
N ARG C 296 -35.60 17.16 -5.66
CA ARG C 296 -36.19 17.28 -4.35
C ARG C 296 -36.02 15.99 -3.55
N ASP C 297 -36.17 14.85 -4.20
CA ASP C 297 -35.90 13.58 -3.55
C ASP C 297 -34.43 13.47 -3.15
N TRP C 298 -33.55 14.01 -3.98
CA TRP C 298 -32.12 14.01 -3.64
C TRP C 298 -31.83 14.93 -2.47
N GLN C 299 -32.51 16.08 -2.42
CA GLN C 299 -32.37 16.96 -1.28
C GLN C 299 -32.94 16.31 -0.02
N ARG C 300 -34.09 15.67 -0.14
CA ARG C 300 -34.70 15.03 1.02
C ARG C 300 -33.86 13.86 1.51
N LEU C 301 -33.02 13.30 0.65
CA LEU C 301 -32.16 12.19 1.05
C LEU C 301 -30.91 12.68 1.75
N ILE C 302 -30.05 13.41 1.03
CA ILE C 302 -28.77 13.83 1.59
C ILE C 302 -28.91 14.69 2.84
N ASN C 303 -30.10 15.27 3.09
CA ASN C 303 -30.26 16.10 4.27
C ASN C 303 -30.34 15.30 5.56
N ASN C 304 -31.21 14.30 5.62
CA ASN C 304 -31.52 13.62 6.87
C ASN C 304 -30.81 12.28 7.06
N ASN C 305 -30.03 11.81 6.11
CA ASN C 305 -29.55 10.43 6.14
C ASN C 305 -28.04 10.36 6.19
N TRP C 306 -27.52 9.51 7.09
CA TRP C 306 -26.09 9.25 7.17
C TRP C 306 -25.62 8.19 6.19
N GLY C 307 -26.50 7.55 5.45
CA GLY C 307 -26.06 6.54 4.51
C GLY C 307 -27.23 5.92 3.78
N PHE C 308 -26.92 5.30 2.65
CA PHE C 308 -27.93 4.66 1.81
C PHE C 308 -27.25 3.62 0.96
N ARG C 309 -28.07 2.74 0.37
CA ARG C 309 -27.58 1.68 -0.51
C ARG C 309 -28.75 0.95 -1.15
N PRO C 310 -28.61 0.51 -2.39
CA PRO C 310 -29.70 -0.18 -3.07
C PRO C 310 -29.90 -1.60 -2.57
N LYS C 311 -31.16 -2.04 -2.57
CA LYS C 311 -31.50 -3.40 -2.19
C LYS C 311 -32.03 -4.20 -3.37
N ARG C 312 -33.15 -3.80 -3.96
CA ARG C 312 -33.76 -4.54 -5.05
C ARG C 312 -33.83 -3.68 -6.30
N LEU C 313 -33.96 -4.35 -7.44
CA LEU C 313 -34.06 -3.70 -8.74
C LEU C 313 -35.19 -4.36 -9.52
N ASN C 314 -36.05 -3.54 -10.11
CA ASN C 314 -37.15 -4.04 -10.93
C ASN C 314 -37.15 -3.26 -12.23
N PHE C 315 -37.32 -3.97 -13.34
CA PHE C 315 -37.19 -3.40 -14.68
C PHE C 315 -38.32 -3.90 -15.55
N LYS C 316 -38.99 -2.99 -16.26
CA LYS C 316 -40.10 -3.34 -17.12
C LYS C 316 -39.99 -2.59 -18.43
N LEU C 317 -40.10 -3.33 -19.54
CA LEU C 317 -39.97 -2.78 -20.88
C LEU C 317 -41.21 -3.16 -21.68
N PHE C 318 -41.98 -2.17 -22.10
CA PHE C 318 -43.30 -2.42 -22.66
C PHE C 318 -43.66 -1.34 -23.66
N ASN C 319 -44.91 -1.38 -24.12
CA ASN C 319 -45.44 -0.49 -25.15
C ASN C 319 -44.53 -0.43 -26.37
N ILE C 320 -44.15 -1.61 -26.85
CA ILE C 320 -43.32 -1.68 -28.04
C ILE C 320 -44.10 -1.12 -29.23
N GLN C 321 -43.50 -0.15 -29.90
CA GLN C 321 -44.08 0.43 -31.11
C GLN C 321 -43.01 0.42 -32.19
N VAL C 322 -43.22 -0.37 -33.24
CA VAL C 322 -42.25 -0.54 -34.30
C VAL C 322 -42.69 0.29 -35.49
N LYS C 323 -41.77 1.10 -36.02
CA LYS C 323 -42.04 1.98 -37.15
C LYS C 323 -41.22 1.52 -38.34
N GLU C 324 -41.69 1.85 -39.53
CA GLU C 324 -40.94 1.60 -40.76
C GLU C 324 -40.89 2.87 -41.58
N VAL C 325 -39.70 3.21 -42.06
CA VAL C 325 -39.47 4.45 -42.80
C VAL C 325 -39.37 4.10 -44.28
N THR C 326 -40.30 4.62 -45.07
CA THR C 326 -40.28 4.48 -46.52
C THR C 326 -40.05 5.86 -47.12
N ASP C 327 -38.90 6.05 -47.75
CA ASP C 327 -38.45 7.35 -48.21
C ASP C 327 -38.68 7.45 -49.72
N ASN C 328 -39.38 8.49 -50.14
CA ASN C 328 -39.52 8.83 -51.54
C ASN C 328 -38.26 9.61 -51.94
N ASN C 329 -38.27 10.24 -53.12
CA ASN C 329 -37.12 11.04 -53.53
C ASN C 329 -36.76 12.10 -52.49
N GLY C 330 -37.70 12.99 -52.17
CA GLY C 330 -37.45 14.02 -51.19
C GLY C 330 -38.11 13.85 -49.84
N VAL C 331 -39.08 12.94 -49.75
CA VAL C 331 -39.96 12.86 -48.57
C VAL C 331 -39.98 11.45 -48.04
N LYS C 332 -39.99 11.32 -46.71
CA LYS C 332 -40.00 10.04 -46.02
C LYS C 332 -41.38 9.81 -45.39
N THR C 333 -41.86 8.58 -45.47
CA THR C 333 -43.17 8.21 -44.95
C THR C 333 -43.01 7.24 -43.79
N ILE C 334 -43.78 7.46 -42.72
CA ILE C 334 -43.68 6.69 -41.49
C ILE C 334 -44.99 5.97 -41.25
N ALA C 335 -44.92 4.67 -40.97
CA ALA C 335 -46.08 3.88 -40.63
C ALA C 335 -45.66 2.71 -39.75
N ASN C 336 -46.59 2.23 -38.93
CA ASN C 336 -46.29 1.12 -38.04
C ASN C 336 -46.07 -0.16 -38.85
N ASN C 337 -45.38 -1.12 -38.24
CA ASN C 337 -45.28 -2.46 -38.80
C ASN C 337 -45.62 -3.46 -37.69
N LEU C 338 -46.75 -4.16 -37.85
CA LEU C 338 -47.23 -5.06 -36.81
C LEU C 338 -46.55 -6.41 -36.81
N THR C 339 -46.05 -6.87 -37.97
CA THR C 339 -45.38 -8.17 -38.08
C THR C 339 -43.91 -8.09 -37.71
N SER C 340 -43.41 -6.93 -37.31
CA SER C 340 -42.01 -6.77 -36.96
C SER C 340 -41.81 -6.97 -35.46
N THR C 341 -40.66 -7.56 -35.12
CA THR C 341 -40.35 -7.99 -33.77
C THR C 341 -39.12 -7.26 -33.25
N VAL C 342 -39.00 -7.25 -31.92
CA VAL C 342 -37.88 -6.63 -31.22
C VAL C 342 -37.28 -7.65 -30.28
N GLN C 343 -35.99 -7.92 -30.43
CA GLN C 343 -35.27 -8.86 -29.59
C GLN C 343 -34.75 -8.13 -28.34
N VAL C 344 -34.79 -8.83 -27.21
CA VAL C 344 -34.21 -8.32 -25.97
C VAL C 344 -33.74 -9.48 -25.14
N PHE C 345 -32.62 -9.31 -24.44
CA PHE C 345 -32.16 -10.29 -23.48
C PHE C 345 -31.25 -9.59 -22.48
N THR C 346 -31.08 -10.23 -21.33
CA THR C 346 -30.20 -9.74 -20.28
C THR C 346 -29.18 -10.80 -19.94
N ASP C 347 -27.96 -10.37 -19.66
CA ASP C 347 -26.86 -11.29 -19.37
C ASP C 347 -26.84 -11.50 -17.87
N SER C 348 -27.29 -12.67 -17.43
CA SER C 348 -27.26 -13.02 -16.02
C SER C 348 -25.93 -13.61 -15.59
N ASP C 349 -25.16 -14.16 -16.51
CA ASP C 349 -23.91 -14.83 -16.18
C ASP C 349 -22.70 -13.93 -16.40
N TYR C 350 -22.88 -12.71 -16.88
CA TYR C 350 -21.78 -11.77 -17.12
C TYR C 350 -20.81 -12.34 -18.13
N GLN C 351 -21.30 -13.23 -18.99
CA GLN C 351 -20.53 -13.83 -20.05
C GLN C 351 -20.07 -12.81 -21.08
N LEU C 352 -20.82 -11.73 -21.27
CA LEU C 352 -20.46 -10.63 -22.15
C LEU C 352 -19.60 -9.60 -21.42
N PRO C 353 -18.90 -8.76 -22.16
CA PRO C 353 -18.19 -7.64 -21.52
C PRO C 353 -19.18 -6.74 -20.79
N TYR C 354 -18.68 -6.02 -19.79
CA TYR C 354 -19.51 -5.10 -19.02
C TYR C 354 -19.02 -3.69 -19.30
N VAL C 355 -19.80 -2.93 -20.08
CA VAL C 355 -19.44 -1.57 -20.46
C VAL C 355 -20.14 -0.52 -19.61
N LEU C 356 -21.01 -0.91 -18.69
CA LEU C 356 -21.80 0.07 -17.96
C LEU C 356 -21.03 0.79 -16.88
N GLY C 357 -19.79 0.39 -16.61
CA GLY C 357 -19.06 0.96 -15.50
C GLY C 357 -18.18 2.15 -15.86
N SER C 358 -18.14 2.52 -17.14
CA SER C 358 -17.25 3.56 -17.60
C SER C 358 -17.89 4.94 -17.61
N ALA C 359 -19.12 5.07 -17.13
CA ALA C 359 -19.82 6.36 -17.05
C ALA C 359 -19.94 7.01 -18.43
N HIS C 360 -20.42 6.24 -19.40
CA HIS C 360 -20.68 6.78 -20.72
C HIS C 360 -21.96 7.60 -20.74
N GLU C 361 -22.07 8.45 -21.76
CA GLU C 361 -23.29 9.19 -22.01
C GLU C 361 -24.35 8.21 -22.54
N GLY C 362 -25.55 8.71 -22.79
CA GLY C 362 -26.64 7.86 -23.21
C GLY C 362 -27.46 7.29 -22.07
N CYS C 363 -27.34 7.84 -20.87
CA CYS C 363 -28.15 7.45 -19.74
C CYS C 363 -29.60 7.89 -19.95
N LEU C 364 -30.49 7.29 -19.16
CA LEU C 364 -31.82 7.84 -19.02
C LEU C 364 -31.73 9.32 -18.67
N PRO C 365 -32.48 10.20 -19.33
CA PRO C 365 -32.30 11.62 -19.09
C PRO C 365 -32.81 12.01 -17.71
N PRO C 366 -32.31 13.10 -17.14
CA PRO C 366 -32.78 13.50 -15.81
C PRO C 366 -34.22 13.93 -15.77
N PHE C 367 -34.71 14.51 -16.85
CA PHE C 367 -36.04 15.11 -16.85
C PHE C 367 -37.02 14.20 -17.54
N PRO C 368 -38.06 13.74 -16.83
CA PRO C 368 -38.86 12.61 -17.34
C PRO C 368 -39.55 12.87 -18.67
N ALA C 369 -39.80 14.12 -19.05
CA ALA C 369 -40.49 14.40 -20.30
C ALA C 369 -39.56 14.35 -21.50
N ASP C 370 -38.28 14.06 -21.30
CA ASP C 370 -37.33 13.97 -22.40
C ASP C 370 -37.29 12.56 -22.97
N VAL C 371 -37.43 12.46 -24.28
CA VAL C 371 -37.31 11.19 -25.00
C VAL C 371 -35.86 11.04 -25.40
N PHE C 372 -35.28 9.87 -25.15
CA PHE C 372 -33.85 9.67 -25.29
C PHE C 372 -33.56 8.57 -26.29
N MET C 373 -32.32 8.53 -26.74
CA MET C 373 -31.88 7.61 -27.78
C MET C 373 -30.97 6.54 -27.18
N ILE C 374 -31.34 5.28 -27.37
CA ILE C 374 -30.60 4.17 -26.77
C ILE C 374 -29.19 4.14 -27.36
N PRO C 375 -28.15 4.06 -26.53
CA PRO C 375 -26.79 4.03 -27.04
C PRO C 375 -26.47 2.74 -27.77
N GLN C 376 -25.36 2.77 -28.51
CA GLN C 376 -24.92 1.62 -29.28
C GLN C 376 -23.95 0.78 -28.45
N TYR C 377 -24.03 -0.54 -28.62
CA TYR C 377 -23.19 -1.43 -27.84
C TYR C 377 -21.96 -1.83 -28.64
N GLY C 378 -20.79 -1.70 -28.00
CA GLY C 378 -19.55 -2.16 -28.58
C GLY C 378 -18.58 -2.49 -27.47
N TYR C 379 -17.61 -3.36 -27.78
CA TYR C 379 -16.65 -3.76 -26.77
C TYR C 379 -15.26 -3.81 -27.38
N LEU C 380 -14.27 -3.93 -26.50
CA LEU C 380 -12.86 -3.96 -26.88
C LEU C 380 -12.23 -5.24 -26.37
N THR C 381 -11.05 -5.55 -26.90
CA THR C 381 -10.33 -6.74 -26.48
C THR C 381 -8.83 -6.50 -26.56
N LEU C 382 -8.04 -7.55 -26.37
CA LEU C 382 -6.59 -7.43 -26.39
C LEU C 382 -6.13 -6.93 -27.75
N ASN C 383 -5.02 -6.20 -27.75
CA ASN C 383 -4.52 -5.60 -28.98
C ASN C 383 -3.03 -5.38 -28.91
N ASP C 384 -2.41 -5.36 -30.08
CA ASP C 384 -1.05 -4.88 -30.29
C ASP C 384 -1.09 -3.87 -31.42
N GLY C 385 -0.86 -2.60 -31.11
CA GLY C 385 -1.13 -1.57 -32.09
C GLY C 385 -2.59 -1.64 -32.50
N SER C 386 -2.84 -1.63 -33.81
CA SER C 386 -4.17 -1.86 -34.34
C SER C 386 -4.47 -3.33 -34.55
N GLN C 387 -3.45 -4.18 -34.53
CA GLN C 387 -3.64 -5.60 -34.73
C GLN C 387 -4.15 -6.27 -33.46
N ALA C 388 -4.77 -7.42 -33.62
CA ALA C 388 -5.21 -8.22 -32.50
C ALA C 388 -4.19 -9.31 -32.21
N VAL C 389 -4.48 -10.10 -31.18
CA VAL C 389 -3.66 -11.26 -30.84
C VAL C 389 -4.58 -12.48 -30.80
N GLY C 390 -3.96 -13.66 -30.87
CA GLY C 390 -4.72 -14.89 -30.88
C GLY C 390 -5.62 -15.06 -29.67
N ARG C 391 -5.33 -14.36 -28.58
CA ARG C 391 -6.15 -14.43 -27.39
C ARG C 391 -7.39 -13.53 -27.46
N SER C 392 -7.42 -12.57 -28.40
CA SER C 392 -8.54 -11.65 -28.49
C SER C 392 -9.85 -12.41 -28.69
N SER C 393 -10.89 -11.97 -28.00
CA SER C 393 -12.17 -12.64 -27.99
C SER C 393 -13.21 -11.86 -28.78
N PHE C 394 -13.97 -12.58 -29.59
CA PHE C 394 -15.07 -12.03 -30.36
C PHE C 394 -16.37 -12.66 -29.90
N TYR C 395 -17.28 -11.85 -29.36
CA TYR C 395 -18.56 -12.32 -28.87
C TYR C 395 -19.64 -11.92 -29.88
N CYS C 396 -20.39 -12.92 -30.35
CA CYS C 396 -21.53 -12.68 -31.22
C CYS C 396 -22.79 -12.78 -30.39
N LEU C 397 -23.47 -11.65 -30.18
CA LEU C 397 -24.57 -11.60 -29.23
C LEU C 397 -25.80 -12.35 -29.70
N GLU C 398 -25.89 -12.70 -30.98
CA GLU C 398 -27.01 -13.51 -31.45
C GLU C 398 -26.97 -14.92 -30.88
N TYR C 399 -25.88 -15.30 -30.22
CA TYR C 399 -25.66 -16.65 -29.72
C TYR C 399 -26.24 -16.86 -28.33
N PHE C 400 -26.91 -15.86 -27.78
CA PHE C 400 -27.59 -15.76 -26.50
C PHE C 400 -29.10 -15.85 -26.68
N PRO C 401 -29.76 -16.75 -25.96
CA PRO C 401 -31.22 -16.87 -26.07
C PRO C 401 -31.89 -15.58 -25.63
N SER C 402 -32.76 -15.06 -26.50
CA SER C 402 -33.34 -13.75 -26.30
C SER C 402 -34.84 -13.80 -26.53
N GLN C 403 -35.58 -13.13 -25.65
CA GLN C 403 -37.03 -13.09 -25.71
C GLN C 403 -37.47 -12.04 -26.73
N MET C 404 -38.21 -12.49 -27.74
CA MET C 404 -38.63 -11.65 -28.84
C MET C 404 -40.00 -11.07 -28.55
N LEU C 405 -40.21 -9.80 -28.93
CA LEU C 405 -41.40 -9.05 -28.56
C LEU C 405 -42.04 -8.48 -29.82
N ARG C 406 -43.36 -8.58 -29.91
CA ARG C 406 -44.13 -7.82 -30.88
C ARG C 406 -44.81 -6.64 -30.17
N THR C 407 -45.63 -5.91 -30.94
CA THR C 407 -46.21 -4.66 -30.45
C THR C 407 -47.06 -4.84 -29.20
N GLY C 408 -47.52 -6.06 -28.91
CA GLY C 408 -48.35 -6.27 -27.74
C GLY C 408 -47.63 -6.82 -26.53
N ASN C 409 -46.46 -7.41 -26.74
CA ASN C 409 -45.73 -8.06 -25.65
C ASN C 409 -45.03 -7.04 -24.75
N ASN C 410 -44.71 -7.49 -23.54
CA ASN C 410 -43.92 -6.72 -22.59
C ASN C 410 -42.81 -7.61 -22.05
N PHE C 411 -41.85 -6.99 -21.37
CA PHE C 411 -40.68 -7.68 -20.84
C PHE C 411 -40.36 -7.13 -19.46
N GLN C 412 -40.01 -8.01 -18.53
CA GLN C 412 -39.64 -7.58 -17.19
C GLN C 412 -38.76 -8.63 -16.54
N PHE C 413 -38.00 -8.19 -15.55
CA PHE C 413 -37.27 -9.11 -14.68
C PHE C 413 -36.98 -8.39 -13.37
N SER C 414 -36.67 -9.18 -12.35
CA SER C 414 -36.32 -8.65 -11.03
C SER C 414 -34.86 -8.96 -10.74
N TYR C 415 -34.23 -8.06 -10.00
CA TYR C 415 -32.82 -8.20 -9.65
C TYR C 415 -32.65 -7.99 -8.16
N GLU C 416 -31.55 -8.51 -7.63
CA GLU C 416 -31.21 -8.39 -6.21
C GLU C 416 -29.77 -7.89 -6.10
N PHE C 417 -29.58 -6.74 -5.45
CA PHE C 417 -28.23 -6.25 -5.22
C PHE C 417 -27.54 -7.08 -4.16
N GLU C 418 -26.28 -7.40 -4.39
CA GLU C 418 -25.50 -8.08 -3.36
C GLU C 418 -25.13 -7.10 -2.26
N ASN C 419 -24.78 -7.64 -1.10
CA ASN C 419 -24.47 -6.80 0.05
C ASN C 419 -23.32 -5.87 -0.25
N VAL C 420 -23.55 -4.58 -0.05
CA VAL C 420 -22.51 -3.56 -0.16
C VAL C 420 -22.64 -2.63 1.04
N PRO C 421 -21.53 -2.09 1.53
CA PRO C 421 -21.60 -1.22 2.71
C PRO C 421 -22.35 0.07 2.38
N PHE C 422 -22.96 0.64 3.42
CA PHE C 422 -23.66 1.91 3.25
C PHE C 422 -22.72 2.96 2.70
N HIS C 423 -23.13 3.63 1.63
CA HIS C 423 -22.30 4.69 1.10
C HIS C 423 -22.39 5.78 2.13
N SER C 424 -21.26 6.10 2.76
CA SER C 424 -21.28 7.13 3.79
C SER C 424 -21.74 8.44 3.20
N SER C 425 -22.66 9.11 3.88
CA SER C 425 -23.16 10.37 3.42
C SER C 425 -23.14 11.34 4.57
N TYR C 426 -21.94 11.67 5.02
CA TYR C 426 -21.75 12.60 6.11
C TYR C 426 -20.34 13.12 6.06
N ALA C 427 -20.09 14.23 6.73
CA ALA C 427 -18.76 14.79 6.75
C ALA C 427 -18.25 14.76 8.18
N HIS C 428 -17.03 14.26 8.36
CA HIS C 428 -16.46 14.19 9.69
C HIS C 428 -16.29 15.57 10.26
N SER C 429 -16.54 15.72 11.55
CA SER C 429 -16.38 17.01 12.18
C SER C 429 -14.97 17.13 12.73
N GLN C 430 -14.49 16.07 13.37
CA GLN C 430 -13.17 16.08 13.97
C GLN C 430 -12.14 15.67 12.93
N SER C 431 -11.06 16.42 12.88
CA SER C 431 -9.91 16.04 12.07
C SER C 431 -9.19 14.89 12.75
N LEU C 432 -8.39 14.16 11.97
CA LEU C 432 -7.75 12.96 12.49
C LEU C 432 -6.76 13.28 13.60
N ASP C 433 -5.83 14.19 13.35
CA ASP C 433 -4.77 14.51 14.30
C ASP C 433 -5.29 15.13 15.60
N ARG C 434 -6.51 15.68 15.60
CA ARG C 434 -7.05 16.40 16.74
C ARG C 434 -7.93 15.56 17.66
N LEU C 435 -7.96 14.24 17.48
CA LEU C 435 -8.80 13.40 18.31
C LEU C 435 -8.46 13.46 19.80
N MET C 436 -7.40 14.16 20.18
CA MET C 436 -6.91 14.19 21.54
C MET C 436 -7.83 15.01 22.45
N ASN C 437 -7.37 15.18 23.69
CA ASN C 437 -8.09 15.98 24.68
C ASN C 437 -7.27 17.21 25.02
N PRO C 438 -7.77 18.42 24.74
CA PRO C 438 -6.96 19.62 24.96
C PRO C 438 -6.68 19.94 26.41
N LEU C 439 -7.33 19.28 27.37
CA LEU C 439 -7.11 19.62 28.77
C LEU C 439 -6.08 18.74 29.47
N ILE C 440 -5.64 17.64 28.87
CA ILE C 440 -4.89 16.64 29.60
C ILE C 440 -3.61 16.29 28.84
N ASP C 441 -2.51 16.19 29.59
CA ASP C 441 -1.24 15.76 29.01
C ASP C 441 -1.23 14.25 28.78
N GLN C 442 -0.49 13.84 27.76
CA GLN C 442 -0.14 12.44 27.62
C GLN C 442 0.99 12.08 28.58
N TYR C 443 1.11 10.78 28.85
CA TYR C 443 2.23 10.29 29.64
C TYR C 443 3.39 9.80 28.79
N LEU C 444 3.29 9.89 27.47
CA LEU C 444 4.42 9.64 26.60
C LEU C 444 5.32 10.87 26.51
N TYR C 445 6.58 10.63 26.19
CA TYR C 445 7.57 11.69 26.03
C TYR C 445 8.05 11.74 24.59
N TYR C 446 8.57 12.90 24.20
CA TYR C 446 9.17 13.08 22.88
C TYR C 446 10.49 13.81 23.06
N LEU C 447 11.28 13.85 21.99
CA LEU C 447 12.64 14.39 22.07
C LEU C 447 12.58 15.86 21.67
N SER C 448 12.75 16.74 22.66
CA SER C 448 12.62 18.18 22.42
C SER C 448 13.89 18.85 21.93
N LYS C 449 15.05 18.55 22.53
CA LYS C 449 16.27 19.29 22.25
C LYS C 449 17.44 18.34 22.08
N THR C 450 18.16 18.47 20.98
CA THR C 450 19.40 17.72 20.79
C THR C 450 20.65 18.52 21.08
N ILE C 451 20.55 19.81 21.39
CA ILE C 451 21.70 20.62 21.74
C ILE C 451 21.31 21.56 22.87
N ASN C 452 22.30 21.95 23.68
CA ASN C 452 22.06 22.94 24.71
C ASN C 452 22.04 24.34 24.13
N GLY C 453 22.95 24.65 23.23
CA GLY C 453 23.00 25.97 22.64
C GLY C 453 24.09 26.05 21.60
N SER C 454 24.18 27.23 20.97
CA SER C 454 25.17 27.44 19.93
C SER C 454 26.58 27.30 20.49
N GLY C 455 27.40 26.54 19.80
CA GLY C 455 28.76 26.29 20.21
C GLY C 455 29.27 25.00 19.59
N GLN C 456 30.28 24.43 20.24
CA GLN C 456 30.88 23.18 19.79
C GLN C 456 30.69 22.10 20.86
N ASN C 457 30.52 20.87 20.41
CA ASN C 457 30.37 19.71 21.30
C ASN C 457 29.26 19.93 22.32
N GLN C 458 28.14 20.47 21.85
CA GLN C 458 27.01 20.83 22.70
C GLN C 458 25.95 19.74 22.77
N GLN C 459 26.19 18.57 22.19
CA GLN C 459 25.16 17.56 22.07
C GLN C 459 24.54 17.22 23.42
N THR C 460 23.23 17.00 23.40
CA THR C 460 22.48 16.58 24.59
C THR C 460 21.20 15.91 24.12
N LEU C 461 20.53 15.22 25.05
CA LEU C 461 19.21 14.67 24.81
C LEU C 461 18.27 15.20 25.89
N LYS C 462 17.17 15.82 25.46
CA LYS C 462 16.17 16.36 26.37
C LYS C 462 14.79 15.87 25.95
N PHE C 463 14.05 15.36 26.93
CA PHE C 463 12.72 14.82 26.69
C PHE C 463 11.70 15.71 27.36
N SER C 464 10.58 15.96 26.67
CA SER C 464 9.49 16.74 27.21
C SER C 464 8.23 15.89 27.22
N VAL C 465 7.15 16.44 27.76
CA VAL C 465 5.87 15.74 27.72
C VAL C 465 5.07 16.23 26.51
N ALA C 466 4.44 15.31 25.81
CA ALA C 466 3.52 15.69 24.75
C ALA C 466 2.21 16.13 25.39
N GLY C 467 1.84 17.37 25.16
CA GLY C 467 0.68 17.94 25.81
C GLY C 467 0.01 18.99 24.96
N PRO C 468 -1.17 19.43 25.39
CA PRO C 468 -1.96 20.37 24.57
C PRO C 468 -1.23 21.64 24.20
N SER C 469 -0.20 22.03 24.94
CA SER C 469 0.58 23.20 24.54
C SER C 469 1.18 23.00 23.15
N ASN C 470 1.80 21.85 22.91
CA ASN C 470 2.30 21.46 21.59
C ASN C 470 1.61 20.17 21.20
N MET C 471 0.66 20.26 20.27
CA MET C 471 -0.14 19.10 19.89
C MET C 471 0.42 18.35 18.69
N ALA C 472 1.41 18.91 18.01
CA ALA C 472 1.88 18.29 16.78
C ALA C 472 2.74 17.07 17.04
N VAL C 473 3.39 16.99 18.20
CA VAL C 473 4.36 15.94 18.45
C VAL C 473 3.78 14.78 19.24
N GLN C 474 2.50 14.80 19.59
CA GLN C 474 1.96 13.73 20.41
C GLN C 474 1.94 12.41 19.66
N GLY C 475 1.88 11.32 20.42
CA GLY C 475 1.67 10.02 19.82
C GLY C 475 0.21 9.82 19.47
N ARG C 476 -0.03 9.14 18.35
CA ARG C 476 -1.38 8.93 17.86
C ARG C 476 -1.59 7.48 17.48
N ASN C 477 -2.85 7.07 17.51
CA ASN C 477 -3.23 5.71 17.15
C ASN C 477 -3.32 5.48 15.65
N TYR C 478 -3.77 6.47 14.88
CA TYR C 478 -4.03 6.24 13.47
C TYR C 478 -3.43 7.36 12.65
N ILE C 479 -3.39 7.14 11.33
CA ILE C 479 -2.70 8.03 10.41
C ILE C 479 -3.56 8.15 9.15
N PRO C 480 -3.44 9.25 8.42
CA PRO C 480 -4.30 9.47 7.26
C PRO C 480 -4.02 8.49 6.14
N GLY C 481 -4.99 8.39 5.23
CA GLY C 481 -4.96 7.40 4.17
C GLY C 481 -3.89 7.62 3.15
N PRO C 482 -3.85 6.75 2.15
CA PRO C 482 -2.78 6.82 1.14
C PRO C 482 -2.96 8.02 0.22
N SER C 483 -1.88 8.33 -0.50
CA SER C 483 -1.89 9.45 -1.42
C SER C 483 -1.01 9.13 -2.63
N TYR C 484 -1.44 9.64 -3.78
CA TYR C 484 -0.68 9.59 -5.01
C TYR C 484 -0.78 10.99 -5.59
N ARG C 485 0.32 11.76 -5.62
CA ARG C 485 0.16 13.19 -5.76
C ARG C 485 -0.33 13.56 -7.16
N GLN C 486 -1.14 14.61 -7.23
CA GLN C 486 -1.62 15.22 -8.46
C GLN C 486 -1.01 16.60 -8.61
N GLN C 487 -0.93 17.06 -9.85
CA GLN C 487 -0.45 18.41 -10.12
C GLN C 487 -1.55 19.41 -9.81
N ARG C 488 -1.15 20.60 -9.36
CA ARG C 488 -2.08 21.62 -8.90
C ARG C 488 -2.30 22.65 -9.99
N VAL C 489 -3.56 22.84 -10.39
CA VAL C 489 -3.91 23.83 -11.40
C VAL C 489 -4.81 24.87 -10.76
N SER C 490 -4.50 26.14 -11.04
CA SER C 490 -5.28 27.25 -10.51
C SER C 490 -6.31 27.72 -11.52
N THR C 491 -7.50 28.05 -11.02
CA THR C 491 -8.55 28.59 -11.87
C THR C 491 -8.39 30.07 -12.15
N THR C 492 -7.47 30.75 -11.45
CA THR C 492 -7.03 32.07 -11.83
C THR C 492 -5.82 31.90 -12.73
N VAL C 493 -5.97 32.27 -14.01
CA VAL C 493 -5.07 31.75 -15.04
C VAL C 493 -3.68 32.37 -14.99
N THR C 494 -3.54 33.57 -14.45
CA THR C 494 -2.22 34.18 -14.43
C THR C 494 -1.27 33.41 -13.54
N GLN C 495 -1.80 32.84 -12.48
CA GLN C 495 -1.00 32.06 -11.53
C GLN C 495 -0.38 30.81 -12.15
N ASN C 496 -1.10 30.14 -13.03
CA ASN C 496 -0.59 28.92 -13.68
C ASN C 496 0.66 29.20 -14.48
N ASN C 497 1.50 28.18 -14.64
CA ASN C 497 2.72 28.28 -15.43
C ASN C 497 2.38 28.55 -16.90
N ASN C 498 3.20 29.35 -17.56
CA ASN C 498 3.02 29.71 -18.97
C ASN C 498 3.08 28.57 -19.99
N SER C 499 3.96 27.60 -19.80
CA SER C 499 4.11 26.50 -20.75
C SER C 499 2.99 25.46 -20.73
N GLU C 500 2.95 24.62 -21.75
CA GLU C 500 1.92 23.59 -21.90
C GLU C 500 2.17 22.35 -21.06
N PHE C 501 1.55 22.29 -19.90
CA PHE C 501 1.73 21.16 -19.00
C PHE C 501 0.51 20.26 -18.80
N ALA C 502 -0.49 20.35 -19.66
CA ALA C 502 -1.68 19.53 -19.47
C ALA C 502 -1.46 18.03 -19.56
N TRP C 503 -0.69 17.57 -20.53
CA TRP C 503 -0.43 16.14 -20.67
C TRP C 503 0.91 15.68 -20.15
N PRO C 504 1.93 16.53 -20.27
CA PRO C 504 3.29 16.25 -19.80
C PRO C 504 3.40 16.13 -18.28
N GLY C 505 2.69 16.97 -17.54
CA GLY C 505 2.76 16.96 -16.10
C GLY C 505 1.72 16.16 -15.33
N ALA C 506 0.84 15.47 -16.04
CA ALA C 506 -0.20 14.72 -15.36
C ALA C 506 0.20 13.34 -14.85
N SER C 507 -0.27 13.01 -13.65
CA SER C 507 -0.03 11.71 -13.04
C SER C 507 -0.68 10.62 -13.88
N SER C 508 0.12 9.64 -14.29
CA SER C 508 -0.36 8.60 -15.19
C SER C 508 0.22 7.26 -14.77
N TRP C 509 -0.63 6.25 -14.68
CA TRP C 509 -0.17 4.90 -14.46
C TRP C 509 0.05 4.22 -15.80
N ALA C 510 1.19 3.57 -15.93
CA ALA C 510 1.61 2.94 -17.17
C ALA C 510 1.34 1.45 -17.12
N LEU C 511 0.80 0.92 -18.22
CA LEU C 511 0.44 -0.49 -18.30
C LEU C 511 0.84 -1.02 -19.67
N ASN C 512 1.66 -2.07 -19.69
CA ASN C 512 1.98 -2.79 -20.92
C ASN C 512 2.62 -1.86 -21.95
N GLY C 513 3.21 -0.78 -21.47
CA GLY C 513 3.81 0.20 -22.34
C GLY C 513 2.87 1.28 -22.83
N ARG C 514 1.66 1.34 -22.31
CA ARG C 514 0.69 2.38 -22.66
C ARG C 514 0.38 3.23 -21.45
N ASN C 515 0.80 4.48 -21.48
CA ASN C 515 0.53 5.43 -20.42
C ASN C 515 -0.96 5.71 -20.39
N SER C 516 -1.51 5.83 -19.18
CA SER C 516 -2.90 6.19 -19.00
C SER C 516 -3.02 7.18 -17.85
N LEU C 517 -3.66 8.32 -18.12
CA LEU C 517 -3.86 9.35 -17.12
C LEU C 517 -4.53 8.77 -15.89
N MET C 518 -4.16 9.28 -14.71
CA MET C 518 -4.75 8.81 -13.47
C MET C 518 -5.98 9.68 -13.22
N ASN C 519 -7.15 9.10 -13.39
CA ASN C 519 -8.40 9.82 -13.26
C ASN C 519 -9.45 8.90 -12.66
N PRO C 520 -10.25 9.40 -11.73
CA PRO C 520 -10.03 10.60 -10.92
C PRO C 520 -8.88 10.41 -9.96
N GLY C 521 -8.50 9.16 -9.74
CA GLY C 521 -7.42 8.84 -8.84
C GLY C 521 -7.93 8.51 -7.45
N PRO C 522 -7.05 8.10 -6.55
CA PRO C 522 -7.48 7.79 -5.19
C PRO C 522 -8.11 9.01 -4.54
N ALA C 523 -9.14 8.77 -3.75
CA ALA C 523 -9.88 9.85 -3.12
C ALA C 523 -8.97 10.64 -2.20
N MET C 524 -8.87 11.95 -2.45
CA MET C 524 -8.01 12.84 -1.69
C MET C 524 -8.63 14.22 -1.69
N ALA C 525 -8.42 14.95 -0.60
CA ALA C 525 -8.90 16.32 -0.53
C ALA C 525 -8.31 17.15 -1.65
N SER C 526 -9.15 17.93 -2.32
CA SER C 526 -8.71 18.62 -3.52
C SER C 526 -7.89 19.86 -3.21
N HIS C 527 -8.12 20.48 -2.06
CA HIS C 527 -7.45 21.74 -1.76
C HIS C 527 -7.33 21.91 -0.26
N LYS C 528 -6.27 22.62 0.15
CA LYS C 528 -6.13 23.01 1.54
C LYS C 528 -7.24 23.97 1.94
N GLU C 529 -7.52 24.01 3.24
CA GLU C 529 -8.56 24.90 3.73
C GLU C 529 -8.17 26.35 3.52
N GLY C 530 -9.10 27.11 2.97
CA GLY C 530 -8.90 28.52 2.68
C GLY C 530 -8.57 28.82 1.23
N GLU C 531 -8.05 27.85 0.49
CA GLU C 531 -7.80 28.02 -0.94
C GLU C 531 -8.72 27.04 -1.67
N ASP C 532 -9.78 27.56 -2.28
CA ASP C 532 -10.60 26.76 -3.16
C ASP C 532 -10.32 27.00 -4.63
N ARG C 533 -9.39 27.91 -4.95
CA ARG C 533 -9.14 28.24 -6.34
C ARG C 533 -8.29 27.18 -7.04
N PHE C 534 -7.57 26.38 -6.26
CA PHE C 534 -6.71 25.34 -6.82
C PHE C 534 -7.37 23.99 -6.83
N PHE C 535 -7.29 23.30 -7.96
CA PHE C 535 -7.86 21.97 -8.08
C PHE C 535 -6.81 21.06 -8.68
N PRO C 536 -6.83 19.77 -8.31
CA PRO C 536 -5.88 18.80 -8.83
C PRO C 536 -6.11 18.66 -10.32
N LEU C 537 -5.06 18.52 -11.11
CA LEU C 537 -5.23 18.49 -12.55
C LEU C 537 -6.14 17.37 -13.04
N SER C 538 -5.95 16.16 -12.54
CA SER C 538 -6.82 15.06 -12.92
C SER C 538 -7.54 14.49 -11.69
N GLY C 539 -7.42 15.20 -10.57
CA GLY C 539 -7.99 14.79 -9.32
C GLY C 539 -9.48 14.65 -9.13
N SER C 540 -10.27 15.53 -9.72
CA SER C 540 -11.71 15.47 -9.48
C SER C 540 -12.58 15.42 -10.72
N LEU C 541 -13.77 14.85 -10.54
CA LEU C 541 -14.76 14.73 -11.62
C LEU C 541 -15.14 16.10 -12.15
N ILE C 542 -15.37 16.18 -13.45
CA ILE C 542 -15.72 17.43 -14.11
C ILE C 542 -16.94 17.18 -14.97
N PHE C 543 -18.04 17.85 -14.66
CA PHE C 543 -19.29 17.71 -15.40
C PHE C 543 -19.55 18.95 -16.23
N GLY C 544 -20.13 18.74 -17.41
CA GLY C 544 -20.47 19.85 -18.28
C GLY C 544 -21.83 20.45 -17.97
N LYS C 545 -21.90 21.78 -18.11
CA LYS C 545 -23.17 22.48 -18.01
C LYS C 545 -24.03 22.21 -19.24
N GLN C 546 -25.32 22.49 -19.11
CA GLN C 546 -26.26 22.23 -20.19
C GLN C 546 -25.83 22.92 -21.46
N GLY C 547 -25.73 22.15 -22.55
CA GLY C 547 -25.35 22.66 -23.84
C GLY C 547 -23.87 22.92 -24.01
N THR C 548 -23.03 22.41 -23.13
CA THR C 548 -21.60 22.68 -23.23
C THR C 548 -21.00 21.94 -24.41
N GLY C 549 -20.22 22.65 -25.21
CA GLY C 549 -19.63 22.09 -26.40
C GLY C 549 -18.72 20.91 -26.11
N ARG C 550 -18.42 20.17 -27.18
CA ARG C 550 -17.63 18.95 -27.03
C ARG C 550 -16.13 19.22 -26.93
N ASP C 551 -15.63 20.30 -27.51
CA ASP C 551 -14.19 20.51 -27.62
C ASP C 551 -13.79 21.88 -27.10
N ASN C 552 -12.78 21.91 -26.23
CA ASN C 552 -12.05 23.13 -25.89
C ASN C 552 -12.94 24.20 -25.28
N VAL C 553 -13.96 23.79 -24.55
CA VAL C 553 -14.80 24.74 -23.86
C VAL C 553 -14.02 25.41 -22.72
N ASP C 554 -14.44 26.61 -22.35
CA ASP C 554 -13.77 27.34 -21.30
C ASP C 554 -14.08 26.72 -19.94
N ALA C 555 -13.50 27.32 -18.89
CA ALA C 555 -13.66 26.81 -17.54
C ALA C 555 -15.08 27.01 -17.01
N ASP C 556 -15.68 28.17 -17.24
CA ASP C 556 -17.01 28.47 -16.72
C ASP C 556 -18.11 27.64 -17.35
N LYS C 557 -17.81 26.90 -18.43
CA LYS C 557 -18.81 26.04 -19.05
C LYS C 557 -18.83 24.63 -18.45
N VAL C 558 -17.90 24.28 -17.58
CA VAL C 558 -17.87 22.98 -16.95
C VAL C 558 -17.90 23.15 -15.44
N MET C 559 -18.31 22.09 -14.76
CA MET C 559 -18.52 22.11 -13.32
C MET C 559 -17.46 21.23 -12.68
N ILE C 560 -16.55 21.85 -11.94
CA ILE C 560 -15.44 21.14 -11.30
C ILE C 560 -15.81 20.84 -9.87
N THR C 561 -15.94 19.55 -9.56
CA THR C 561 -16.27 19.12 -8.21
C THR C 561 -15.04 19.21 -7.31
N ASN C 562 -15.28 19.43 -6.02
CA ASN C 562 -14.22 19.56 -5.04
C ASN C 562 -14.49 18.66 -3.84
N GLU C 563 -13.40 18.13 -3.29
CA GLU C 563 -13.42 17.08 -2.28
C GLU C 563 -13.35 17.59 -0.85
N GLU C 564 -13.49 18.90 -0.63
CA GLU C 564 -13.15 19.52 0.64
C GLU C 564 -13.67 18.78 1.87
N GLU C 565 -14.75 18.02 1.74
CA GLU C 565 -15.34 17.36 2.90
C GLU C 565 -14.37 16.37 3.55
N ILE C 566 -13.49 15.74 2.77
CA ILE C 566 -12.69 14.63 3.26
C ILE C 566 -11.34 15.08 3.75
N LYS C 567 -11.09 16.39 3.79
CA LYS C 567 -9.79 16.86 4.24
C LYS C 567 -9.50 16.52 5.68
N THR C 568 -10.52 16.12 6.45
CA THR C 568 -10.25 15.61 7.79
C THR C 568 -9.36 14.38 7.74
N THR C 569 -9.85 13.28 7.18
CA THR C 569 -9.15 12.00 7.23
C THR C 569 -8.32 11.68 6.00
N ASN C 570 -8.26 12.55 5.01
CA ASN C 570 -7.51 12.22 3.80
C ASN C 570 -6.47 13.29 3.48
N PRO C 571 -5.35 12.93 2.88
CA PRO C 571 -4.33 13.93 2.55
C PRO C 571 -4.74 14.75 1.33
N VAL C 572 -4.10 15.90 1.18
CA VAL C 572 -4.42 16.79 0.07
C VAL C 572 -3.80 16.26 -1.21
N ALA C 573 -4.59 16.24 -2.28
CA ALA C 573 -4.16 15.60 -3.51
C ALA C 573 -2.98 16.32 -4.16
N THR C 574 -2.82 17.60 -3.89
CA THR C 574 -1.73 18.37 -4.47
C THR C 574 -0.52 18.48 -3.56
N GLU C 575 -0.55 17.84 -2.40
CA GLU C 575 0.50 17.97 -1.40
C GLU C 575 1.17 16.63 -1.14
N SER C 576 2.39 16.69 -0.62
CA SER C 576 3.11 15.48 -0.24
C SER C 576 2.40 14.80 0.92
N TYR C 577 2.65 13.50 1.07
CA TYR C 577 2.08 12.80 2.21
C TYR C 577 2.86 13.09 3.48
N GLY C 578 4.11 13.49 3.36
CA GLY C 578 4.92 13.74 4.52
C GLY C 578 6.39 13.56 4.22
N GLN C 579 7.17 13.30 5.26
CA GLN C 579 8.61 13.13 5.13
C GLN C 579 9.05 11.77 5.67
N VAL C 580 10.24 11.35 5.24
CA VAL C 580 10.93 10.20 5.78
C VAL C 580 12.41 10.53 5.86
N ALA C 581 13.06 10.00 6.89
CA ALA C 581 14.49 10.22 7.07
C ALA C 581 15.27 9.46 6.00
N THR C 582 16.19 10.14 5.33
CA THR C 582 16.91 9.56 4.21
C THR C 582 18.30 9.04 4.54
N ASN C 583 18.80 9.21 5.76
CA ASN C 583 20.13 8.71 6.08
C ASN C 583 20.31 8.67 7.59
N HIS C 584 21.47 8.18 8.03
CA HIS C 584 21.80 8.09 9.44
C HIS C 584 22.50 9.35 9.90
N GLN C 585 21.82 10.17 10.68
CA GLN C 585 22.46 11.38 11.18
C GLN C 585 23.57 10.95 12.11
N SER C 586 24.71 11.62 12.03
CA SER C 586 25.85 11.26 12.86
C SER C 586 26.74 12.47 13.04
N ALA C 587 27.86 12.31 13.72
CA ALA C 587 28.73 13.46 13.92
C ALA C 587 29.23 14.00 12.58
N GLN C 588 29.61 13.13 11.67
CA GLN C 588 30.07 13.58 10.36
C GLN C 588 29.03 14.23 9.46
N ALA C 589 27.82 13.68 9.41
CA ALA C 589 26.79 14.22 8.53
C ALA C 589 25.43 14.44 9.19
N GLN C 590 24.81 15.58 8.88
CA GLN C 590 23.53 15.96 9.46
C GLN C 590 22.36 15.09 9.04
N ALA C 591 21.27 15.17 9.79
CA ALA C 591 20.06 14.44 9.50
C ALA C 591 19.40 15.05 8.28
N GLN C 592 18.87 14.20 7.40
CA GLN C 592 18.23 14.69 6.19
C GLN C 592 16.88 14.04 5.97
N THR C 593 16.00 14.74 5.28
CA THR C 593 14.67 14.22 5.02
C THR C 593 14.29 14.39 3.56
N GLY C 594 13.47 13.47 3.07
CA GLY C 594 13.01 13.52 1.71
C GLY C 594 11.51 13.48 1.72
N TRP C 595 10.87 14.24 0.84
CA TRP C 595 9.42 14.28 0.78
C TRP C 595 8.88 12.99 0.19
N VAL C 596 7.66 12.63 0.56
CA VAL C 596 7.04 11.43 0.04
C VAL C 596 5.98 11.83 -0.97
N GLN C 597 6.08 11.33 -2.19
CA GLN C 597 5.12 11.69 -3.23
C GLN C 597 3.92 10.75 -3.25
N ASN C 598 4.18 9.45 -3.22
CA ASN C 598 3.09 8.48 -3.17
C ASN C 598 3.32 7.49 -2.04
N GLN C 599 2.31 7.34 -1.19
CA GLN C 599 2.39 6.45 -0.05
C GLN C 599 1.35 5.36 -0.19
N GLY C 600 1.79 4.11 -0.23
CA GLY C 600 0.88 2.99 -0.25
C GLY C 600 0.22 2.81 1.10
N ILE C 601 -0.65 1.81 1.17
CA ILE C 601 -1.29 1.47 2.43
C ILE C 601 -0.21 1.12 3.46
N LEU C 602 -0.40 1.61 4.68
CA LEU C 602 0.35 1.19 5.85
C LEU C 602 -0.63 0.71 6.90
N PRO C 603 -0.24 -0.19 7.79
CA PRO C 603 -1.17 -0.67 8.82
C PRO C 603 -1.63 0.47 9.71
N GLY C 604 -2.94 0.57 9.89
CA GLY C 604 -3.52 1.58 10.74
C GLY C 604 -4.01 2.83 10.04
N MET C 605 -4.09 2.83 8.72
CA MET C 605 -4.64 3.98 8.01
C MET C 605 -6.16 3.95 8.01
N VAL C 606 -6.75 5.13 7.92
CA VAL C 606 -8.19 5.29 7.74
C VAL C 606 -8.41 6.32 6.64
N TRP C 607 -9.48 6.14 5.88
CA TRP C 607 -9.74 7.03 4.76
C TRP C 607 -11.23 7.00 4.42
N GLN C 608 -11.66 8.02 3.69
CA GLN C 608 -13.01 8.14 3.16
C GLN C 608 -12.98 7.97 1.65
N ASP C 609 -13.94 7.20 1.13
CA ASP C 609 -14.02 7.04 -0.31
C ASP C 609 -14.54 8.31 -0.96
N ARG C 610 -14.60 8.31 -2.29
CA ARG C 610 -15.03 9.49 -3.01
C ARG C 610 -16.55 9.59 -2.98
N ASP C 611 -17.03 10.81 -2.80
CA ASP C 611 -18.46 11.06 -2.67
C ASP C 611 -19.15 10.92 -4.03
N VAL C 612 -20.46 10.70 -3.99
CA VAL C 612 -21.26 10.55 -5.20
C VAL C 612 -22.13 11.79 -5.36
N TYR C 613 -22.45 12.10 -6.61
CA TYR C 613 -23.18 13.30 -6.95
C TYR C 613 -24.46 12.93 -7.67
N LEU C 614 -25.39 13.90 -7.70
CA LEU C 614 -26.65 13.67 -8.41
C LEU C 614 -26.41 13.27 -9.85
N GLN C 615 -25.32 13.76 -10.43
CA GLN C 615 -24.98 13.43 -11.82
C GLN C 615 -24.08 12.22 -11.94
N GLY C 616 -23.55 11.70 -10.84
CA GLY C 616 -22.50 10.71 -10.89
C GLY C 616 -23.01 9.31 -11.09
N PRO C 617 -22.09 8.37 -11.32
CA PRO C 617 -22.49 6.98 -11.49
C PRO C 617 -22.95 6.38 -10.17
N ILE C 618 -23.77 5.33 -10.28
CA ILE C 618 -24.31 4.67 -9.11
C ILE C 618 -23.41 3.52 -8.70
N TRP C 619 -23.27 2.51 -9.55
CA TRP C 619 -22.46 1.34 -9.26
C TRP C 619 -21.45 1.11 -10.38
N ALA C 620 -20.50 0.24 -10.09
CA ALA C 620 -19.52 -0.19 -11.07
C ALA C 620 -19.16 -1.64 -10.79
N LYS C 621 -18.84 -2.38 -11.84
CA LYS C 621 -18.53 -3.79 -11.71
C LYS C 621 -17.09 -3.99 -11.29
N ILE C 622 -16.90 -4.70 -10.19
CA ILE C 622 -15.56 -5.13 -9.78
C ILE C 622 -15.01 -6.08 -10.84
N PRO C 623 -13.81 -5.87 -11.36
CA PRO C 623 -13.23 -6.85 -12.27
C PRO C 623 -13.11 -8.20 -11.58
N HIS C 624 -13.09 -9.25 -12.39
CA HIS C 624 -12.98 -10.60 -11.85
C HIS C 624 -11.50 -10.95 -11.80
N THR C 625 -10.95 -10.98 -10.59
CA THR C 625 -9.51 -11.05 -10.40
C THR C 625 -9.20 -11.91 -9.19
N ASP C 626 -7.93 -12.29 -9.07
CA ASP C 626 -7.50 -13.09 -7.92
C ASP C 626 -7.46 -12.25 -6.66
N GLY C 627 -7.19 -10.96 -6.78
CA GLY C 627 -7.16 -10.12 -5.60
C GLY C 627 -7.46 -8.68 -5.91
N ASN C 628 -7.97 -7.99 -4.91
CA ASN C 628 -8.21 -6.56 -4.96
C ASN C 628 -8.32 -6.04 -3.54
N PHE C 629 -8.10 -4.74 -3.38
CA PHE C 629 -8.14 -4.14 -2.06
C PHE C 629 -9.09 -2.96 -2.06
N HIS C 630 -10.08 -3.01 -1.18
CA HIS C 630 -11.10 -1.98 -1.00
C HIS C 630 -11.68 -1.67 -2.38
N PRO C 631 -12.47 -2.57 -2.92
CA PRO C 631 -12.84 -2.50 -4.34
C PRO C 631 -13.69 -1.31 -4.72
N SER C 632 -14.18 -0.57 -3.73
CA SER C 632 -15.11 0.53 -4.00
C SER C 632 -14.56 1.42 -5.11
N PRO C 633 -15.30 1.62 -6.19
CA PRO C 633 -14.72 2.21 -7.39
C PRO C 633 -14.21 3.62 -7.16
N LEU C 634 -13.28 4.03 -8.03
CA LEU C 634 -12.62 5.30 -7.84
C LEU C 634 -13.45 6.49 -8.27
N MET C 635 -14.36 6.32 -9.23
CA MET C 635 -15.23 7.44 -9.59
C MET C 635 -16.40 7.60 -8.62
N GLY C 636 -16.50 6.74 -7.63
CA GLY C 636 -17.57 6.82 -6.65
C GLY C 636 -18.62 5.75 -6.86
N GLY C 637 -19.42 5.54 -5.84
CA GLY C 637 -20.48 4.56 -5.89
C GLY C 637 -20.12 3.25 -5.21
N PHE C 638 -20.85 2.21 -5.59
CA PHE C 638 -20.82 0.92 -4.92
C PHE C 638 -20.09 -0.07 -5.80
N GLY C 639 -19.07 -0.73 -5.24
CA GLY C 639 -18.42 -1.81 -5.98
C GLY C 639 -19.18 -3.11 -5.79
N MET C 640 -19.26 -3.89 -6.87
CA MET C 640 -20.04 -5.12 -6.87
C MET C 640 -19.39 -6.11 -7.82
N LYS C 641 -19.41 -7.40 -7.45
CA LYS C 641 -18.93 -8.43 -8.37
C LYS C 641 -20.06 -8.99 -9.20
N HIS C 642 -21.30 -8.58 -8.92
CA HIS C 642 -22.47 -9.00 -9.68
C HIS C 642 -23.41 -7.81 -9.78
N PRO C 643 -23.07 -6.80 -10.59
CA PRO C 643 -23.93 -5.64 -10.71
C PRO C 643 -25.22 -6.02 -11.41
N PRO C 644 -26.16 -5.08 -11.54
CA PRO C 644 -27.33 -5.33 -12.36
C PRO C 644 -26.92 -5.67 -13.78
N PRO C 645 -27.53 -6.69 -14.37
CA PRO C 645 -27.08 -7.17 -15.68
C PRO C 645 -27.25 -6.11 -16.76
N GLN C 646 -26.54 -6.32 -17.86
CA GLN C 646 -26.76 -5.53 -19.05
C GLN C 646 -28.04 -5.97 -19.74
N ILE C 647 -28.78 -4.99 -20.26
CA ILE C 647 -30.04 -5.24 -20.94
C ILE C 647 -29.84 -4.89 -22.40
N LEU C 648 -29.80 -5.89 -23.27
CA LEU C 648 -29.50 -5.72 -24.68
C LEU C 648 -30.78 -5.78 -25.49
N ILE C 649 -30.91 -4.91 -26.48
CA ILE C 649 -32.11 -4.82 -27.30
C ILE C 649 -31.72 -4.39 -28.70
N LYS C 650 -32.43 -4.92 -29.70
CA LYS C 650 -32.21 -4.53 -31.08
C LYS C 650 -33.47 -4.76 -31.88
N ASN C 651 -33.53 -4.16 -33.07
CA ASN C 651 -34.60 -4.43 -34.01
C ASN C 651 -34.24 -5.63 -34.87
N THR C 652 -35.15 -6.60 -34.94
CA THR C 652 -34.89 -7.80 -35.74
C THR C 652 -34.88 -7.43 -37.22
N PRO C 653 -33.84 -7.82 -37.97
CA PRO C 653 -33.77 -7.41 -39.38
C PRO C 653 -34.86 -8.08 -40.21
N VAL C 654 -35.56 -7.28 -41.00
CA VAL C 654 -36.61 -7.75 -41.90
C VAL C 654 -36.17 -7.40 -43.32
N PRO C 655 -35.92 -8.40 -44.18
CA PRO C 655 -35.52 -8.14 -45.58
C PRO C 655 -36.69 -7.66 -46.44
N ASN C 668 -28.45 -8.58 -48.21
CA ASN C 668 -28.10 -7.38 -47.45
C ASN C 668 -29.03 -6.21 -47.76
N SER C 669 -30.28 -6.53 -48.10
CA SER C 669 -31.31 -5.53 -48.36
C SER C 669 -32.37 -5.64 -47.28
N PHE C 670 -32.46 -4.62 -46.43
CA PHE C 670 -33.39 -4.62 -45.32
C PHE C 670 -34.23 -3.35 -45.34
N ILE C 671 -35.31 -3.37 -44.56
CA ILE C 671 -36.19 -2.22 -44.48
C ILE C 671 -35.63 -1.24 -43.47
N THR C 672 -35.64 0.05 -43.82
CA THR C 672 -35.26 1.08 -42.86
C THR C 672 -36.31 1.15 -41.76
N GLN C 673 -35.87 1.00 -40.52
CA GLN C 673 -36.79 0.63 -39.45
C GLN C 673 -36.23 1.11 -38.12
N TYR C 674 -37.13 1.29 -37.15
CA TYR C 674 -36.74 1.59 -35.78
C TYR C 674 -37.91 1.26 -34.87
N SER C 675 -37.78 1.63 -33.60
CA SER C 675 -38.82 1.33 -32.62
C SER C 675 -38.74 2.31 -31.45
N THR C 676 -39.85 2.38 -30.71
CA THR C 676 -39.94 3.20 -29.51
C THR C 676 -40.75 2.43 -28.48
N GLY C 677 -40.72 2.92 -27.24
CA GLY C 677 -41.40 2.22 -26.18
C GLY C 677 -41.27 2.94 -24.85
N GLN C 678 -41.50 2.18 -23.78
CA GLN C 678 -41.43 2.69 -22.41
C GLN C 678 -40.43 1.85 -21.62
N VAL C 679 -39.74 2.49 -20.67
CA VAL C 679 -38.82 1.82 -19.77
C VAL C 679 -39.07 2.31 -18.35
N SER C 680 -39.42 1.39 -17.47
CA SER C 680 -39.64 1.71 -16.06
C SER C 680 -38.68 0.92 -15.20
N VAL C 681 -37.76 1.61 -14.55
CA VAL C 681 -36.78 1.01 -13.67
C VAL C 681 -37.05 1.46 -12.25
N GLU C 682 -37.19 0.50 -11.34
CA GLU C 682 -37.61 0.75 -9.97
C GLU C 682 -36.60 0.14 -9.02
N ILE C 683 -35.96 0.98 -8.21
CA ILE C 683 -34.93 0.55 -7.26
C ILE C 683 -35.44 0.79 -5.85
N GLU C 684 -35.18 -0.16 -4.96
CA GLU C 684 -35.53 -0.02 -3.56
C GLU C 684 -34.28 0.30 -2.75
N TRP C 685 -34.23 1.51 -2.21
CA TRP C 685 -33.08 2.02 -1.48
C TRP C 685 -33.29 1.80 0.02
N GLU C 686 -32.21 1.50 0.73
CA GLU C 686 -32.23 1.39 2.18
C GLU C 686 -31.45 2.56 2.75
N LEU C 687 -31.81 2.99 3.95
CA LEU C 687 -31.24 4.20 4.53
C LEU C 687 -30.69 3.93 5.93
N GLN C 688 -29.91 4.89 6.43
CA GLN C 688 -29.41 4.87 7.80
C GLN C 688 -29.76 6.21 8.45
N LYS C 689 -30.47 6.15 9.56
CA LYS C 689 -31.00 7.35 10.19
C LYS C 689 -29.91 8.16 10.88
N GLU C 690 -30.21 9.44 11.11
CA GLU C 690 -29.26 10.37 11.70
C GLU C 690 -29.42 10.38 13.21
N ASN C 691 -28.39 9.89 13.90
CA ASN C 691 -28.44 9.63 15.34
C ASN C 691 -27.79 10.74 16.17
N SER C 692 -27.32 11.81 15.54
CA SER C 692 -26.42 12.75 16.20
C SER C 692 -27.13 13.53 17.32
N LYS C 693 -26.38 13.77 18.38
CA LYS C 693 -26.79 14.62 19.50
C LYS C 693 -26.30 16.05 19.39
N ARG C 694 -25.71 16.41 18.25
CA ARG C 694 -25.11 17.72 18.07
C ARG C 694 -26.05 18.85 18.49
N TRP C 695 -25.49 19.82 19.22
CA TRP C 695 -26.32 20.88 19.79
C TRP C 695 -26.64 21.97 18.79
N ASN C 696 -25.66 22.40 18.00
CA ASN C 696 -25.92 23.45 17.01
C ASN C 696 -26.42 22.84 15.71
N PRO C 697 -27.14 23.62 14.89
CA PRO C 697 -27.79 23.04 13.71
C PRO C 697 -26.79 22.63 12.62
N GLU C 698 -27.17 21.60 11.89
CA GLU C 698 -26.40 21.01 10.80
C GLU C 698 -26.32 21.97 9.62
N ILE C 699 -25.37 21.68 8.73
CA ILE C 699 -25.34 22.31 7.41
C ILE C 699 -26.22 21.49 6.47
N GLN C 700 -27.27 22.11 5.95
CA GLN C 700 -28.21 21.43 5.08
C GLN C 700 -28.14 22.05 3.69
N TYR C 701 -28.51 21.27 2.68
CA TYR C 701 -28.52 21.77 1.32
C TYR C 701 -29.79 22.58 1.09
N THR C 702 -29.61 23.84 0.72
CA THR C 702 -30.74 24.76 0.57
C THR C 702 -30.61 25.54 -0.72
N SER C 703 -31.75 25.80 -1.35
CA SER C 703 -31.79 26.68 -2.50
C SER C 703 -31.68 28.13 -2.04
N ASN C 704 -31.26 29.00 -2.95
CA ASN C 704 -31.12 30.42 -2.66
C ASN C 704 -32.43 31.14 -2.93
N TYR C 705 -32.83 32.00 -1.98
CA TYR C 705 -34.10 32.70 -2.11
C TYR C 705 -33.99 33.85 -3.10
N TYR C 706 -32.79 34.36 -3.36
CA TYR C 706 -32.61 35.50 -4.24
C TYR C 706 -33.18 35.21 -5.62
N LYS C 707 -33.74 36.24 -6.24
CA LYS C 707 -34.48 36.07 -7.47
C LYS C 707 -33.57 35.87 -8.67
N SER C 708 -34.03 35.06 -9.62
CA SER C 708 -33.27 34.75 -10.81
C SER C 708 -34.23 34.69 -12.00
N ASN C 709 -33.65 34.70 -13.20
CA ASN C 709 -34.47 34.59 -14.40
C ASN C 709 -35.04 33.19 -14.58
N ASN C 710 -34.46 32.20 -13.90
CA ASN C 710 -34.91 30.82 -14.01
C ASN C 710 -34.83 30.15 -12.66
N VAL C 711 -35.87 29.41 -12.33
CA VAL C 711 -35.88 28.61 -11.10
C VAL C 711 -34.85 27.51 -11.26
N GLU C 712 -33.95 27.39 -10.28
CA GLU C 712 -32.89 26.41 -10.36
C GLU C 712 -33.48 25.00 -10.47
N PHE C 713 -32.84 24.17 -11.29
CA PHE C 713 -33.29 22.81 -11.54
C PHE C 713 -34.67 22.78 -12.18
N ALA C 714 -34.88 23.63 -13.18
CA ALA C 714 -36.12 23.68 -13.93
C ALA C 714 -35.82 24.15 -15.35
N VAL C 715 -36.86 24.16 -16.18
CA VAL C 715 -36.68 24.51 -17.59
C VAL C 715 -36.63 26.02 -17.78
N ASN C 716 -36.00 26.43 -18.88
CA ASN C 716 -35.99 27.83 -19.29
C ASN C 716 -37.14 28.08 -20.26
N THR C 717 -37.14 29.26 -20.90
CA THR C 717 -38.24 29.63 -21.78
C THR C 717 -38.37 28.71 -22.99
N GLU C 718 -37.29 28.08 -23.42
CA GLU C 718 -37.34 27.16 -24.54
C GLU C 718 -37.51 25.71 -24.13
N GLY C 719 -37.67 25.43 -22.84
CA GLY C 719 -37.92 24.08 -22.38
C GLY C 719 -36.71 23.16 -22.41
N VAL C 720 -35.57 23.60 -21.91
CA VAL C 720 -34.37 22.78 -21.82
C VAL C 720 -34.02 22.60 -20.35
N TYR C 721 -34.13 21.38 -19.85
CA TYR C 721 -33.87 21.09 -18.44
C TYR C 721 -32.37 21.20 -18.18
N SER C 722 -31.99 22.00 -17.20
CA SER C 722 -30.59 22.16 -16.89
C SER C 722 -30.35 22.10 -15.39
N GLU C 723 -29.23 21.48 -15.01
CA GLU C 723 -28.85 21.37 -13.62
C GLU C 723 -27.80 22.43 -13.37
N PRO C 724 -28.05 23.29 -12.39
CA PRO C 724 -27.14 24.40 -12.09
C PRO C 724 -25.75 23.99 -11.65
N ARG C 725 -25.64 23.01 -10.77
CA ARG C 725 -24.33 22.59 -10.30
C ARG C 725 -24.32 21.16 -9.78
N PRO C 726 -23.14 20.55 -9.73
CA PRO C 726 -23.09 19.18 -9.21
C PRO C 726 -23.45 19.24 -7.76
N ILE C 727 -24.27 18.30 -7.29
CA ILE C 727 -24.67 18.29 -5.90
C ILE C 727 -24.04 17.10 -5.20
N GLY C 728 -23.36 17.37 -4.09
CA GLY C 728 -22.70 16.33 -3.34
C GLY C 728 -23.64 15.62 -2.40
N THR C 729 -23.14 14.62 -1.70
CA THR C 729 -23.97 13.87 -0.78
C THR C 729 -23.61 14.12 0.68
N ARG C 730 -22.57 14.90 0.95
CA ARG C 730 -22.02 15.01 2.30
C ARG C 730 -22.30 16.40 2.86
N TYR C 731 -23.23 16.43 3.83
CA TYR C 731 -23.63 17.63 4.53
C TYR C 731 -23.62 17.40 6.04
N LEU C 732 -24.37 16.40 6.50
CA LEU C 732 -24.46 16.11 7.92
C LEU C 732 -23.08 15.80 8.49
N THR C 733 -22.97 15.95 9.81
CA THR C 733 -21.71 15.76 10.49
C THR C 733 -21.78 14.59 11.46
N ARG C 734 -20.64 13.90 11.60
CA ARG C 734 -20.47 12.86 12.58
C ARG C 734 -19.22 13.13 13.39
N ASN C 735 -19.11 12.45 14.51
CA ASN C 735 -17.83 12.35 15.19
C ASN C 735 -16.93 11.40 14.41
N LEU C 736 -15.64 11.52 14.63
CA LEU C 736 -14.69 10.69 13.91
C LEU C 736 -14.65 9.30 14.51
N ALA D 1 30.81 5.90 -14.07
CA ALA D 1 31.70 5.92 -15.22
C ALA D 1 31.12 6.80 -16.33
N VAL D 2 30.38 7.84 -15.94
CA VAL D 2 29.71 8.68 -16.92
C VAL D 2 30.58 9.89 -17.23
N GLU D 3 30.63 10.26 -18.51
CA GLU D 3 31.25 11.48 -18.99
C GLU D 3 31.06 11.53 -20.50
N SER D 4 31.24 12.71 -21.08
CA SER D 4 30.91 12.93 -22.48
C SER D 4 31.90 13.90 -23.13
N GLY D 5 31.58 14.34 -24.34
CA GLY D 5 32.42 15.29 -25.04
C GLY D 5 31.59 16.11 -26.01
N GLY D 6 32.10 17.30 -26.31
CA GLY D 6 31.38 18.25 -27.14
C GLY D 6 31.86 18.24 -28.59
N GLY D 7 31.03 18.77 -29.48
CA GLY D 7 31.36 18.87 -30.88
C GLY D 7 32.20 20.09 -31.20
N LEU D 8 33.12 19.96 -32.14
CA LEU D 8 34.03 21.05 -32.45
C LEU D 8 33.63 21.71 -33.77
N VAL D 9 33.46 23.04 -33.73
CA VAL D 9 33.09 23.80 -34.90
C VAL D 9 34.14 24.89 -35.12
N LYS D 10 34.28 25.32 -36.37
CA LYS D 10 35.26 26.34 -36.71
C LYS D 10 34.86 27.67 -36.09
N PRO D 11 35.81 28.58 -35.85
CA PRO D 11 35.44 29.92 -35.39
C PRO D 11 34.93 30.77 -36.55
N GLY D 12 33.98 31.66 -36.23
CA GLY D 12 33.56 32.68 -37.17
C GLY D 12 32.21 32.49 -37.82
N GLY D 13 31.46 31.45 -37.48
CA GLY D 13 30.17 31.25 -38.09
C GLY D 13 29.18 30.48 -37.23
N PRO D 14 27.89 30.68 -37.48
CA PRO D 14 26.86 29.91 -36.77
C PRO D 14 26.90 28.44 -37.21
N LEU D 15 26.92 27.55 -36.22
CA LEU D 15 26.89 26.11 -36.48
C LEU D 15 25.96 25.46 -35.46
N ARG D 16 25.86 24.13 -35.54
CA ARG D 16 25.33 23.35 -34.44
C ARG D 16 26.38 22.33 -34.01
N LEU D 17 26.98 22.57 -32.85
CA LEU D 17 27.90 21.60 -32.29
C LEU D 17 27.13 20.53 -31.51
N SER D 18 27.74 19.36 -31.41
CA SER D 18 27.09 18.19 -30.82
C SER D 18 27.69 17.91 -29.45
N CYS D 19 26.87 17.38 -28.55
CA CYS D 19 27.37 16.80 -27.30
C CYS D 19 27.10 15.30 -27.37
N ALA D 20 28.16 14.53 -27.55
CA ALA D 20 28.02 13.09 -27.53
C ALA D 20 27.70 12.64 -26.12
N ALA D 21 27.16 11.42 -25.98
CA ALA D 21 26.78 10.89 -24.69
C ALA D 21 27.40 9.52 -24.49
N SER D 22 28.29 9.41 -23.51
CA SER D 22 28.88 8.15 -23.10
C SER D 22 28.54 7.91 -21.63
N GLY D 23 28.29 6.66 -21.29
CA GLY D 23 28.02 6.29 -19.92
C GLY D 23 26.59 6.50 -19.46
N PHE D 24 25.80 7.30 -20.17
CA PHE D 24 24.42 7.53 -19.77
C PHE D 24 23.60 7.87 -21.01
N SER D 25 22.28 7.75 -20.85
CA SER D 25 21.34 8.06 -21.92
C SER D 25 20.82 9.48 -21.74
N LEU D 26 20.75 10.22 -22.84
CA LEU D 26 20.22 11.59 -22.79
C LEU D 26 18.71 11.59 -22.67
N SER D 27 18.09 10.41 -22.75
CA SER D 27 16.63 10.35 -22.71
C SER D 27 16.09 10.72 -21.34
N ASP D 28 16.64 10.13 -20.28
CA ASP D 28 16.05 10.31 -18.96
C ASP D 28 16.75 11.44 -18.19
N ASN D 29 17.70 12.11 -18.83
CA ASN D 29 18.49 13.11 -18.11
C ASN D 29 18.20 14.51 -18.62
N TYR D 30 18.18 15.47 -17.69
CA TYR D 30 18.04 16.89 -18.00
C TYR D 30 19.42 17.39 -18.40
N MET D 31 19.50 18.06 -19.53
CA MET D 31 20.78 18.49 -20.07
C MET D 31 20.78 20.00 -20.31
N THR D 32 21.93 20.63 -20.05
CA THR D 32 22.08 22.07 -20.19
C THR D 32 23.40 22.40 -20.86
N TRP D 33 23.41 23.54 -21.54
CA TRP D 33 24.61 24.05 -22.19
C TRP D 33 25.11 25.23 -21.38
N ILE D 34 26.39 25.24 -21.04
CA ILE D 34 26.94 26.37 -20.30
C ILE D 34 28.07 26.98 -21.10
N ARG D 35 28.01 28.30 -21.28
CA ARG D 35 29.02 29.00 -22.06
C ARG D 35 29.80 30.00 -21.20
N GLN D 36 31.12 29.94 -21.30
CA GLN D 36 31.95 30.85 -20.55
C GLN D 36 32.85 31.65 -21.46
N ALA D 37 32.85 32.97 -21.30
CA ALA D 37 33.73 33.83 -22.07
C ALA D 37 35.10 33.62 -21.46
N PRO D 38 36.16 33.65 -22.28
CA PRO D 38 37.45 33.39 -21.63
C PRO D 38 37.87 34.44 -20.60
N GLY D 39 38.21 33.96 -19.40
CA GLY D 39 38.71 34.80 -18.32
C GLY D 39 37.75 35.64 -17.50
N LYS D 40 36.44 35.56 -17.74
CA LYS D 40 35.52 36.41 -16.97
C LYS D 40 34.37 35.75 -16.20
N GLY D 41 33.49 35.04 -16.91
CA GLY D 41 32.34 34.44 -16.25
C GLY D 41 31.66 33.27 -16.93
N LEU D 42 30.81 32.58 -16.16
CA LEU D 42 30.05 31.44 -16.65
C LEU D 42 28.58 31.85 -16.73
N GLU D 43 27.98 31.66 -17.89
CA GLU D 43 26.58 32.03 -18.09
C GLU D 43 25.72 30.88 -18.61
N TRP D 44 24.55 30.71 -18.01
CA TRP D 44 23.62 29.66 -18.43
C TRP D 44 23.19 29.93 -19.86
N VAL D 45 23.09 28.89 -20.68
CA VAL D 45 22.68 29.09 -22.07
C VAL D 45 21.34 28.48 -22.42
N SER D 46 21.13 27.20 -22.13
CA SER D 46 19.84 26.59 -22.47
C SER D 46 19.61 25.36 -21.60
N TYR D 47 18.33 24.99 -21.49
CA TYR D 47 17.87 23.84 -20.71
C TYR D 47 16.89 23.06 -21.56
N ILE D 48 16.92 21.73 -21.44
CA ILE D 48 16.01 20.85 -22.15
C ILE D 48 15.57 19.73 -21.22
N SER D 49 14.27 19.44 -21.22
CA SER D 49 13.73 18.40 -20.36
C SER D 49 14.10 17.02 -20.88
N SER D 50 14.02 16.04 -19.97
CA SER D 50 14.21 14.64 -20.36
C SER D 50 13.14 14.20 -21.34
N SER D 51 11.90 14.62 -21.11
CA SER D 51 10.85 14.39 -22.10
C SER D 51 10.99 15.34 -23.28
N GLY D 52 11.80 16.39 -23.12
CA GLY D 52 12.00 17.36 -24.17
C GLY D 52 10.83 18.30 -24.41
N SER D 53 9.74 18.14 -23.68
CA SER D 53 8.58 18.99 -23.89
C SER D 53 8.79 20.37 -23.26
N PHE D 54 9.74 20.48 -22.34
CA PHE D 54 10.04 21.73 -21.67
C PHE D 54 11.44 22.19 -22.06
N ILE D 55 11.50 23.35 -22.70
CA ILE D 55 12.76 23.94 -23.17
C ILE D 55 12.74 25.41 -22.82
N ASN D 56 13.86 25.92 -22.31
CA ASN D 56 13.95 27.33 -21.95
C ASN D 56 15.37 27.81 -22.18
N TYR D 57 15.51 29.11 -22.40
CA TYR D 57 16.76 29.69 -22.88
C TYR D 57 17.16 30.87 -22.01
N ALA D 58 18.40 31.32 -22.20
CA ALA D 58 18.83 32.58 -21.63
C ALA D 58 18.45 33.73 -22.55
N ASP D 59 18.04 34.85 -21.94
CA ASP D 59 17.46 35.95 -22.70
C ASP D 59 18.38 36.42 -23.83
N SER D 60 19.69 36.41 -23.60
CA SER D 60 20.62 36.83 -24.64
C SER D 60 20.54 35.90 -25.85
N VAL D 61 20.49 34.59 -25.62
CA VAL D 61 20.41 33.64 -26.72
C VAL D 61 18.98 33.17 -27.00
N LYS D 62 18.00 33.63 -26.23
CA LYS D 62 16.63 33.25 -26.48
C LYS D 62 16.12 33.90 -27.76
N GLY D 63 15.21 33.20 -28.44
CA GLY D 63 14.72 33.70 -29.72
C GLY D 63 15.76 33.63 -30.82
N ARG D 64 16.92 33.06 -30.52
CA ARG D 64 18.01 32.97 -31.48
C ARG D 64 18.41 31.51 -31.70
N PHE D 65 19.07 30.92 -30.70
CA PHE D 65 19.55 29.54 -30.78
C PHE D 65 18.38 28.58 -30.67
N THR D 66 18.58 27.35 -31.11
CA THR D 66 17.58 26.29 -31.01
C THR D 66 18.28 25.00 -30.61
N ILE D 67 17.70 24.30 -29.63
CA ILE D 67 18.29 23.08 -29.07
C ILE D 67 17.50 21.89 -29.59
N SER D 68 18.19 20.78 -29.82
CA SER D 68 17.56 19.52 -30.23
C SER D 68 18.36 18.37 -29.65
N ARG D 69 17.66 17.35 -29.17
CA ARG D 69 18.27 16.23 -28.48
C ARG D 69 17.89 14.93 -29.17
N ASP D 70 18.88 14.26 -29.74
CA ASP D 70 18.68 13.00 -30.45
C ASP D 70 19.06 11.86 -29.52
N ASN D 71 18.07 11.04 -29.16
CA ASN D 71 18.31 9.97 -28.19
C ASN D 71 19.00 8.78 -28.82
N ALA D 72 18.64 8.45 -30.07
CA ALA D 72 19.16 7.24 -30.70
C ALA D 72 20.67 7.30 -30.86
N LYS D 73 21.19 8.47 -31.19
CA LYS D 73 22.62 8.63 -31.47
C LYS D 73 23.43 9.04 -30.24
N ASN D 74 22.78 9.20 -29.09
CA ASN D 74 23.42 9.69 -27.86
C ASN D 74 24.20 10.98 -28.14
N SER D 75 23.52 11.95 -28.75
CA SER D 75 24.13 13.23 -29.06
C SER D 75 23.17 14.35 -28.76
N LEU D 76 23.69 15.42 -28.18
CA LEU D 76 22.91 16.59 -27.80
C LEU D 76 23.31 17.75 -28.72
N TYR D 77 22.38 18.18 -29.56
CA TYR D 77 22.63 19.19 -30.57
C TYR D 77 22.10 20.54 -30.10
N LEU D 78 22.96 21.56 -30.16
CA LEU D 78 22.56 22.93 -29.94
C LEU D 78 22.92 23.75 -31.17
N GLN D 79 21.91 24.26 -31.87
CA GLN D 79 22.10 25.01 -33.09
C GLN D 79 22.12 26.50 -32.78
N MET D 80 23.27 27.13 -33.01
CA MET D 80 23.42 28.57 -32.84
C MET D 80 23.29 29.23 -34.21
N ASN D 81 22.58 30.35 -34.26
CA ASN D 81 22.25 31.02 -35.50
C ASN D 81 22.49 32.51 -35.37
N SER D 82 23.01 33.11 -36.46
CA SER D 82 23.18 34.55 -36.55
C SER D 82 24.00 35.10 -35.38
N LEU D 83 25.19 34.54 -35.21
CA LEU D 83 26.00 34.83 -34.03
C LEU D 83 26.41 36.31 -33.99
N ARG D 84 26.75 36.76 -32.79
CA ARG D 84 27.29 38.09 -32.55
C ARG D 84 28.70 37.97 -32.00
N ALA D 85 29.47 39.05 -32.14
CA ALA D 85 30.82 39.06 -31.59
C ALA D 85 30.82 38.89 -30.08
N GLU D 86 29.68 39.14 -29.42
CA GLU D 86 29.59 38.93 -27.99
C GLU D 86 29.23 37.48 -27.67
N ASP D 87 29.05 36.66 -28.70
CA ASP D 87 28.80 35.24 -28.47
C ASP D 87 30.11 34.45 -28.46
N THR D 88 31.24 35.14 -28.53
CA THR D 88 32.53 34.46 -28.51
C THR D 88 32.91 34.07 -27.09
N ALA D 89 33.05 32.77 -26.88
CA ALA D 89 33.27 32.22 -25.54
C ALA D 89 33.37 30.70 -25.65
N VAL D 90 33.66 30.07 -24.51
CA VAL D 90 33.75 28.62 -24.45
C VAL D 90 32.42 28.05 -23.96
N TYR D 91 31.99 26.94 -24.55
CA TYR D 91 30.74 26.28 -24.19
C TYR D 91 31.05 24.96 -23.50
N TYR D 92 30.27 24.64 -22.47
CA TYR D 92 30.33 23.34 -21.80
C TYR D 92 29.02 22.60 -22.01
N CYS D 93 29.08 21.28 -21.95
CA CYS D 93 27.87 20.47 -22.07
C CYS D 93 27.55 19.89 -20.71
N ALA D 94 26.95 20.72 -19.85
CA ALA D 94 26.61 20.31 -18.50
C ALA D 94 25.47 19.29 -18.40
N ARG D 95 25.59 18.42 -17.40
CA ARG D 95 24.60 17.40 -17.11
C ARG D 95 24.03 17.78 -15.76
N VAL D 96 22.72 17.95 -15.68
CA VAL D 96 22.12 18.35 -14.41
C VAL D 96 21.24 17.25 -13.86
N LEU D 97 21.44 16.93 -12.59
CA LEU D 97 20.63 15.92 -11.95
C LEU D 97 19.61 16.66 -11.15
N SER D 98 18.34 16.41 -11.43
CA SER D 98 17.28 17.09 -10.72
C SER D 98 16.60 16.11 -9.80
N SER D 99 16.53 16.46 -8.52
CA SER D 99 15.91 15.61 -7.52
C SER D 99 16.41 14.18 -7.55
N GLY D 100 17.67 14.00 -7.24
CA GLY D 100 18.29 12.71 -7.31
C GLY D 100 17.61 11.63 -6.47
N GLY D 101 16.98 12.00 -5.38
CA GLY D 101 16.28 11.00 -4.56
C GLY D 101 15.16 10.25 -5.27
N LEU D 102 14.85 9.04 -4.79
CA LEU D 102 13.78 8.19 -5.35
C LEU D 102 12.39 8.76 -5.06
N THR D 103 11.36 8.34 -5.78
CA THR D 103 10.04 8.96 -5.54
C THR D 103 9.44 8.82 -4.14
N THR D 104 9.60 7.68 -3.48
CA THR D 104 9.03 7.57 -2.14
C THR D 104 9.66 8.55 -1.15
N SER D 105 10.95 8.79 -1.27
CA SER D 105 11.64 9.74 -0.42
C SER D 105 12.37 10.64 -1.41
N TRP D 106 11.72 11.71 -1.83
CA TRP D 106 12.28 12.60 -2.84
C TRP D 106 12.74 13.98 -2.35
N ARG D 107 13.95 14.35 -2.75
CA ARG D 107 14.54 15.64 -2.44
C ARG D 107 14.82 16.36 -3.74
N ALA D 108 14.45 17.63 -3.82
CA ALA D 108 14.68 18.36 -5.06
C ALA D 108 15.93 19.23 -5.02
N LEU D 109 16.95 18.81 -5.76
CA LEU D 109 18.18 19.57 -5.85
C LEU D 109 18.50 19.78 -7.32
N TRP D 110 19.15 20.87 -7.65
CA TRP D 110 19.51 21.17 -9.03
C TRP D 110 20.95 21.62 -9.09
N TYR D 111 21.79 20.86 -9.78
CA TYR D 111 23.20 21.21 -9.87
C TYR D 111 23.78 20.48 -11.07
N PHE D 112 24.95 20.94 -11.51
CA PHE D 112 25.58 20.42 -12.71
C PHE D 112 26.52 19.30 -12.29
N ASP D 113 26.13 18.06 -12.59
CA ASP D 113 26.86 16.91 -12.06
C ASP D 113 28.11 16.61 -12.87
N VAL D 114 27.98 16.51 -14.19
CA VAL D 114 29.04 16.02 -15.06
C VAL D 114 29.37 17.11 -16.07
N TRP D 115 30.65 17.38 -16.25
CA TRP D 115 31.08 18.45 -17.15
C TRP D 115 31.92 18.01 -18.34
N GLY D 116 31.40 18.26 -19.55
CA GLY D 116 32.13 17.96 -20.76
C GLY D 116 33.23 19.00 -20.89
N ARG D 117 34.39 18.62 -21.43
CA ARG D 117 35.47 19.59 -21.57
C ARG D 117 35.07 20.68 -22.55
N GLY D 118 35.39 21.92 -22.19
CA GLY D 118 35.04 23.07 -23.01
C GLY D 118 35.77 23.23 -24.33
N THR D 119 35.02 23.67 -25.33
CA THR D 119 35.54 23.94 -26.67
C THR D 119 35.20 25.39 -26.97
N LEU D 120 36.16 26.15 -27.47
CA LEU D 120 35.90 27.56 -27.77
C LEU D 120 35.31 27.79 -29.14
N VAL D 121 34.32 28.69 -29.20
CA VAL D 121 33.67 29.05 -30.45
C VAL D 121 33.72 30.56 -30.58
N THR D 122 34.47 31.04 -31.57
CA THR D 122 34.74 32.46 -31.77
C THR D 122 33.96 32.97 -32.96
N VAL D 123 33.39 34.16 -32.83
CA VAL D 123 32.64 34.80 -33.90
C VAL D 123 33.54 35.84 -34.55
N SER D 124 33.96 35.58 -35.77
CA SER D 124 34.89 36.44 -36.48
C SER D 124 34.90 36.13 -37.97
N THR E 1 17.37 40.04 -11.04
CA THR E 1 17.87 38.67 -10.98
C THR E 1 19.34 38.60 -11.35
N VAL E 2 20.20 39.06 -10.44
CA VAL E 2 21.64 39.05 -10.63
C VAL E 2 22.31 38.51 -9.37
N VAL E 3 23.07 37.44 -9.53
CA VAL E 3 23.76 36.83 -8.41
C VAL E 3 24.90 37.73 -7.97
N THR E 4 25.09 37.85 -6.65
CA THR E 4 26.06 38.76 -6.08
C THR E 4 27.00 38.00 -5.15
N GLN E 5 28.29 38.12 -5.40
CA GLN E 5 29.32 37.60 -4.50
C GLN E 5 30.58 38.42 -4.66
N GLU E 6 31.40 38.46 -3.62
CA GLU E 6 32.54 39.37 -3.58
C GLU E 6 33.74 38.78 -4.32
N PRO E 7 34.32 39.51 -5.29
CA PRO E 7 35.39 38.93 -6.09
C PRO E 7 36.69 38.67 -5.34
N SER E 8 36.89 39.31 -4.19
CA SER E 8 38.17 39.30 -3.51
C SER E 8 38.08 38.56 -2.19
N PHE E 9 38.79 37.46 -2.09
CA PHE E 9 38.84 36.64 -0.89
C PHE E 9 40.14 35.86 -0.86
N SER E 10 41.14 36.41 -0.19
CA SER E 10 42.44 35.77 -0.10
C SER E 10 42.70 35.30 1.32
N VAL E 11 42.99 34.02 1.48
CA VAL E 11 43.27 33.48 2.79
C VAL E 11 44.57 32.70 2.81
N SER E 12 45.38 32.96 3.83
CA SER E 12 46.65 32.25 4.01
C SER E 12 46.37 30.82 4.42
N PRO E 13 47.30 29.90 4.09
CA PRO E 13 47.06 28.50 4.43
C PRO E 13 46.88 28.31 5.93
N GLY E 14 45.95 27.41 6.30
CA GLY E 14 45.65 27.16 7.68
C GLY E 14 44.60 28.10 8.22
N GLY E 15 44.00 28.89 7.33
CA GLY E 15 42.96 29.83 7.70
C GLY E 15 41.66 29.56 6.97
N THR E 16 40.54 29.55 7.69
CA THR E 16 39.25 29.30 7.06
C THR E 16 38.49 30.61 6.87
N VAL E 17 38.15 30.90 5.62
CA VAL E 17 37.44 32.11 5.26
C VAL E 17 36.07 31.75 4.71
N THR E 18 35.07 32.62 4.93
CA THR E 18 33.72 32.36 4.47
C THR E 18 33.47 33.15 3.19
N LEU E 19 32.91 32.49 2.19
CA LEU E 19 32.49 33.14 0.95
C LEU E 19 30.97 33.27 0.94
N THR E 20 30.48 34.50 0.78
CA THR E 20 29.04 34.70 0.80
C THR E 20 28.46 35.25 -0.50
N CYS E 21 27.60 34.46 -1.11
CA CYS E 21 26.96 34.84 -2.35
C CYS E 21 25.46 34.93 -2.14
N GLY E 22 24.88 36.08 -2.50
CA GLY E 22 23.45 36.27 -2.34
C GLY E 22 22.84 36.85 -3.60
N LEU E 23 21.55 37.17 -3.52
CA LEU E 23 20.84 37.73 -4.64
C LEU E 23 20.38 39.14 -4.30
N THR E 24 20.69 40.09 -5.16
CA THR E 24 20.30 41.48 -4.93
C THR E 24 18.80 41.68 -4.90
N SER E 25 18.11 41.05 -5.84
CA SER E 25 16.66 41.20 -5.95
C SER E 25 15.87 40.67 -4.76
N GLY E 26 16.25 39.50 -4.26
CA GLY E 26 15.55 38.88 -3.15
C GLY E 26 16.40 38.00 -2.26
N SER E 27 15.94 37.79 -1.04
CA SER E 27 16.64 36.97 -0.07
C SER E 27 16.68 35.50 -0.50
N VAL E 28 17.76 34.81 -0.15
CA VAL E 28 17.91 33.39 -0.51
C VAL E 28 17.54 32.41 0.61
N SER E 29 17.32 31.17 0.18
CA SER E 29 16.96 30.06 1.03
C SER E 29 17.07 28.77 0.24
N THR E 30 16.60 27.70 0.85
CA THR E 30 16.62 26.39 0.22
C THR E 30 15.77 26.35 -1.07
N SER E 31 14.66 27.08 -1.10
CA SER E 31 13.81 27.09 -2.28
C SER E 31 14.58 27.59 -3.50
N TYR E 32 15.39 28.64 -3.34
CA TYR E 32 16.24 29.11 -4.42
C TYR E 32 17.57 28.35 -4.31
N TYR E 33 17.56 27.07 -4.63
CA TYR E 33 18.72 26.19 -4.51
C TYR E 33 20.08 26.74 -4.90
N PRO E 34 20.95 26.94 -3.91
CA PRO E 34 22.34 27.37 -4.09
C PRO E 34 23.24 26.21 -4.47
N SER E 35 24.39 26.53 -5.04
CA SER E 35 25.39 25.54 -5.39
C SER E 35 26.73 26.22 -5.48
N TRP E 36 27.80 25.43 -5.41
CA TRP E 36 29.16 25.97 -5.39
C TRP E 36 30.04 25.15 -6.32
N TYR E 37 30.70 25.84 -7.24
CA TYR E 37 31.57 25.17 -8.20
C TYR E 37 32.95 25.80 -8.18
N GLN E 38 33.96 24.96 -7.93
CA GLN E 38 35.34 25.33 -8.12
C GLN E 38 35.69 25.07 -9.58
N GLN E 39 36.38 26.01 -10.21
CA GLN E 39 36.97 25.78 -11.52
C GLN E 39 38.48 25.83 -11.39
N THR E 40 39.12 24.67 -11.45
CA THR E 40 40.56 24.61 -11.41
C THR E 40 41.10 25.00 -12.77
N PRO E 41 41.97 26.01 -12.85
CA PRO E 41 42.45 26.47 -14.16
C PRO E 41 43.09 25.34 -14.95
N GLY E 42 42.92 25.41 -16.26
CA GLY E 42 43.35 24.34 -17.14
C GLY E 42 42.44 23.12 -17.14
N GLN E 43 41.38 23.13 -16.35
CA GLN E 43 40.46 22.01 -16.26
C GLN E 43 39.03 22.53 -16.18
N THR E 44 38.08 21.61 -16.37
CA THR E 44 36.65 21.95 -16.32
C THR E 44 36.23 22.07 -14.87
N PRO E 45 35.28 22.98 -14.60
CA PRO E 45 34.79 23.20 -13.24
C PRO E 45 34.11 21.98 -12.65
N ARG E 46 34.36 21.73 -11.37
CA ARG E 46 33.74 20.60 -10.69
C ARG E 46 32.93 21.11 -9.51
N THR E 47 31.70 20.60 -9.38
CA THR E 47 30.78 21.02 -8.33
C THR E 47 31.28 20.79 -6.90
N LEU E 48 31.61 21.89 -6.22
CA LEU E 48 32.09 21.81 -4.85
C LEU E 48 31.04 21.27 -3.86
N ILE E 49 29.80 21.74 -3.99
CA ILE E 49 28.71 21.32 -3.12
C ILE E 49 27.38 21.69 -3.79
N TYR E 50 26.27 21.16 -3.30
CA TYR E 50 24.99 21.41 -3.95
C TYR E 50 23.84 21.37 -2.95
N SER E 51 22.80 22.16 -3.21
CA SER E 51 21.65 22.28 -2.34
C SER E 51 22.06 22.50 -0.90
N THR E 52 22.70 23.64 -0.64
CA THR E 52 23.16 24.03 0.69
C THR E 52 24.19 23.09 1.34
N ASN E 53 23.81 22.50 2.46
CA ASN E 53 24.67 21.64 3.27
C ASN E 53 25.25 20.39 2.64
N ILE E 54 24.52 19.72 1.77
CA ILE E 54 25.03 18.47 1.20
C ILE E 54 26.36 18.65 0.49
N ARG E 55 27.27 17.70 0.70
CA ARG E 55 28.60 17.76 0.13
C ARG E 55 28.79 16.69 -0.94
N SER E 56 29.34 17.08 -2.08
CA SER E 56 29.58 16.16 -3.18
C SER E 56 30.58 15.09 -2.77
N SER E 57 30.36 13.87 -3.26
CA SER E 57 31.20 12.72 -2.97
C SER E 57 32.71 13.01 -3.03
N GLY E 58 33.14 13.66 -4.10
CA GLY E 58 34.54 13.98 -4.28
C GLY E 58 35.13 14.95 -3.27
N VAL E 59 34.37 15.97 -2.89
CA VAL E 59 34.81 17.02 -1.98
C VAL E 59 35.16 16.65 -0.53
N PRO E 60 36.18 17.32 0.02
CA PRO E 60 36.72 17.22 1.38
C PRO E 60 35.76 17.87 2.38
N ASP E 61 35.90 17.51 3.65
CA ASP E 61 35.04 18.05 4.71
C ASP E 61 35.64 19.27 5.41
N ARG E 62 36.79 19.73 4.94
CA ARG E 62 37.44 20.89 5.56
C ARG E 62 36.58 22.15 5.43
N PHE E 63 35.92 22.30 4.29
CA PHE E 63 35.05 23.44 4.02
C PHE E 63 33.60 22.96 4.04
N SER E 64 32.76 23.68 4.78
CA SER E 64 31.35 23.34 4.86
C SER E 64 30.52 24.49 4.33
N GLY E 65 29.53 24.17 3.50
CA GLY E 65 28.68 25.19 2.92
C GLY E 65 27.30 25.15 3.54
N SER E 66 26.86 26.31 4.03
CA SER E 66 25.56 26.43 4.66
C SER E 66 24.93 27.78 4.35
N ILE E 67 23.61 27.87 4.53
CA ILE E 67 22.94 29.13 4.30
C ILE E 67 22.93 29.84 5.64
N LEU E 68 23.73 30.89 5.74
CA LEU E 68 23.83 31.67 6.96
C LEU E 68 23.37 33.07 6.65
N GLY E 69 22.44 33.57 7.45
CA GLY E 69 21.91 34.90 7.19
C GLY E 69 20.97 34.91 6.01
N ASN E 70 20.75 36.10 5.47
CA ASN E 70 19.85 36.28 4.34
C ASN E 70 20.31 35.55 3.09
N LYS E 71 21.61 35.58 2.81
CA LYS E 71 22.14 34.93 1.62
C LYS E 71 23.09 33.77 1.94
N ALA E 72 22.84 32.61 1.34
CA ALA E 72 23.63 31.42 1.58
C ALA E 72 25.08 31.56 1.11
N ALA E 73 26.01 31.01 1.89
CA ALA E 73 27.43 31.06 1.55
C ALA E 73 28.19 29.83 2.04
N LEU E 74 29.33 29.56 1.40
CA LEU E 74 30.20 28.44 1.75
C LEU E 74 31.07 28.92 2.90
N THR E 75 31.54 28.01 3.77
CA THR E 75 32.36 28.48 4.89
C THR E 75 33.55 27.55 4.99
N ILE E 76 34.66 27.97 4.40
CA ILE E 76 35.84 27.10 4.33
C ILE E 76 36.59 27.21 5.65
N THR E 77 36.89 26.07 6.25
CA THR E 77 37.53 26.01 7.55
C THR E 77 38.96 25.54 7.43
N GLY E 78 39.90 26.43 7.72
CA GLY E 78 41.31 26.06 7.67
C GLY E 78 41.82 25.78 6.28
N ALA E 79 41.68 26.75 5.37
CA ALA E 79 41.97 26.54 3.96
C ALA E 79 43.43 26.09 3.75
N GLN E 80 43.64 25.30 2.69
CA GLN E 80 44.94 24.75 2.35
C GLN E 80 45.20 24.99 0.86
N ALA E 81 46.43 24.69 0.45
CA ALA E 81 46.91 25.05 -0.87
C ALA E 81 46.02 24.51 -1.99
N ASP E 82 45.51 23.28 -1.83
CA ASP E 82 44.89 22.59 -2.96
C ASP E 82 43.56 23.24 -3.34
N ASP E 83 42.75 23.62 -2.34
CA ASP E 83 41.35 23.93 -2.61
C ASP E 83 41.18 25.25 -3.36
N GLU E 84 42.26 25.96 -3.61
CA GLU E 84 42.15 27.33 -4.09
C GLU E 84 42.17 27.39 -5.62
N CYS E 85 41.16 28.05 -6.17
CA CYS E 85 40.96 28.22 -7.61
C CYS E 85 39.69 29.05 -7.77
N ASP E 86 39.38 29.41 -9.02
CA ASP E 86 38.20 30.22 -9.27
C ASP E 86 36.93 29.50 -8.85
N TYR E 87 36.08 30.22 -8.11
CA TYR E 87 34.80 29.72 -7.64
C TYR E 87 33.69 30.48 -8.34
N TYR E 88 32.54 29.83 -8.45
CA TYR E 88 31.34 30.48 -8.97
C TYR E 88 30.14 30.05 -8.15
N CYS E 89 29.17 30.95 -8.05
CA CYS E 89 27.95 30.73 -7.30
C CYS E 89 26.77 30.66 -8.26
N VAL E 90 25.78 29.82 -7.95
CA VAL E 90 24.61 29.72 -8.80
C VAL E 90 23.41 29.15 -8.06
N LEU E 91 22.28 29.84 -8.18
CA LEU E 91 21.06 29.37 -7.54
C LEU E 91 19.95 29.23 -8.58
N TYR E 92 19.29 28.08 -8.58
CA TYR E 92 18.21 27.78 -9.54
C TYR E 92 16.93 28.56 -9.25
N MET E 93 16.32 29.12 -10.29
CA MET E 93 15.07 29.85 -10.16
C MET E 93 14.18 29.65 -11.38
N GLY E 94 12.89 29.86 -11.19
CA GLY E 94 11.94 29.72 -12.28
C GLY E 94 12.00 28.35 -12.93
N SER E 95 11.95 28.30 -14.25
CA SER E 95 12.01 27.01 -14.93
C SER E 95 13.17 26.95 -15.91
N GLY E 96 14.11 26.07 -15.63
CA GLY E 96 15.27 25.86 -16.48
C GLY E 96 16.24 27.02 -16.63
N ILE E 97 16.25 27.95 -15.68
CA ILE E 97 17.18 29.06 -15.80
C ILE E 97 18.03 29.24 -14.54
N TRP E 98 19.34 29.37 -14.75
CA TRP E 98 20.29 29.54 -13.66
C TRP E 98 21.07 30.82 -13.88
N VAL E 99 21.40 31.50 -12.79
CA VAL E 99 22.17 32.71 -12.89
C VAL E 99 23.48 32.47 -12.14
N PHE E 100 24.60 32.76 -12.77
CA PHE E 100 25.89 32.55 -12.13
C PHE E 100 26.45 33.81 -11.52
N GLY E 101 27.28 33.67 -10.47
CA GLY E 101 27.91 34.82 -9.88
C GLY E 101 29.12 35.30 -10.67
N GLY E 102 29.68 36.41 -10.21
CA GLY E 102 30.80 37.02 -10.92
C GLY E 102 32.08 36.20 -10.83
N GLY E 103 32.21 35.38 -9.79
CA GLY E 103 33.39 34.57 -9.61
C GLY E 103 34.37 35.15 -8.62
N THR E 104 35.07 34.24 -7.93
CA THR E 104 36.03 34.63 -6.91
C THR E 104 37.16 33.61 -6.86
N LYS E 105 38.39 34.11 -6.72
CA LYS E 105 39.53 33.26 -6.42
C LYS E 105 39.94 33.46 -4.95
N LEU E 106 40.88 32.64 -4.49
CA LEU E 106 41.41 32.72 -3.14
C LEU E 106 42.81 32.14 -3.15
N THR E 107 43.69 32.64 -2.27
CA THR E 107 45.12 32.35 -2.38
C THR E 107 45.76 32.11 -1.01
N VAL E 108 46.59 31.07 -0.94
CA VAL E 108 47.41 30.73 0.22
C VAL E 108 48.52 31.76 0.32
N LEU E 109 48.85 32.17 1.54
CA LEU E 109 49.96 33.08 1.79
C LEU E 109 51.06 32.39 2.59
#